data_6Z5X
# 
_entry.id   6Z5X 
# 
_audit_conform.dict_name       mmcif_pdbx.dic 
_audit_conform.dict_version    5.383 
_audit_conform.dict_location   http://mmcif.pdb.org/dictionaries/ascii/mmcif_pdbx.dic 
# 
loop_
_database_2.database_id 
_database_2.database_code 
_database_2.pdbx_database_accession 
_database_2.pdbx_DOI 
PDB   6Z5X         pdb_00006z5x 10.2210/pdb6z5x/pdb 
WWPDB D_1292108977 ?            ?                   
# 
loop_
_pdbx_audit_revision_history.ordinal 
_pdbx_audit_revision_history.data_content_type 
_pdbx_audit_revision_history.major_revision 
_pdbx_audit_revision_history.minor_revision 
_pdbx_audit_revision_history.revision_date 
1 'Structure model' 1 0 2021-04-07 
2 'Structure model' 1 1 2024-01-24 
# 
_pdbx_audit_revision_details.ordinal             1 
_pdbx_audit_revision_details.revision_ordinal    1 
_pdbx_audit_revision_details.data_content_type   'Structure model' 
_pdbx_audit_revision_details.provider            repository 
_pdbx_audit_revision_details.type                'Initial release' 
_pdbx_audit_revision_details.description         ? 
_pdbx_audit_revision_details.details             ? 
# 
loop_
_pdbx_audit_revision_group.ordinal 
_pdbx_audit_revision_group.revision_ordinal 
_pdbx_audit_revision_group.data_content_type 
_pdbx_audit_revision_group.group 
1 2 'Structure model' Advisory                 
2 2 'Structure model' 'Data collection'        
3 2 'Structure model' 'Database references'    
4 2 'Structure model' 'Refinement description' 
# 
loop_
_pdbx_audit_revision_category.ordinal 
_pdbx_audit_revision_category.revision_ordinal 
_pdbx_audit_revision_category.data_content_type 
_pdbx_audit_revision_category.category 
1 2 'Structure model' chem_comp_atom                
2 2 'Structure model' chem_comp_bond                
3 2 'Structure model' database_2                    
4 2 'Structure model' pdbx_initial_refinement_model 
5 2 'Structure model' pdbx_unobs_or_zero_occ_atoms  
# 
loop_
_pdbx_audit_revision_item.ordinal 
_pdbx_audit_revision_item.revision_ordinal 
_pdbx_audit_revision_item.data_content_type 
_pdbx_audit_revision_item.item 
1 2 'Structure model' '_database_2.pdbx_DOI'                
2 2 'Structure model' '_database_2.pdbx_database_accession' 
# 
_pdbx_database_status.status_code                     REL 
_pdbx_database_status.status_code_sf                  REL 
_pdbx_database_status.status_code_mr                  ? 
_pdbx_database_status.entry_id                        6Z5X 
_pdbx_database_status.recvd_initial_deposition_date   2020-05-27 
_pdbx_database_status.SG_entry                        N 
_pdbx_database_status.deposit_site                    PDBE 
_pdbx_database_status.process_site                    PDBE 
_pdbx_database_status.status_code_cs                  ? 
_pdbx_database_status.status_code_nmr_data            ? 
_pdbx_database_status.methods_development_category    ? 
_pdbx_database_status.pdb_format_compatible           Y 
# 
loop_
_pdbx_database_related.db_name 
_pdbx_database_related.details 
_pdbx_database_related.db_id 
_pdbx_database_related.content_type 
PDB '6Z5G is a related protein - calixarene framework.' 6Z5G unspecified 
PDB '6Z5M is a related protein - calixarene framework.' 6Z5M unspecified 
PDB '6Z5P is a related protein - calixarene framework.' 6Z5P unspecified 
PDB '6Z5Q is a related protein - calixarene framework.' 6Z5Q unspecified 
PDB '6Z5W is a related protein - calixarene framework.' 6Z5W unspecified 
PDB '6STH is a related protein - calixarene framework.' 6STH unspecified 
# 
loop_
_audit_author.name 
_audit_author.pdbx_ordinal 
_audit_author.identifier_ORCID 
'Engilberge, S.' 1 0000-0001-8680-6790 
'Ramberg, K.'    2 0000-0002-3991-4809 
'Crowley, P.B.'  3 0000-0002-5365-0096 
# 
_citation.abstract                  ? 
_citation.abstract_id_CAS           ? 
_citation.book_id_ISBN              ? 
_citation.book_publisher            ? 
_citation.book_publisher_city       ? 
_citation.book_title                ? 
_citation.coordinate_linkage        ? 
_citation.country                   US 
_citation.database_id_Medline       ? 
_citation.details                   ? 
_citation.id                        primary 
_citation.journal_abbrev            J.Am.Chem.Soc. 
_citation.journal_id_ASTM           JACSAT 
_citation.journal_id_CSD            ? 
_citation.journal_id_ISSN           1520-5126 
_citation.journal_full              ? 
_citation.journal_issue             ? 
_citation.journal_volume            143 
_citation.language                  ? 
_citation.page_first                1896 
_citation.page_last                 1907 
_citation.title                     'Facile Fabrication of Protein-Macrocycle Frameworks.' 
_citation.year                      2021 
_citation.database_id_CSD           ? 
_citation.pdbx_database_id_DOI      10.1021/jacs.0c10697 
_citation.pdbx_database_id_PubMed   33470808 
_citation.unpublished_flag          ? 
# 
loop_
_citation_author.citation_id 
_citation_author.name 
_citation_author.ordinal 
_citation_author.identifier_ORCID 
primary 'Ramberg, K.O.'  1 ?                   
primary 'Engilberge, S.' 2 ?                   
primary 'Skorek, T.'     3 ?                   
primary 'Crowley, P.B.'  4 0000-0002-5365-0096 
# 
loop_
_entity.id 
_entity.type 
_entity.src_method 
_entity.pdbx_description 
_entity.formula_weight 
_entity.pdbx_number_of_molecules 
_entity.pdbx_ec 
_entity.pdbx_mutation 
_entity.pdbx_fragment 
_entity.details 
1 polymer     man 'Fucose-binding lectin protein' 9733.562 1   ? ? ? ? 
2 non-polymer syn 'sulfonato-calix[8]arene'       1489.481 1   ? ? ? ? 
3 non-polymer syn 'SULFATE ION'                   96.063   1   ? ? ? ? 
4 non-polymer man beta-D-fructopyranose           180.156  2   ? ? ? ? 
5 non-polymer syn 'SODIUM ION'                    22.990   1   ? ? ? ? 
6 water       nat water                           18.015   117 ? ? ? ? 
# 
_entity_name_com.entity_id   1 
_entity_name_com.name        'Putative fucose-binding lectin protein' 
# 
_entity_poly.entity_id                      1 
_entity_poly.type                           'polypeptide(L)' 
_entity_poly.nstd_linkage                   no 
_entity_poly.nstd_monomer                   no 
_entity_poly.pdbx_seq_one_letter_code       
;SSVQTAATSWGTVPSIRVYTANNGKITERCWDGKGWYTGAFNEPGDNVSVTSWLVGSAIHIRVYASTGTTTTEWCWDGNG
WTKGAYTATN
;
_entity_poly.pdbx_seq_one_letter_code_can   
;SSVQTAATSWGTVPSIRVYTANNGKITERCWDGKGWYTGAFNEPGDNVSVTSWLVGSAIHIRVYASTGTTTTEWCWDGNG
WTKGAYTATN
;
_entity_poly.pdbx_strand_id                 A 
_entity_poly.pdbx_target_identifier         ? 
# 
loop_
_pdbx_entity_nonpoly.entity_id 
_pdbx_entity_nonpoly.name 
_pdbx_entity_nonpoly.comp_id 
2 'sulfonato-calix[8]arene' EVB 
3 'SULFATE ION'             SO4 
4 beta-D-fructopyranose     BDF 
5 'SODIUM ION'              NA  
6 water                     HOH 
# 
loop_
_entity_poly_seq.entity_id 
_entity_poly_seq.num 
_entity_poly_seq.mon_id 
_entity_poly_seq.hetero 
1 1  SER n 
1 2  SER n 
1 3  VAL n 
1 4  GLN n 
1 5  THR n 
1 6  ALA n 
1 7  ALA n 
1 8  THR n 
1 9  SER n 
1 10 TRP n 
1 11 GLY n 
1 12 THR n 
1 13 VAL n 
1 14 PRO n 
1 15 SER n 
1 16 ILE n 
1 17 ARG n 
1 18 VAL n 
1 19 TYR n 
1 20 THR n 
1 21 ALA n 
1 22 ASN n 
1 23 ASN n 
1 24 GLY n 
1 25 LYS n 
1 26 ILE n 
1 27 THR n 
1 28 GLU n 
1 29 ARG n 
1 30 CYS n 
1 31 TRP n 
1 32 ASP n 
1 33 GLY n 
1 34 LYS n 
1 35 GLY n 
1 36 TRP n 
1 37 TYR n 
1 38 THR n 
1 39 GLY n 
1 40 ALA n 
1 41 PHE n 
1 42 ASN n 
1 43 GLU n 
1 44 PRO n 
1 45 GLY n 
1 46 ASP n 
1 47 ASN n 
1 48 VAL n 
1 49 SER n 
1 50 VAL n 
1 51 THR n 
1 52 SER n 
1 53 TRP n 
1 54 LEU n 
1 55 VAL n 
1 56 GLY n 
1 57 SER n 
1 58 ALA n 
1 59 ILE n 
1 60 HIS n 
1 61 ILE n 
1 62 ARG n 
1 63 VAL n 
1 64 TYR n 
1 65 ALA n 
1 66 SER n 
1 67 THR n 
1 68 GLY n 
1 69 THR n 
1 70 THR n 
1 71 THR n 
1 72 THR n 
1 73 GLU n 
1 74 TRP n 
1 75 CYS n 
1 76 TRP n 
1 77 ASP n 
1 78 GLY n 
1 79 ASN n 
1 80 GLY n 
1 81 TRP n 
1 82 THR n 
1 83 LYS n 
1 84 GLY n 
1 85 ALA n 
1 86 TYR n 
1 87 THR n 
1 88 ALA n 
1 89 THR n 
1 90 ASN n 
# 
_entity_src_gen.entity_id                          1 
_entity_src_gen.pdbx_src_id                        1 
_entity_src_gen.pdbx_alt_source_flag               sample 
_entity_src_gen.pdbx_seq_type                      'Biological sequence' 
_entity_src_gen.pdbx_beg_seq_num                   1 
_entity_src_gen.pdbx_end_seq_num                   90 
_entity_src_gen.gene_src_common_name               ? 
_entity_src_gen.gene_src_genus                     ? 
_entity_src_gen.pdbx_gene_src_gene                 'E7Z57_08365, RSP795_21825, RSP822_19650, RUN39_v1_50103' 
_entity_src_gen.gene_src_species                   ? 
_entity_src_gen.gene_src_strain                    ? 
_entity_src_gen.gene_src_tissue                    ? 
_entity_src_gen.gene_src_tissue_fraction           ? 
_entity_src_gen.gene_src_details                   ? 
_entity_src_gen.pdbx_gene_src_fragment             ? 
_entity_src_gen.pdbx_gene_src_scientific_name      'Ralstonia solanacearum' 
_entity_src_gen.pdbx_gene_src_ncbi_taxonomy_id     305 
_entity_src_gen.pdbx_gene_src_variant              ? 
_entity_src_gen.pdbx_gene_src_cell_line            ? 
_entity_src_gen.pdbx_gene_src_atcc                 ? 
_entity_src_gen.pdbx_gene_src_organ                ? 
_entity_src_gen.pdbx_gene_src_organelle            ? 
_entity_src_gen.pdbx_gene_src_cell                 ? 
_entity_src_gen.pdbx_gene_src_cellular_location    ? 
_entity_src_gen.host_org_common_name               ? 
_entity_src_gen.pdbx_host_org_scientific_name      'Escherichia coli' 
_entity_src_gen.pdbx_host_org_ncbi_taxonomy_id     562 
_entity_src_gen.host_org_genus                     ? 
_entity_src_gen.pdbx_host_org_gene                 ? 
_entity_src_gen.pdbx_host_org_organ                ? 
_entity_src_gen.host_org_species                   ? 
_entity_src_gen.pdbx_host_org_tissue               ? 
_entity_src_gen.pdbx_host_org_tissue_fraction      ? 
_entity_src_gen.pdbx_host_org_strain               ? 
_entity_src_gen.pdbx_host_org_variant              ? 
_entity_src_gen.pdbx_host_org_cell_line            ? 
_entity_src_gen.pdbx_host_org_atcc                 ? 
_entity_src_gen.pdbx_host_org_culture_collection   ? 
_entity_src_gen.pdbx_host_org_cell                 ? 
_entity_src_gen.pdbx_host_org_organelle            ? 
_entity_src_gen.pdbx_host_org_cellular_location    ? 
_entity_src_gen.pdbx_host_org_vector_type          ? 
_entity_src_gen.pdbx_host_org_vector               ? 
_entity_src_gen.host_org_details                   ? 
_entity_src_gen.expression_system_id               ? 
_entity_src_gen.plasmid_name                       ? 
_entity_src_gen.plasmid_details                    ? 
_entity_src_gen.pdbx_description                   ? 
# 
loop_
_chem_comp.id 
_chem_comp.type 
_chem_comp.mon_nstd_flag 
_chem_comp.name 
_chem_comp.pdbx_synonyms 
_chem_comp.formula 
_chem_comp.formula_weight 
ALA 'L-peptide linking'          y ALANINE                   ?                                       'C3 H7 N O2'     89.093   
ARG 'L-peptide linking'          y ARGININE                  ?                                       'C6 H15 N4 O2 1' 175.209  
ASN 'L-peptide linking'          y ASPARAGINE                ?                                       'C4 H8 N2 O3'    132.118  
ASP 'L-peptide linking'          y 'ASPARTIC ACID'           ?                                       'C4 H7 N O4'     133.103  
BDF 'D-saccharide, beta linking' . beta-D-fructopyranose     'beta-D-fructose; D-fructose; fructose' 'C6 H12 O6'      180.156  
CYS 'L-peptide linking'          y CYSTEINE                  ?                                       'C3 H7 N O2 S'   121.158  
EVB non-polymer                  . 'sulfonato-calix[8]arene' ?                                       'C56 H48 O32 S8' 1489.481 
GLN 'L-peptide linking'          y GLUTAMINE                 ?                                       'C5 H10 N2 O3'   146.144  
GLU 'L-peptide linking'          y 'GLUTAMIC ACID'           ?                                       'C5 H9 N O4'     147.129  
GLY 'peptide linking'            y GLYCINE                   ?                                       'C2 H5 N O2'     75.067   
HIS 'L-peptide linking'          y HISTIDINE                 ?                                       'C6 H10 N3 O2 1' 156.162  
HOH non-polymer                  . WATER                     ?                                       'H2 O'           18.015   
ILE 'L-peptide linking'          y ISOLEUCINE                ?                                       'C6 H13 N O2'    131.173  
LEU 'L-peptide linking'          y LEUCINE                   ?                                       'C6 H13 N O2'    131.173  
LYS 'L-peptide linking'          y LYSINE                    ?                                       'C6 H15 N2 O2 1' 147.195  
NA  non-polymer                  . 'SODIUM ION'              ?                                       'Na 1'           22.990   
PHE 'L-peptide linking'          y PHENYLALANINE             ?                                       'C9 H11 N O2'    165.189  
PRO 'L-peptide linking'          y PROLINE                   ?                                       'C5 H9 N O2'     115.130  
SER 'L-peptide linking'          y SERINE                    ?                                       'C3 H7 N O3'     105.093  
SO4 non-polymer                  . 'SULFATE ION'             ?                                       'O4 S -2'        96.063   
THR 'L-peptide linking'          y THREONINE                 ?                                       'C4 H9 N O3'     119.119  
TRP 'L-peptide linking'          y TRYPTOPHAN                ?                                       'C11 H12 N2 O2'  204.225  
TYR 'L-peptide linking'          y TYROSINE                  ?                                       'C9 H11 N O3'    181.189  
VAL 'L-peptide linking'          y VALINE                    ?                                       'C5 H11 N O2'    117.146  
# 
loop_
_pdbx_chem_comp_identifier.comp_id 
_pdbx_chem_comp_identifier.type 
_pdbx_chem_comp_identifier.program 
_pdbx_chem_comp_identifier.program_version 
_pdbx_chem_comp_identifier.identifier 
BDF 'CONDENSED IUPAC CARBOHYDRATE SYMBOL' GMML     1.0 DFrupb             
BDF 'COMMON NAME'                         GMML     1.0 b-D-fructopyranose 
BDF 'IUPAC CARBOHYDRATE SYMBOL'           PDB-CARE 1.0 b-D-Frup           
BDF 'SNFG CARBOHYDRATE SYMBOL'            GMML     1.0 Fru                
# 
loop_
_pdbx_poly_seq_scheme.asym_id 
_pdbx_poly_seq_scheme.entity_id 
_pdbx_poly_seq_scheme.seq_id 
_pdbx_poly_seq_scheme.mon_id 
_pdbx_poly_seq_scheme.ndb_seq_num 
_pdbx_poly_seq_scheme.pdb_seq_num 
_pdbx_poly_seq_scheme.auth_seq_num 
_pdbx_poly_seq_scheme.pdb_mon_id 
_pdbx_poly_seq_scheme.auth_mon_id 
_pdbx_poly_seq_scheme.pdb_strand_id 
_pdbx_poly_seq_scheme.pdb_ins_code 
_pdbx_poly_seq_scheme.hetero 
A 1 1  SER 1  1  ?  ?   ?   A . n 
A 1 2  SER 2  2  2  SER SER A . n 
A 1 3  VAL 3  3  3  VAL VAL A . n 
A 1 4  GLN 4  4  4  GLN GLN A . n 
A 1 5  THR 5  5  5  THR THR A . n 
A 1 6  ALA 6  6  6  ALA ALA A . n 
A 1 7  ALA 7  7  7  ALA ALA A . n 
A 1 8  THR 8  8  8  THR THR A . n 
A 1 9  SER 9  9  9  SER SER A . n 
A 1 10 TRP 10 10 10 TRP TRP A . n 
A 1 11 GLY 11 11 11 GLY GLY A . n 
A 1 12 THR 12 12 12 THR THR A . n 
A 1 13 VAL 13 13 13 VAL VAL A . n 
A 1 14 PRO 14 14 14 PRO PRO A . n 
A 1 15 SER 15 15 15 SER SER A . n 
A 1 16 ILE 16 16 16 ILE ILE A . n 
A 1 17 ARG 17 17 17 ARG ARG A . n 
A 1 18 VAL 18 18 18 VAL VAL A . n 
A 1 19 TYR 19 19 19 TYR TYR A . n 
A 1 20 THR 20 20 20 THR THR A . n 
A 1 21 ALA 21 21 21 ALA ALA A . n 
A 1 22 ASN 22 22 22 ASN ASN A . n 
A 1 23 ASN 23 23 23 ASN ASN A . n 
A 1 24 GLY 24 24 24 GLY GLY A . n 
A 1 25 LYS 25 25 25 LYS LYS A . n 
A 1 26 ILE 26 26 26 ILE ILE A . n 
A 1 27 THR 27 27 27 THR THR A . n 
A 1 28 GLU 28 28 28 GLU GLU A . n 
A 1 29 ARG 29 29 29 ARG ARG A . n 
A 1 30 CYS 30 30 30 CYS CYS A . n 
A 1 31 TRP 31 31 31 TRP TRP A . n 
A 1 32 ASP 32 32 32 ASP ASP A . n 
A 1 33 GLY 33 33 33 GLY GLY A . n 
A 1 34 LYS 34 34 34 LYS LYS A . n 
A 1 35 GLY 35 35 35 GLY GLY A . n 
A 1 36 TRP 36 36 36 TRP TRP A . n 
A 1 37 TYR 37 37 37 TYR TYR A . n 
A 1 38 THR 38 38 38 THR THR A . n 
A 1 39 GLY 39 39 39 GLY GLY A . n 
A 1 40 ALA 40 40 40 ALA ALA A . n 
A 1 41 PHE 41 41 41 PHE PHE A . n 
A 1 42 ASN 42 42 42 ASN ASN A . n 
A 1 43 GLU 43 43 43 GLU GLU A . n 
A 1 44 PRO 44 44 44 PRO PRO A . n 
A 1 45 GLY 45 45 45 GLY GLY A . n 
A 1 46 ASP 46 46 46 ASP ASP A . n 
A 1 47 ASN 47 47 47 ASN ASN A . n 
A 1 48 VAL 48 48 48 VAL VAL A . n 
A 1 49 SER 49 49 49 SER SER A . n 
A 1 50 VAL 50 50 50 VAL VAL A . n 
A 1 51 THR 51 51 51 THR THR A . n 
A 1 52 SER 52 52 52 SER SER A . n 
A 1 53 TRP 53 53 53 TRP TRP A . n 
A 1 54 LEU 54 54 54 LEU LEU A . n 
A 1 55 VAL 55 55 55 VAL VAL A . n 
A 1 56 GLY 56 56 56 GLY GLY A . n 
A 1 57 SER 57 57 57 SER SER A . n 
A 1 58 ALA 58 58 58 ALA ALA A . n 
A 1 59 ILE 59 59 59 ILE ILE A . n 
A 1 60 HIS 60 60 60 HIS HIS A . n 
A 1 61 ILE 61 61 61 ILE ILE A . n 
A 1 62 ARG 62 62 62 ARG ARG A . n 
A 1 63 VAL 63 63 63 VAL VAL A . n 
A 1 64 TYR 64 64 64 TYR TYR A . n 
A 1 65 ALA 65 65 65 ALA ALA A . n 
A 1 66 SER 66 66 66 SER SER A . n 
A 1 67 THR 67 67 67 THR THR A . n 
A 1 68 GLY 68 68 68 GLY GLY A . n 
A 1 69 THR 69 69 69 THR THR A . n 
A 1 70 THR 70 70 70 THR THR A . n 
A 1 71 THR 71 71 71 THR THR A . n 
A 1 72 THR 72 72 72 THR THR A . n 
A 1 73 GLU 73 73 73 GLU GLU A . n 
A 1 74 TRP 74 74 74 TRP TRP A . n 
A 1 75 CYS 75 75 75 CYS CYS A . n 
A 1 76 TRP 76 76 76 TRP TRP A . n 
A 1 77 ASP 77 77 77 ASP ASP A . n 
A 1 78 GLY 78 78 78 GLY GLY A . n 
A 1 79 ASN 79 79 79 ASN ASN A . n 
A 1 80 GLY 80 80 80 GLY GLY A . n 
A 1 81 TRP 81 81 81 TRP TRP A . n 
A 1 82 THR 82 82 82 THR THR A . n 
A 1 83 LYS 83 83 83 LYS LYS A . n 
A 1 84 GLY 84 84 84 GLY GLY A . n 
A 1 85 ALA 85 85 85 ALA ALA A . n 
A 1 86 TYR 86 86 86 TYR TYR A . n 
A 1 87 THR 87 87 87 THR THR A . n 
A 1 88 ALA 88 88 88 ALA ALA A . n 
A 1 89 THR 89 89 89 THR THR A . n 
A 1 90 ASN 90 90 ?  ?   ?   A . n 
# 
loop_
_pdbx_nonpoly_scheme.asym_id 
_pdbx_nonpoly_scheme.entity_id 
_pdbx_nonpoly_scheme.mon_id 
_pdbx_nonpoly_scheme.ndb_seq_num 
_pdbx_nonpoly_scheme.pdb_seq_num 
_pdbx_nonpoly_scheme.auth_seq_num 
_pdbx_nonpoly_scheme.pdb_mon_id 
_pdbx_nonpoly_scheme.auth_mon_id 
_pdbx_nonpoly_scheme.pdb_strand_id 
_pdbx_nonpoly_scheme.pdb_ins_code 
B 2 EVB 1   101 203 EVB EVB A . 
C 3 SO4 1   102 1   SO4 SO4 A . 
D 4 BDF 1   103 1   BDF BDF A . 
E 4 BDF 1   104 2   BDF BDF A . 
F 5 NA  1   105 1   NA  NA  A . 
G 6 HOH 1   201 44  HOH HOH A . 
G 6 HOH 2   202 30  HOH HOH A . 
G 6 HOH 3   203 26  HOH HOH A . 
G 6 HOH 4   204 101 HOH HOH A . 
G 6 HOH 5   205 4   HOH HOH A . 
G 6 HOH 6   206 20  HOH HOH A . 
G 6 HOH 7   207 35  HOH HOH A . 
G 6 HOH 8   208 45  HOH HOH A . 
G 6 HOH 9   209 9   HOH HOH A . 
G 6 HOH 10  210 93  HOH HOH A . 
G 6 HOH 11  211 6   HOH HOH A . 
G 6 HOH 12  212 3   HOH HOH A . 
G 6 HOH 13  213 86  HOH HOH A . 
G 6 HOH 14  214 38  HOH HOH A . 
G 6 HOH 15  215 74  HOH HOH A . 
G 6 HOH 16  216 11  HOH HOH A . 
G 6 HOH 17  217 34  HOH HOH A . 
G 6 HOH 18  218 80  HOH HOH A . 
G 6 HOH 19  219 17  HOH HOH A . 
G 6 HOH 20  220 5   HOH HOH A . 
G 6 HOH 21  221 36  HOH HOH A . 
G 6 HOH 22  222 29  HOH HOH A . 
G 6 HOH 23  223 23  HOH HOH A . 
G 6 HOH 24  224 54  HOH HOH A . 
G 6 HOH 25  225 22  HOH HOH A . 
G 6 HOH 26  226 49  HOH HOH A . 
G 6 HOH 27  227 71  HOH HOH A . 
G 6 HOH 28  228 33  HOH HOH A . 
G 6 HOH 29  229 15  HOH HOH A . 
G 6 HOH 30  230 8   HOH HOH A . 
G 6 HOH 31  231 43  HOH HOH A . 
G 6 HOH 32  232 55  HOH HOH A . 
G 6 HOH 33  233 59  HOH HOH A . 
G 6 HOH 34  234 28  HOH HOH A . 
G 6 HOH 35  235 32  HOH HOH A . 
G 6 HOH 36  236 13  HOH HOH A . 
G 6 HOH 37  237 84  HOH HOH A . 
G 6 HOH 38  238 2   HOH HOH A . 
G 6 HOH 39  239 98  HOH HOH A . 
G 6 HOH 40  240 60  HOH HOH A . 
G 6 HOH 41  241 14  HOH HOH A . 
G 6 HOH 42  242 24  HOH HOH A . 
G 6 HOH 43  243 77  HOH HOH A . 
G 6 HOH 44  244 110 HOH HOH A . 
G 6 HOH 45  245 7   HOH HOH A . 
G 6 HOH 46  246 12  HOH HOH A . 
G 6 HOH 47  247 61  HOH HOH A . 
G 6 HOH 48  248 107 HOH HOH A . 
G 6 HOH 49  249 41  HOH HOH A . 
G 6 HOH 50  250 16  HOH HOH A . 
G 6 HOH 51  251 31  HOH HOH A . 
G 6 HOH 52  252 106 HOH HOH A . 
G 6 HOH 53  253 90  HOH HOH A . 
G 6 HOH 54  254 19  HOH HOH A . 
G 6 HOH 55  255 117 HOH HOH A . 
G 6 HOH 56  256 25  HOH HOH A . 
G 6 HOH 57  257 21  HOH HOH A . 
G 6 HOH 58  258 103 HOH HOH A . 
G 6 HOH 59  259 125 HOH HOH A . 
G 6 HOH 60  260 105 HOH HOH A . 
G 6 HOH 61  261 50  HOH HOH A . 
G 6 HOH 62  262 48  HOH HOH A . 
G 6 HOH 63  263 53  HOH HOH A . 
G 6 HOH 64  264 81  HOH HOH A . 
G 6 HOH 65  265 65  HOH HOH A . 
G 6 HOH 66  266 27  HOH HOH A . 
G 6 HOH 67  267 39  HOH HOH A . 
G 6 HOH 68  268 121 HOH HOH A . 
G 6 HOH 69  269 72  HOH HOH A . 
G 6 HOH 70  270 51  HOH HOH A . 
G 6 HOH 71  271 132 HOH HOH A . 
G 6 HOH 72  272 83  HOH HOH A . 
G 6 HOH 73  273 78  HOH HOH A . 
G 6 HOH 74  274 73  HOH HOH A . 
G 6 HOH 75  275 75  HOH HOH A . 
G 6 HOH 76  276 52  HOH HOH A . 
G 6 HOH 77  277 10  HOH HOH A . 
G 6 HOH 78  278 37  HOH HOH A . 
G 6 HOH 79  279 118 HOH HOH A . 
G 6 HOH 80  280 82  HOH HOH A . 
G 6 HOH 81  281 128 HOH HOH A . 
G 6 HOH 82  282 104 HOH HOH A . 
G 6 HOH 83  283 112 HOH HOH A . 
G 6 HOH 84  284 109 HOH HOH A . 
G 6 HOH 85  285 113 HOH HOH A . 
G 6 HOH 86  286 100 HOH HOH A . 
G 6 HOH 87  287 64  HOH HOH A . 
G 6 HOH 88  288 56  HOH HOH A . 
G 6 HOH 89  289 131 HOH HOH A . 
G 6 HOH 90  290 69  HOH HOH A . 
G 6 HOH 91  291 137 HOH HOH A . 
G 6 HOH 92  292 111 HOH HOH A . 
G 6 HOH 93  293 130 HOH HOH A . 
G 6 HOH 94  294 120 HOH HOH A . 
G 6 HOH 95  295 114 HOH HOH A . 
G 6 HOH 96  296 115 HOH HOH A . 
G 6 HOH 97  297 134 HOH HOH A . 
G 6 HOH 98  298 124 HOH HOH A . 
G 6 HOH 99  299 42  HOH HOH A . 
G 6 HOH 100 300 46  HOH HOH A . 
G 6 HOH 101 301 133 HOH HOH A . 
G 6 HOH 102 302 99  HOH HOH A . 
G 6 HOH 103 303 76  HOH HOH A . 
G 6 HOH 104 304 116 HOH HOH A . 
G 6 HOH 105 305 127 HOH HOH A . 
G 6 HOH 106 306 18  HOH HOH A . 
G 6 HOH 107 307 108 HOH HOH A . 
G 6 HOH 108 308 129 HOH HOH A . 
G 6 HOH 109 309 66  HOH HOH A . 
G 6 HOH 110 310 47  HOH HOH A . 
G 6 HOH 111 311 70  HOH HOH A . 
G 6 HOH 112 312 79  HOH HOH A . 
G 6 HOH 113 313 135 HOH HOH A . 
G 6 HOH 114 314 40  HOH HOH A . 
G 6 HOH 115 315 58  HOH HOH A . 
G 6 HOH 116 316 62  HOH HOH A . 
G 6 HOH 117 317 136 HOH HOH A . 
# 
loop_
_pdbx_unobs_or_zero_occ_atoms.id 
_pdbx_unobs_or_zero_occ_atoms.PDB_model_num 
_pdbx_unobs_or_zero_occ_atoms.polymer_flag 
_pdbx_unobs_or_zero_occ_atoms.occupancy_flag 
_pdbx_unobs_or_zero_occ_atoms.auth_asym_id 
_pdbx_unobs_or_zero_occ_atoms.auth_comp_id 
_pdbx_unobs_or_zero_occ_atoms.auth_seq_id 
_pdbx_unobs_or_zero_occ_atoms.PDB_ins_code 
_pdbx_unobs_or_zero_occ_atoms.auth_atom_id 
_pdbx_unobs_or_zero_occ_atoms.label_alt_id 
_pdbx_unobs_or_zero_occ_atoms.label_asym_id 
_pdbx_unobs_or_zero_occ_atoms.label_comp_id 
_pdbx_unobs_or_zero_occ_atoms.label_seq_id 
_pdbx_unobs_or_zero_occ_atoms.label_atom_id 
1 1 Y 0 A THR 89 ? CA  ? A THR 89 CA  
2 1 Y 0 A THR 89 ? C   ? A THR 89 C   
3 1 Y 0 A THR 89 ? O   ? A THR 89 O   
4 1 Y 0 A THR 89 ? CB  ? A THR 89 CB  
5 1 Y 0 A THR 89 ? OG1 ? A THR 89 OG1 
6 1 Y 0 A THR 89 ? CG2 ? A THR 89 CG2 
# 
loop_
_software.citation_id 
_software.classification 
_software.compiler_name 
_software.compiler_version 
_software.contact_author 
_software.contact_author_email 
_software.date 
_software.description 
_software.dependencies 
_software.hardware 
_software.language 
_software.location 
_software.mods 
_software.name 
_software.os 
_software.os_version 
_software.type 
_software.version 
_software.pdbx_ordinal 
? refinement        ? ? ? ? ? ? ? ? ? ? ? PHENIX      ? ? ? 1.10.1_2155 1 
? 'data extraction' ? ? ? ? ? ? ? ? ? ? ? PDB_EXTRACT ? ? ? 3.25        2 
? 'data reduction'  ? ? ? ? ? ? ? ? ? ? ? XDS         ? ? ? .           3 
? 'data scaling'    ? ? ? ? ? ? ? ? ? ? ? Aimless     ? ? ? .           4 
? phasing           ? ? ? ? ? ? ? ? ? ? ? PHASER      ? ? ? .           5 
# 
_cell.angle_alpha                  90.000 
_cell.angle_alpha_esd              ? 
_cell.angle_beta                   90.000 
_cell.angle_beta_esd               ? 
_cell.angle_gamma                  90.000 
_cell.angle_gamma_esd              ? 
_cell.entry_id                     6Z5X 
_cell.details                      ? 
_cell.formula_units_Z              ? 
_cell.length_a                     64.056 
_cell.length_a_esd                 ? 
_cell.length_b                     64.056 
_cell.length_b_esd                 ? 
_cell.length_c                     64.056 
_cell.length_c_esd                 ? 
_cell.volume                       ? 
_cell.volume_esd                   ? 
_cell.Z_PDB                        12 
_cell.reciprocal_angle_alpha       ? 
_cell.reciprocal_angle_beta        ? 
_cell.reciprocal_angle_gamma       ? 
_cell.reciprocal_angle_alpha_esd   ? 
_cell.reciprocal_angle_beta_esd    ? 
_cell.reciprocal_angle_gamma_esd   ? 
_cell.reciprocal_length_a          ? 
_cell.reciprocal_length_b          ? 
_cell.reciprocal_length_c          ? 
_cell.reciprocal_length_a_esd      ? 
_cell.reciprocal_length_b_esd      ? 
_cell.reciprocal_length_c_esd      ? 
_cell.pdbx_unique_axis             ? 
# 
_symmetry.entry_id                         6Z5X 
_symmetry.cell_setting                     ? 
_symmetry.Int_Tables_number                198 
_symmetry.space_group_name_Hall            ? 
_symmetry.space_group_name_H-M             'P 21 3' 
_symmetry.pdbx_full_space_group_name_H-M   ? 
# 
_exptl.absorpt_coefficient_mu     ? 
_exptl.absorpt_correction_T_max   ? 
_exptl.absorpt_correction_T_min   ? 
_exptl.absorpt_correction_type    ? 
_exptl.absorpt_process_details    ? 
_exptl.entry_id                   6Z5X 
_exptl.crystals_number            1 
_exptl.details                    ? 
_exptl.method                     'X-RAY DIFFRACTION' 
_exptl.method_details             ? 
# 
_exptl_crystal.colour                      ? 
_exptl_crystal.density_diffrn              ? 
_exptl_crystal.density_Matthews            2.25 
_exptl_crystal.density_method              ? 
_exptl_crystal.density_percent_sol         34.8 
_exptl_crystal.description                 ? 
_exptl_crystal.F_000                       ? 
_exptl_crystal.id                          1 
_exptl_crystal.preparation                 ? 
_exptl_crystal.size_max                    ? 
_exptl_crystal.size_mid                    ? 
_exptl_crystal.size_min                    ? 
_exptl_crystal.size_rad                    ? 
_exptl_crystal.colour_lustre               ? 
_exptl_crystal.colour_modifier             ? 
_exptl_crystal.colour_primary              ? 
_exptl_crystal.density_meas                ? 
_exptl_crystal.density_meas_esd            ? 
_exptl_crystal.density_meas_gt             ? 
_exptl_crystal.density_meas_lt             ? 
_exptl_crystal.density_meas_temp           ? 
_exptl_crystal.density_meas_temp_esd       ? 
_exptl_crystal.density_meas_temp_gt        ? 
_exptl_crystal.density_meas_temp_lt        ? 
_exptl_crystal.pdbx_crystal_image_url      ? 
_exptl_crystal.pdbx_crystal_image_format   ? 
_exptl_crystal.pdbx_mosaicity              ? 
_exptl_crystal.pdbx_mosaicity_esd          ? 
# 
_exptl_crystal_grow.apparatus       ? 
_exptl_crystal_grow.atmosphere      ? 
_exptl_crystal_grow.crystal_id      1 
_exptl_crystal_grow.details         ? 
_exptl_crystal_grow.method          'VAPOR DIFFUSION, HANGING DROP' 
_exptl_crystal_grow.method_ref      ? 
_exptl_crystal_grow.pH              ? 
_exptl_crystal_grow.pressure        ? 
_exptl_crystal_grow.pressure_esd    ? 
_exptl_crystal_grow.seeding         ? 
_exptl_crystal_grow.seeding_ref     ? 
_exptl_crystal_grow.temp            293.15 
_exptl_crystal_grow.temp_details    ? 
_exptl_crystal_grow.temp_esd        ? 
_exptl_crystal_grow.time            ? 
_exptl_crystal_grow.pdbx_details    '0.1 M Sodium acetate pH 4.8, 2 M Ammonium sulfate, 0.064 M sulfonato-calix[8]arene' 
_exptl_crystal_grow.pdbx_pH_range   ? 
# 
_diffrn.ambient_environment              ? 
_diffrn.ambient_temp                     100 
_diffrn.ambient_temp_details             ? 
_diffrn.ambient_temp_esd                 ? 
_diffrn.crystal_id                       1 
_diffrn.crystal_support                  ? 
_diffrn.crystal_treatment                ? 
_diffrn.details                          ? 
_diffrn.id                               1 
_diffrn.ambient_pressure                 ? 
_diffrn.ambient_pressure_esd             ? 
_diffrn.ambient_pressure_gt              ? 
_diffrn.ambient_pressure_lt              ? 
_diffrn.ambient_temp_gt                  ? 
_diffrn.ambient_temp_lt                  ? 
_diffrn.pdbx_serial_crystal_experiment   N 
# 
_diffrn_detector.details                      ? 
_diffrn_detector.detector                     PIXEL 
_diffrn_detector.diffrn_id                    1 
_diffrn_detector.type                         'DECTRIS EIGER X 9M' 
_diffrn_detector.area_resol_mean              ? 
_diffrn_detector.dtime                        ? 
_diffrn_detector.pdbx_frames_total            ? 
_diffrn_detector.pdbx_collection_time_total   ? 
_diffrn_detector.pdbx_collection_date         2018-09-21 
_diffrn_detector.pdbx_frequency               ? 
# 
_diffrn_radiation.collimation                      ? 
_diffrn_radiation.diffrn_id                        1 
_diffrn_radiation.filter_edge                      ? 
_diffrn_radiation.inhomogeneity                    ? 
_diffrn_radiation.monochromator                    ? 
_diffrn_radiation.polarisn_norm                    ? 
_diffrn_radiation.polarisn_ratio                   ? 
_diffrn_radiation.probe                            ? 
_diffrn_radiation.type                             ? 
_diffrn_radiation.xray_symbol                      ? 
_diffrn_radiation.wavelength_id                    1 
_diffrn_radiation.pdbx_monochromatic_or_laue_m_l   M 
_diffrn_radiation.pdbx_wavelength_list             ? 
_diffrn_radiation.pdbx_wavelength                  ? 
_diffrn_radiation.pdbx_diffrn_protocol             'SINGLE WAVELENGTH' 
_diffrn_radiation.pdbx_analyzer                    ? 
_diffrn_radiation.pdbx_scattering_type             x-ray 
# 
_diffrn_radiation_wavelength.id           1 
_diffrn_radiation_wavelength.wavelength   0.98 
_diffrn_radiation_wavelength.wt           1.0 
# 
_diffrn_source.current                     ? 
_diffrn_source.details                     ? 
_diffrn_source.diffrn_id                   1 
_diffrn_source.power                       ? 
_diffrn_source.size                        ? 
_diffrn_source.source                      SYNCHROTRON 
_diffrn_source.target                      ? 
_diffrn_source.type                        'SOLEIL BEAMLINE PROXIMA 2' 
_diffrn_source.voltage                     ? 
_diffrn_source.take-off_angle              ? 
_diffrn_source.pdbx_wavelength_list        0.98 
_diffrn_source.pdbx_wavelength             ? 
_diffrn_source.pdbx_synchrotron_beamline   'PROXIMA 2' 
_diffrn_source.pdbx_synchrotron_site       SOLEIL 
# 
_reflns.B_iso_Wilson_estimate            ? 
_reflns.entry_id                         6Z5X 
_reflns.data_reduction_details           ? 
_reflns.data_reduction_method            ? 
_reflns.d_resolution_high                1.14 
_reflns.d_resolution_low                 45.294 
_reflns.details                          ? 
_reflns.limit_h_max                      ? 
_reflns.limit_h_min                      ? 
_reflns.limit_k_max                      ? 
_reflns.limit_k_min                      ? 
_reflns.limit_l_max                      ? 
_reflns.limit_l_min                      ? 
_reflns.number_all                       ? 
_reflns.number_obs                       31827 
_reflns.observed_criterion               ? 
_reflns.observed_criterion_F_max         ? 
_reflns.observed_criterion_F_min         ? 
_reflns.observed_criterion_I_max         ? 
_reflns.observed_criterion_I_min         ? 
_reflns.observed_criterion_sigma_F       ? 
_reflns.observed_criterion_sigma_I       ? 
_reflns.percent_possible_obs             98.7 
_reflns.R_free_details                   ? 
_reflns.Rmerge_F_all                     ? 
_reflns.Rmerge_F_obs                     ? 
_reflns.Friedel_coverage                 ? 
_reflns.number_gt                        ? 
_reflns.threshold_expression             ? 
_reflns.pdbx_redundancy                  34.5 
_reflns.pdbx_Rmerge_I_obs                0.094 
_reflns.pdbx_Rmerge_I_all                ? 
_reflns.pdbx_Rsym_value                  ? 
_reflns.pdbx_netI_over_av_sigmaI         ? 
_reflns.pdbx_netI_over_sigmaI            25.1 
_reflns.pdbx_res_netI_over_av_sigmaI_2   ? 
_reflns.pdbx_res_netI_over_sigmaI_2      ? 
_reflns.pdbx_chi_squared                 ? 
_reflns.pdbx_scaling_rejects             ? 
_reflns.pdbx_d_res_high_opt              ? 
_reflns.pdbx_d_res_low_opt               ? 
_reflns.pdbx_d_res_opt_method            ? 
_reflns.phase_calculation_details        ? 
_reflns.pdbx_Rrim_I_all                  ? 
_reflns.pdbx_Rpim_I_all                  0.016 
_reflns.pdbx_d_opt                       ? 
_reflns.pdbx_number_measured_all         ? 
_reflns.pdbx_diffrn_id                   1 
_reflns.pdbx_ordinal                     1 
_reflns.pdbx_CC_half                     1 
_reflns.pdbx_CC_star                     ? 
_reflns.pdbx_R_split                     ? 
# 
_reflns_shell.d_res_high                  1.14 
_reflns_shell.d_res_low                   1.159 
_reflns_shell.meanI_over_sigI_all         ? 
_reflns_shell.meanI_over_sigI_obs         2.2 
_reflns_shell.number_measured_all         ? 
_reflns_shell.number_measured_obs         ? 
_reflns_shell.number_possible             ? 
_reflns_shell.number_unique_all           ? 
_reflns_shell.number_unique_obs           1364 
_reflns_shell.percent_possible_all        86.2 
_reflns_shell.percent_possible_obs        ? 
_reflns_shell.Rmerge_F_all                ? 
_reflns_shell.Rmerge_F_obs                ? 
_reflns_shell.Rmerge_I_all                ? 
_reflns_shell.Rmerge_I_obs                1.229 
_reflns_shell.meanI_over_sigI_gt          ? 
_reflns_shell.meanI_over_uI_all           ? 
_reflns_shell.meanI_over_uI_gt            ? 
_reflns_shell.number_measured_gt          ? 
_reflns_shell.number_unique_gt            ? 
_reflns_shell.percent_possible_gt         ? 
_reflns_shell.Rmerge_F_gt                 ? 
_reflns_shell.Rmerge_I_gt                 ? 
_reflns_shell.pdbx_redundancy             ? 
_reflns_shell.pdbx_Rsym_value             ? 
_reflns_shell.pdbx_chi_squared            ? 
_reflns_shell.pdbx_netI_over_sigmaI_all   ? 
_reflns_shell.pdbx_netI_over_sigmaI_obs   ? 
_reflns_shell.pdbx_Rrim_I_all             ? 
_reflns_shell.pdbx_Rpim_I_all             0.331 
_reflns_shell.pdbx_rejects                ? 
_reflns_shell.pdbx_ordinal                1 
_reflns_shell.pdbx_diffrn_id              1 
_reflns_shell.pdbx_CC_half                0.602 
_reflns_shell.pdbx_CC_star                ? 
_reflns_shell.pdbx_R_split                ? 
# 
_refine.aniso_B[1][1]                            ? 
_refine.aniso_B[1][2]                            ? 
_refine.aniso_B[1][3]                            ? 
_refine.aniso_B[2][2]                            ? 
_refine.aniso_B[2][3]                            ? 
_refine.aniso_B[3][3]                            ? 
_refine.B_iso_max                                60.480 
_refine.B_iso_mean                               15.2362 
_refine.B_iso_min                                6.470 
_refine.correlation_coeff_Fo_to_Fc               ? 
_refine.correlation_coeff_Fo_to_Fc_free          ? 
_refine.details                                  ? 
_refine.diff_density_max                         ? 
_refine.diff_density_max_esd                     ? 
_refine.diff_density_min                         ? 
_refine.diff_density_min_esd                     ? 
_refine.diff_density_rms                         ? 
_refine.diff_density_rms_esd                     ? 
_refine.entry_id                                 6Z5X 
_refine.pdbx_refine_id                           'X-RAY DIFFRACTION' 
_refine.ls_abs_structure_details                 ? 
_refine.ls_abs_structure_Flack                   ? 
_refine.ls_abs_structure_Flack_esd               ? 
_refine.ls_abs_structure_Rogers                  ? 
_refine.ls_abs_structure_Rogers_esd              ? 
_refine.ls_d_res_high                            1.1400 
_refine.ls_d_res_low                             45.2940 
_refine.ls_extinction_coef                       ? 
_refine.ls_extinction_coef_esd                   ? 
_refine.ls_extinction_expression                 ? 
_refine.ls_extinction_method                     ? 
_refine.ls_goodness_of_fit_all                   ? 
_refine.ls_goodness_of_fit_all_esd               ? 
_refine.ls_goodness_of_fit_obs                   ? 
_refine.ls_goodness_of_fit_obs_esd               ? 
_refine.ls_hydrogen_treatment                    ? 
_refine.ls_matrix_type                           ? 
_refine.ls_number_constraints                    ? 
_refine.ls_number_parameters                     ? 
_refine.ls_number_reflns_all                     ? 
_refine.ls_number_reflns_obs                     31826 
_refine.ls_number_reflns_R_free                  1628 
_refine.ls_number_reflns_R_work                  30198 
_refine.ls_number_restraints                     ? 
_refine.ls_percent_reflns_obs                    98.6500 
_refine.ls_percent_reflns_R_free                 5.1200 
_refine.ls_R_factor_all                          ? 
_refine.ls_R_factor_obs                          0.1677 
_refine.ls_R_factor_R_free                       0.1905 
_refine.ls_R_factor_R_free_error                 ? 
_refine.ls_R_factor_R_free_error_details         ? 
_refine.ls_R_factor_R_work                       0.1665 
_refine.ls_R_Fsqd_factor_obs                     ? 
_refine.ls_R_I_factor_obs                        ? 
_refine.ls_redundancy_reflns_all                 ? 
_refine.ls_redundancy_reflns_obs                 ? 
_refine.ls_restrained_S_all                      ? 
_refine.ls_restrained_S_obs                      ? 
_refine.ls_shift_over_esd_max                    ? 
_refine.ls_shift_over_esd_mean                   ? 
_refine.ls_structure_factor_coef                 ? 
_refine.ls_weighting_details                     ? 
_refine.ls_weighting_scheme                      ? 
_refine.ls_wR_factor_all                         ? 
_refine.ls_wR_factor_obs                         ? 
_refine.ls_wR_factor_R_free                      ? 
_refine.ls_wR_factor_R_work                      ? 
_refine.occupancy_max                            ? 
_refine.occupancy_min                            ? 
_refine.solvent_model_details                    'FLAT BULK SOLVENT MODEL' 
_refine.solvent_model_param_bsol                 ? 
_refine.solvent_model_param_ksol                 ? 
_refine.pdbx_R_complete                          ? 
_refine.ls_R_factor_gt                           ? 
_refine.ls_goodness_of_fit_gt                    ? 
_refine.ls_goodness_of_fit_ref                   ? 
_refine.ls_shift_over_su_max                     ? 
_refine.ls_shift_over_su_max_lt                  ? 
_refine.ls_shift_over_su_mean                    ? 
_refine.ls_shift_over_su_mean_lt                 ? 
_refine.pdbx_ls_sigma_I                          ? 
_refine.pdbx_ls_sigma_F                          1.360 
_refine.pdbx_ls_sigma_Fsqd                       ? 
_refine.pdbx_data_cutoff_high_absF               ? 
_refine.pdbx_data_cutoff_high_rms_absF           ? 
_refine.pdbx_data_cutoff_low_absF                ? 
_refine.pdbx_isotropic_thermal_model             ? 
_refine.pdbx_ls_cross_valid_method               THROUGHOUT 
_refine.pdbx_method_to_determine_struct          'MOLECULAR REPLACEMENT' 
_refine.pdbx_starting_model                      2BT9 
_refine.pdbx_stereochemistry_target_values       ML 
_refine.pdbx_R_Free_selection_details            ? 
_refine.pdbx_stereochem_target_val_spec_case     ? 
_refine.pdbx_overall_ESU_R                       ? 
_refine.pdbx_overall_ESU_R_Free                  ? 
_refine.pdbx_solvent_vdw_probe_radii             1.1100 
_refine.pdbx_solvent_ion_probe_radii             ? 
_refine.pdbx_solvent_shrinkage_radii             0.9000 
_refine.pdbx_real_space_R                        ? 
_refine.pdbx_density_correlation                 ? 
_refine.pdbx_pd_number_of_powder_patterns        ? 
_refine.pdbx_pd_number_of_points                 ? 
_refine.pdbx_pd_meas_number_of_points            ? 
_refine.pdbx_pd_proc_ls_prof_R_factor            ? 
_refine.pdbx_pd_proc_ls_prof_wR_factor           ? 
_refine.pdbx_pd_Marquardt_correlation_coeff      ? 
_refine.pdbx_pd_Fsqrd_R_factor                   ? 
_refine.pdbx_pd_ls_matrix_band_width             ? 
_refine.pdbx_overall_phase_error                 18.6900 
_refine.pdbx_overall_SU_R_free_Cruickshank_DPI   ? 
_refine.pdbx_overall_SU_R_free_Blow_DPI          ? 
_refine.pdbx_overall_SU_R_Blow_DPI               ? 
_refine.pdbx_TLS_residual_ADP_flag               ? 
_refine.pdbx_diffrn_id                           1 
_refine.overall_SU_B                             ? 
_refine.overall_SU_ML                            0.0800 
_refine.overall_SU_R_Cruickshank_DPI             ? 
_refine.overall_SU_R_free                        ? 
_refine.overall_FOM_free_R_set                   ? 
_refine.overall_FOM_work_R_set                   ? 
_refine.pdbx_average_fsc_overall                 ? 
_refine.pdbx_average_fsc_work                    ? 
_refine.pdbx_average_fsc_free                    ? 
# 
_refine_hist.pdbx_refine_id                   'X-RAY DIFFRACTION' 
_refine_hist.cycle_id                         final 
_refine_hist.details                          ? 
_refine_hist.d_res_high                       1.1400 
_refine_hist.d_res_low                        45.2940 
_refine_hist.number_atoms_solvent             119 
_refine_hist.number_atoms_total               918 
_refine_hist.number_reflns_all                ? 
_refine_hist.number_reflns_obs                ? 
_refine_hist.number_reflns_R_free             ? 
_refine_hist.number_reflns_R_work             ? 
_refine_hist.R_factor_all                     ? 
_refine_hist.R_factor_obs                     ? 
_refine_hist.R_factor_R_free                  ? 
_refine_hist.R_factor_R_work                  ? 
_refine_hist.pdbx_number_residues_total       88 
_refine_hist.pdbx_B_iso_mean_ligand           17.57 
_refine_hist.pdbx_B_iso_mean_solvent          27.18 
_refine_hist.pdbx_number_atoms_protein        673 
_refine_hist.pdbx_number_atoms_nucleic_acid   0 
_refine_hist.pdbx_number_atoms_ligand         126 
_refine_hist.pdbx_number_atoms_lipid          ? 
_refine_hist.pdbx_number_atoms_carb           ? 
_refine_hist.pdbx_pseudo_atom_details         ? 
# 
loop_
_refine_ls_restr.pdbx_refine_id 
_refine_ls_restr.criterion 
_refine_ls_restr.dev_ideal 
_refine_ls_restr.dev_ideal_target 
_refine_ls_restr.number 
_refine_ls_restr.rejects 
_refine_ls_restr.type 
_refine_ls_restr.weight 
_refine_ls_restr.pdbx_restraint_function 
'X-RAY DIFFRACTION' ? 0.004 ? 837  ? f_bond_d           ? ? 
'X-RAY DIFFRACTION' ? 0.835 ? 1181 ? f_angle_d          ? ? 
'X-RAY DIFFRACTION' ? 0.076 ? 114  ? f_chiral_restr     ? ? 
'X-RAY DIFFRACTION' ? 0.005 ? 199  ? f_plane_restr      ? ? 
'X-RAY DIFFRACTION' ? 9.800 ? 266  ? f_dihedral_angle_d ? ? 
# 
loop_
_refine_ls_shell.pdbx_refine_id 
_refine_ls_shell.d_res_high 
_refine_ls_shell.d_res_low 
_refine_ls_shell.number_reflns_all 
_refine_ls_shell.number_reflns_obs 
_refine_ls_shell.number_reflns_R_free 
_refine_ls_shell.number_reflns_R_work 
_refine_ls_shell.percent_reflns_obs 
_refine_ls_shell.percent_reflns_R_free 
_refine_ls_shell.R_factor_all 
_refine_ls_shell.R_factor_obs 
_refine_ls_shell.R_factor_R_free 
_refine_ls_shell.R_factor_R_free_error 
_refine_ls_shell.R_factor_R_work 
_refine_ls_shell.redundancy_reflns_all 
_refine_ls_shell.redundancy_reflns_obs 
_refine_ls_shell.wR_factor_all 
_refine_ls_shell.wR_factor_obs 
_refine_ls_shell.wR_factor_R_free 
_refine_ls_shell.wR_factor_R_work 
_refine_ls_shell.pdbx_R_complete 
_refine_ls_shell.pdbx_total_number_of_bins_used 
_refine_ls_shell.pdbx_phase_error 
_refine_ls_shell.pdbx_fsc_work 
_refine_ls_shell.pdbx_fsc_free 
'X-RAY DIFFRACTION' 1.14   1.1730 . . 131 2190 88.0000  . . . 0.2390 0.0000 0.2510 . . . . . . . . . . . 
'X-RAY DIFFRACTION' 1.1730 1.2109 . . 133 2423 96.0000  . . . 0.2578 0.0000 0.2199 . . . . . . . . . . . 
'X-RAY DIFFRACTION' 1.2109 1.2542 . . 135 2559 100.0000 . . . 0.2133 0.0000 0.2026 . . . . . . . . . . . 
'X-RAY DIFFRACTION' 1.2542 1.3044 . . 145 2482 100.0000 . . . 0.1995 0.0000 0.1901 . . . . . . . . . . . 
'X-RAY DIFFRACTION' 1.3044 1.3638 . . 106 2562 100.0000 . . . 0.2093 0.0000 0.1838 . . . . . . . . . . . 
'X-RAY DIFFRACTION' 1.3638 1.4357 . . 124 2542 100.0000 . . . 0.2165 0.0000 0.1727 . . . . . . . . . . . 
'X-RAY DIFFRACTION' 1.4357 1.5256 . . 121 2578 100.0000 . . . 0.1787 0.0000 0.1668 . . . . . . . . . . . 
'X-RAY DIFFRACTION' 1.5256 1.6434 . . 125 2535 100.0000 . . . 0.1844 0.0000 0.1584 . . . . . . . . . . . 
'X-RAY DIFFRACTION' 1.6434 1.8088 . . 148 2528 100.0000 . . . 0.1881 0.0000 0.1636 . . . . . . . . . . . 
'X-RAY DIFFRACTION' 1.8088 2.0706 . . 170 2541 100.0000 . . . 0.1711 0.0000 0.1568 . . . . . . . . . . . 
'X-RAY DIFFRACTION' 2.0706 2.6087 . . 140 2582 100.0000 . . . 0.1930 0.0000 0.1657 . . . . . . . . . . . 
'X-RAY DIFFRACTION' 2.6087 45.29  . . 150 2676 100.0000 . . . 0.1826 0.0000 0.1523 . . . . . . . . . . . 
# 
_struct.entry_id                     6Z5X 
_struct.title                        'The RSL - sulfonato-calix[8]arene complex, P213 form, acetate pH 4.8' 
_struct.pdbx_model_details           ? 
_struct.pdbx_formula_weight          ? 
_struct.pdbx_formula_weight_method   ? 
_struct.pdbx_model_type_details      ? 
_struct.pdbx_CASP_flag               N 
# 
_struct_keywords.entry_id        6Z5X 
_struct_keywords.text            
;calixarene, protein framework, cage, crystal engineering, molecular glue, synthetic receptor, macrocycle, biomaterial, SUGAR BINDING PROTEIN
;
_struct_keywords.pdbx_keywords   'SUGAR BINDING PROTEIN' 
# 
loop_
_struct_asym.id 
_struct_asym.pdbx_blank_PDB_chainid_flag 
_struct_asym.pdbx_modified 
_struct_asym.entity_id 
_struct_asym.details 
A N N 1 ? 
B N N 2 ? 
C N N 3 ? 
D N N 4 ? 
E N N 4 ? 
F N N 5 ? 
G N N 6 ? 
# 
_struct_ref.id                         1 
_struct_ref.db_name                    UNP 
_struct_ref.db_code                    A0A0S4TLR1_RALSL 
_struct_ref.pdbx_db_accession          A0A0S4TLR1 
_struct_ref.pdbx_db_isoform            ? 
_struct_ref.entity_id                  1 
_struct_ref.pdbx_seq_one_letter_code   
;SSVQTAATSWGTVPSIRVYTANNGKITERCWDGKGWYTGAFNEPGDNVSVTSWLVGSAIHIRVYASTGTTTTEWCWDGNG
WTKGAYTATN
;
_struct_ref.pdbx_align_begin           2 
# 
_struct_ref_seq.align_id                      1 
_struct_ref_seq.ref_id                        1 
_struct_ref_seq.pdbx_PDB_id_code              6Z5X 
_struct_ref_seq.pdbx_strand_id                A 
_struct_ref_seq.seq_align_beg                 1 
_struct_ref_seq.pdbx_seq_align_beg_ins_code   ? 
_struct_ref_seq.seq_align_end                 90 
_struct_ref_seq.pdbx_seq_align_end_ins_code   ? 
_struct_ref_seq.pdbx_db_accession             A0A0S4TLR1 
_struct_ref_seq.db_align_beg                  2 
_struct_ref_seq.pdbx_db_align_beg_ins_code    ? 
_struct_ref_seq.db_align_end                  91 
_struct_ref_seq.pdbx_db_align_end_ins_code    ? 
_struct_ref_seq.pdbx_auth_seq_align_beg       1 
_struct_ref_seq.pdbx_auth_seq_align_end       90 
# 
_pdbx_struct_assembly.id                   1 
_pdbx_struct_assembly.details              author_and_software_defined_assembly 
_pdbx_struct_assembly.method_details       PISA 
_pdbx_struct_assembly.oligomeric_details   trimeric 
_pdbx_struct_assembly.oligomeric_count     3 
# 
loop_
_pdbx_struct_assembly_prop.biol_id 
_pdbx_struct_assembly_prop.type 
_pdbx_struct_assembly_prop.value 
_pdbx_struct_assembly_prop.details 
1 'ABSA (A^2)' 7460  ? 
1 MORE         -85   ? 
1 'SSA (A^2)'  12540 ? 
# 
_pdbx_struct_assembly_gen.assembly_id       1 
_pdbx_struct_assembly_gen.oper_expression   1,2,3 
_pdbx_struct_assembly_gen.asym_id_list      A,B,C,D,E,F,G 
# 
_pdbx_struct_assembly_auth_evidence.id                     1 
_pdbx_struct_assembly_auth_evidence.assembly_id            1 
_pdbx_struct_assembly_auth_evidence.experimental_support   'light scattering' 
_pdbx_struct_assembly_auth_evidence.details                ? 
# 
loop_
_pdbx_struct_oper_list.id 
_pdbx_struct_oper_list.type 
_pdbx_struct_oper_list.name 
_pdbx_struct_oper_list.symmetry_operation 
_pdbx_struct_oper_list.matrix[1][1] 
_pdbx_struct_oper_list.matrix[1][2] 
_pdbx_struct_oper_list.matrix[1][3] 
_pdbx_struct_oper_list.vector[1] 
_pdbx_struct_oper_list.matrix[2][1] 
_pdbx_struct_oper_list.matrix[2][2] 
_pdbx_struct_oper_list.matrix[2][3] 
_pdbx_struct_oper_list.vector[2] 
_pdbx_struct_oper_list.matrix[3][1] 
_pdbx_struct_oper_list.matrix[3][2] 
_pdbx_struct_oper_list.matrix[3][3] 
_pdbx_struct_oper_list.vector[3] 
1 'identity operation'         1_555 x,y,z 1.0000000000 0.0000000000  0.0000000000 0.0000000000  0.0000000000  1.0000000000  0.0000000000  0.0000000000   0.0000000000 0.0000000000  1.0000000000  0.0000000000  
2 'crystal symmetry operation' 5_555 z,x,y 0.6804358913 -0.2960736947 0.6703337714 -8.5834921085 0.4930371335  -0.4917838409 -0.7176789246 6.7376922787   0.5421451676 0.8188339399  -0.1886520504 15.6187828632 
3 'crystal symmetry operation' 9_555 y,z,x 0.6804358913 0.4930371335  0.5421451676 -5.9490640376 -0.2960736947 -0.4917838409 0.8188339399  -12.0170475423 0.6703337714 -0.7176789246 -0.1886520504 13.5358197975 
# 
loop_
_struct_conn.id 
_struct_conn.conn_type_id 
_struct_conn.pdbx_leaving_atom_flag 
_struct_conn.pdbx_PDB_id 
_struct_conn.ptnr1_label_asym_id 
_struct_conn.ptnr1_label_comp_id 
_struct_conn.ptnr1_label_seq_id 
_struct_conn.ptnr1_label_atom_id 
_struct_conn.pdbx_ptnr1_label_alt_id 
_struct_conn.pdbx_ptnr1_PDB_ins_code 
_struct_conn.pdbx_ptnr1_standard_comp_id 
_struct_conn.ptnr1_symmetry 
_struct_conn.ptnr2_label_asym_id 
_struct_conn.ptnr2_label_comp_id 
_struct_conn.ptnr2_label_seq_id 
_struct_conn.ptnr2_label_atom_id 
_struct_conn.pdbx_ptnr2_label_alt_id 
_struct_conn.pdbx_ptnr2_PDB_ins_code 
_struct_conn.ptnr1_auth_asym_id 
_struct_conn.ptnr1_auth_comp_id 
_struct_conn.ptnr1_auth_seq_id 
_struct_conn.ptnr2_auth_asym_id 
_struct_conn.ptnr2_auth_comp_id 
_struct_conn.ptnr2_auth_seq_id 
_struct_conn.ptnr2_symmetry 
_struct_conn.pdbx_ptnr3_label_atom_id 
_struct_conn.pdbx_ptnr3_label_seq_id 
_struct_conn.pdbx_ptnr3_label_comp_id 
_struct_conn.pdbx_ptnr3_label_asym_id 
_struct_conn.pdbx_ptnr3_label_alt_id 
_struct_conn.pdbx_ptnr3_PDB_ins_code 
_struct_conn.details 
_struct_conn.pdbx_dist_value 
_struct_conn.pdbx_value_order 
_struct_conn.pdbx_role 
metalc1 metalc ? ? A THR 5  OG1 ? ? ? 1_555 F NA . NA ? ? A THR 5  A NA 105 9_555 ? ? ? ? ? ? ? 2.728 ? ? 
metalc2 metalc ? ? A ASN 47 OD1 ? ? ? 1_555 F NA . NA ? ? A ASN 47 A NA 105 1_555 ? ? ? ? ? ? ? 2.609 ? ? 
metalc3 metalc ? ? A TYR 64 O   ? ? ? 1_555 F NA . NA ? ? A TYR 64 A NA 105 1_555 ? ? ? ? ? ? ? 2.833 ? ? 
metalc4 metalc ? ? A SER 66 OG  ? ? ? 1_555 F NA . NA ? ? A SER 66 A NA 105 1_555 ? ? ? ? ? ? ? 2.710 ? ? 
# 
_struct_conn_type.id          metalc 
_struct_conn_type.criteria    ? 
_struct_conn_type.reference   ? 
# 
loop_
_pdbx_struct_conn_angle.id 
_pdbx_struct_conn_angle.ptnr1_label_atom_id 
_pdbx_struct_conn_angle.ptnr1_label_alt_id 
_pdbx_struct_conn_angle.ptnr1_label_asym_id 
_pdbx_struct_conn_angle.ptnr1_label_comp_id 
_pdbx_struct_conn_angle.ptnr1_label_seq_id 
_pdbx_struct_conn_angle.ptnr1_auth_atom_id 
_pdbx_struct_conn_angle.ptnr1_auth_asym_id 
_pdbx_struct_conn_angle.ptnr1_auth_comp_id 
_pdbx_struct_conn_angle.ptnr1_auth_seq_id 
_pdbx_struct_conn_angle.ptnr1_PDB_ins_code 
_pdbx_struct_conn_angle.ptnr1_symmetry 
_pdbx_struct_conn_angle.ptnr2_label_atom_id 
_pdbx_struct_conn_angle.ptnr2_label_alt_id 
_pdbx_struct_conn_angle.ptnr2_label_asym_id 
_pdbx_struct_conn_angle.ptnr2_label_comp_id 
_pdbx_struct_conn_angle.ptnr2_label_seq_id 
_pdbx_struct_conn_angle.ptnr2_auth_atom_id 
_pdbx_struct_conn_angle.ptnr2_auth_asym_id 
_pdbx_struct_conn_angle.ptnr2_auth_comp_id 
_pdbx_struct_conn_angle.ptnr2_auth_seq_id 
_pdbx_struct_conn_angle.ptnr2_PDB_ins_code 
_pdbx_struct_conn_angle.ptnr2_symmetry 
_pdbx_struct_conn_angle.ptnr3_label_atom_id 
_pdbx_struct_conn_angle.ptnr3_label_alt_id 
_pdbx_struct_conn_angle.ptnr3_label_asym_id 
_pdbx_struct_conn_angle.ptnr3_label_comp_id 
_pdbx_struct_conn_angle.ptnr3_label_seq_id 
_pdbx_struct_conn_angle.ptnr3_auth_atom_id 
_pdbx_struct_conn_angle.ptnr3_auth_asym_id 
_pdbx_struct_conn_angle.ptnr3_auth_comp_id 
_pdbx_struct_conn_angle.ptnr3_auth_seq_id 
_pdbx_struct_conn_angle.ptnr3_PDB_ins_code 
_pdbx_struct_conn_angle.ptnr3_symmetry 
_pdbx_struct_conn_angle.value 
_pdbx_struct_conn_angle.value_esd 
1 OG1 ? A THR 5  ? A THR 5  ? 1_555 NA ? F NA . ? A NA 105 ? 9_555 OD1 ? A ASN 47 ? A ASN 47 ? 1_555 58.2 ? 
2 OG1 ? A THR 5  ? A THR 5  ? 1_555 NA ? F NA . ? A NA 105 ? 9_555 O   ? A TYR 64 ? A TYR 64 ? 1_555 39.7 ? 
3 OD1 ? A ASN 47 ? A ASN 47 ? 1_555 NA ? F NA . ? A NA 105 ? 9_555 O   ? A TYR 64 ? A TYR 64 ? 1_555 19.8 ? 
4 OG1 ? A THR 5  ? A THR 5  ? 1_555 NA ? F NA . ? A NA 105 ? 9_555 OG  ? A SER 66 ? A SER 66 ? 1_555 55.7 ? 
5 OD1 ? A ASN 47 ? A ASN 47 ? 1_555 NA ? F NA . ? A NA 105 ? 9_555 OG  ? A SER 66 ? A SER 66 ? 1_555 6.3  ? 
6 O   ? A TYR 64 ? A TYR 64 ? 1_555 NA ? F NA . ? A NA 105 ? 9_555 OG  ? A SER 66 ? A SER 66 ? 1_555 16.2 ? 
# 
_struct_mon_prot_cis.pdbx_id                1 
_struct_mon_prot_cis.label_comp_id          VAL 
_struct_mon_prot_cis.label_seq_id           13 
_struct_mon_prot_cis.label_asym_id          A 
_struct_mon_prot_cis.label_alt_id           . 
_struct_mon_prot_cis.pdbx_PDB_ins_code      ? 
_struct_mon_prot_cis.auth_comp_id           VAL 
_struct_mon_prot_cis.auth_seq_id            13 
_struct_mon_prot_cis.auth_asym_id           A 
_struct_mon_prot_cis.pdbx_label_comp_id_2   PRO 
_struct_mon_prot_cis.pdbx_label_seq_id_2    14 
_struct_mon_prot_cis.pdbx_label_asym_id_2   A 
_struct_mon_prot_cis.pdbx_PDB_ins_code_2    ? 
_struct_mon_prot_cis.pdbx_auth_comp_id_2    PRO 
_struct_mon_prot_cis.pdbx_auth_seq_id_2     14 
_struct_mon_prot_cis.pdbx_auth_asym_id_2    A 
_struct_mon_prot_cis.pdbx_PDB_model_num     1 
_struct_mon_prot_cis.pdbx_omega_angle       -7.49 
# 
loop_
_struct_sheet.id 
_struct_sheet.type 
_struct_sheet.number_strands 
_struct_sheet.details 
AA1 ? 4 ? 
AA2 ? 4 ? 
# 
loop_
_struct_sheet_order.sheet_id 
_struct_sheet_order.range_id_1 
_struct_sheet_order.range_id_2 
_struct_sheet_order.offset 
_struct_sheet_order.sense 
AA1 1 2 ? anti-parallel 
AA1 2 3 ? anti-parallel 
AA1 3 4 ? anti-parallel 
AA2 1 2 ? anti-parallel 
AA2 2 3 ? anti-parallel 
AA2 3 4 ? anti-parallel 
# 
loop_
_struct_sheet_range.sheet_id 
_struct_sheet_range.id 
_struct_sheet_range.beg_label_comp_id 
_struct_sheet_range.beg_label_asym_id 
_struct_sheet_range.beg_label_seq_id 
_struct_sheet_range.pdbx_beg_PDB_ins_code 
_struct_sheet_range.end_label_comp_id 
_struct_sheet_range.end_label_asym_id 
_struct_sheet_range.end_label_seq_id 
_struct_sheet_range.pdbx_end_PDB_ins_code 
_struct_sheet_range.beg_auth_comp_id 
_struct_sheet_range.beg_auth_asym_id 
_struct_sheet_range.beg_auth_seq_id 
_struct_sheet_range.end_auth_comp_id 
_struct_sheet_range.end_auth_asym_id 
_struct_sheet_range.end_auth_seq_id 
AA1 1 GLN A 4  ? TRP A 10 ? GLN A 4  TRP A 10 
AA1 2 SER A 15 ? ASN A 22 ? SER A 15 ASN A 22 
AA1 3 LYS A 25 ? TRP A 31 ? LYS A 25 TRP A 31 
AA1 4 TRP A 36 ? PRO A 44 ? TRP A 36 PRO A 44 
AA2 1 ASN A 47 ? VAL A 55 ? ASN A 47 VAL A 55 
AA2 2 ALA A 58 ? THR A 67 ? ALA A 58 THR A 67 
AA2 3 THR A 70 ? TRP A 76 ? THR A 70 TRP A 76 
AA2 4 TRP A 81 ? LYS A 83 ? TRP A 81 LYS A 83 
# 
loop_
_pdbx_struct_sheet_hbond.sheet_id 
_pdbx_struct_sheet_hbond.range_id_1 
_pdbx_struct_sheet_hbond.range_id_2 
_pdbx_struct_sheet_hbond.range_1_label_atom_id 
_pdbx_struct_sheet_hbond.range_1_label_comp_id 
_pdbx_struct_sheet_hbond.range_1_label_asym_id 
_pdbx_struct_sheet_hbond.range_1_label_seq_id 
_pdbx_struct_sheet_hbond.range_1_PDB_ins_code 
_pdbx_struct_sheet_hbond.range_1_auth_atom_id 
_pdbx_struct_sheet_hbond.range_1_auth_comp_id 
_pdbx_struct_sheet_hbond.range_1_auth_asym_id 
_pdbx_struct_sheet_hbond.range_1_auth_seq_id 
_pdbx_struct_sheet_hbond.range_2_label_atom_id 
_pdbx_struct_sheet_hbond.range_2_label_comp_id 
_pdbx_struct_sheet_hbond.range_2_label_asym_id 
_pdbx_struct_sheet_hbond.range_2_label_seq_id 
_pdbx_struct_sheet_hbond.range_2_PDB_ins_code 
_pdbx_struct_sheet_hbond.range_2_auth_atom_id 
_pdbx_struct_sheet_hbond.range_2_auth_comp_id 
_pdbx_struct_sheet_hbond.range_2_auth_asym_id 
_pdbx_struct_sheet_hbond.range_2_auth_seq_id 
AA1 1 2 N GLN A 4  ? N GLN A 4  O ALA A 21 ? O ALA A 21 
AA1 2 3 N ASN A 22 ? N ASN A 22 O LYS A 25 ? O LYS A 25 
AA1 3 4 N ILE A 26 ? N ILE A 26 O GLU A 43 ? O GLU A 43 
AA2 1 2 N THR A 51 ? N THR A 51 O ARG A 62 ? O ARG A 62 
AA2 2 3 N ALA A 65 ? N ALA A 65 O THR A 72 ? O THR A 72 
AA2 3 4 N CYS A 75 ? N CYS A 75 O THR A 82 ? O THR A 82 
# 
_pdbx_validate_close_contact.id               1 
_pdbx_validate_close_contact.PDB_model_num    1 
_pdbx_validate_close_contact.auth_atom_id_1   O 
_pdbx_validate_close_contact.auth_asym_id_1   A 
_pdbx_validate_close_contact.auth_comp_id_1   HOH 
_pdbx_validate_close_contact.auth_seq_id_1    278 
_pdbx_validate_close_contact.PDB_ins_code_1   ? 
_pdbx_validate_close_contact.label_alt_id_1   ? 
_pdbx_validate_close_contact.auth_atom_id_2   O 
_pdbx_validate_close_contact.auth_asym_id_2   A 
_pdbx_validate_close_contact.auth_comp_id_2   HOH 
_pdbx_validate_close_contact.auth_seq_id_2    288 
_pdbx_validate_close_contact.PDB_ins_code_2   ? 
_pdbx_validate_close_contact.label_alt_id_2   ? 
_pdbx_validate_close_contact.dist             2.16 
# 
loop_
_pdbx_validate_torsion.id 
_pdbx_validate_torsion.PDB_model_num 
_pdbx_validate_torsion.auth_comp_id 
_pdbx_validate_torsion.auth_asym_id 
_pdbx_validate_torsion.auth_seq_id 
_pdbx_validate_torsion.PDB_ins_code 
_pdbx_validate_torsion.label_alt_id 
_pdbx_validate_torsion.phi 
_pdbx_validate_torsion.psi 
1 1 LYS A 34 ? ? -142.27 42.03 
2 1 ASN A 79 ? ? -150.37 44.24 
# 
loop_
_pdbx_struct_special_symmetry.id 
_pdbx_struct_special_symmetry.PDB_model_num 
_pdbx_struct_special_symmetry.auth_asym_id 
_pdbx_struct_special_symmetry.auth_comp_id 
_pdbx_struct_special_symmetry.auth_seq_id 
_pdbx_struct_special_symmetry.PDB_ins_code 
_pdbx_struct_special_symmetry.label_asym_id 
_pdbx_struct_special_symmetry.label_comp_id 
_pdbx_struct_special_symmetry.label_seq_id 
1 1 A HOH 300 ? G HOH . 
2 1 A HOH 306 ? G HOH . 
# 
_pdbx_entry_details.entry_id                 6Z5X 
_pdbx_entry_details.has_ligand_of_interest   Y 
_pdbx_entry_details.compound_details         ? 
_pdbx_entry_details.source_details           ? 
_pdbx_entry_details.nonpolymer_details       ? 
_pdbx_entry_details.sequence_details         ? 
# 
loop_
_pdbx_unobs_or_zero_occ_residues.id 
_pdbx_unobs_or_zero_occ_residues.PDB_model_num 
_pdbx_unobs_or_zero_occ_residues.polymer_flag 
_pdbx_unobs_or_zero_occ_residues.occupancy_flag 
_pdbx_unobs_or_zero_occ_residues.auth_asym_id 
_pdbx_unobs_or_zero_occ_residues.auth_comp_id 
_pdbx_unobs_or_zero_occ_residues.auth_seq_id 
_pdbx_unobs_or_zero_occ_residues.PDB_ins_code 
_pdbx_unobs_or_zero_occ_residues.label_asym_id 
_pdbx_unobs_or_zero_occ_residues.label_comp_id 
_pdbx_unobs_or_zero_occ_residues.label_seq_id 
1 1 Y 1 A SER 1  ? A SER 1  
2 1 Y 1 A ASN 90 ? A ASN 90 
# 
loop_
_chem_comp_atom.comp_id 
_chem_comp_atom.atom_id 
_chem_comp_atom.type_symbol 
_chem_comp_atom.pdbx_aromatic_flag 
_chem_comp_atom.pdbx_stereo_config 
_chem_comp_atom.pdbx_ordinal 
ALA N    N  N N 1   
ALA CA   C  N S 2   
ALA C    C  N N 3   
ALA O    O  N N 4   
ALA CB   C  N N 5   
ALA OXT  O  N N 6   
ALA H    H  N N 7   
ALA H2   H  N N 8   
ALA HA   H  N N 9   
ALA HB1  H  N N 10  
ALA HB2  H  N N 11  
ALA HB3  H  N N 12  
ALA HXT  H  N N 13  
ARG N    N  N N 14  
ARG CA   C  N S 15  
ARG C    C  N N 16  
ARG O    O  N N 17  
ARG CB   C  N N 18  
ARG CG   C  N N 19  
ARG CD   C  N N 20  
ARG NE   N  N N 21  
ARG CZ   C  N N 22  
ARG NH1  N  N N 23  
ARG NH2  N  N N 24  
ARG OXT  O  N N 25  
ARG H    H  N N 26  
ARG H2   H  N N 27  
ARG HA   H  N N 28  
ARG HB2  H  N N 29  
ARG HB3  H  N N 30  
ARG HG2  H  N N 31  
ARG HG3  H  N N 32  
ARG HD2  H  N N 33  
ARG HD3  H  N N 34  
ARG HE   H  N N 35  
ARG HH11 H  N N 36  
ARG HH12 H  N N 37  
ARG HH21 H  N N 38  
ARG HH22 H  N N 39  
ARG HXT  H  N N 40  
ASN N    N  N N 41  
ASN CA   C  N S 42  
ASN C    C  N N 43  
ASN O    O  N N 44  
ASN CB   C  N N 45  
ASN CG   C  N N 46  
ASN OD1  O  N N 47  
ASN ND2  N  N N 48  
ASN OXT  O  N N 49  
ASN H    H  N N 50  
ASN H2   H  N N 51  
ASN HA   H  N N 52  
ASN HB2  H  N N 53  
ASN HB3  H  N N 54  
ASN HD21 H  N N 55  
ASN HD22 H  N N 56  
ASN HXT  H  N N 57  
ASP N    N  N N 58  
ASP CA   C  N S 59  
ASP C    C  N N 60  
ASP O    O  N N 61  
ASP CB   C  N N 62  
ASP CG   C  N N 63  
ASP OD1  O  N N 64  
ASP OD2  O  N N 65  
ASP OXT  O  N N 66  
ASP H    H  N N 67  
ASP H2   H  N N 68  
ASP HA   H  N N 69  
ASP HB2  H  N N 70  
ASP HB3  H  N N 71  
ASP HD2  H  N N 72  
ASP HXT  H  N N 73  
BDF C1   C  N N 74  
BDF C2   C  N R 75  
BDF C3   C  N S 76  
BDF C4   C  N R 77  
BDF C5   C  N R 78  
BDF C6   C  N N 79  
BDF O1   O  N N 80  
BDF O2   O  N N 81  
BDF O3   O  N N 82  
BDF O4   O  N N 83  
BDF O5   O  N N 84  
BDF O6   O  N N 85  
BDF H11  H  N N 86  
BDF H12  H  N N 87  
BDF H3   H  N N 88  
BDF H4   H  N N 89  
BDF H5   H  N N 90  
BDF H61  H  N N 91  
BDF H62  H  N N 92  
BDF HO1  H  N N 93  
BDF HO2  H  N N 94  
BDF HO3  H  N N 95  
BDF HO4  H  N N 96  
BDF HO5  H  N N 97  
CYS N    N  N N 98  
CYS CA   C  N R 99  
CYS C    C  N N 100 
CYS O    O  N N 101 
CYS CB   C  N N 102 
CYS SG   S  N N 103 
CYS OXT  O  N N 104 
CYS H    H  N N 105 
CYS H2   H  N N 106 
CYS HA   H  N N 107 
CYS HB2  H  N N 108 
CYS HB3  H  N N 109 
CYS HG   H  N N 110 
CYS HXT  H  N N 111 
EVB C11  C  Y N 112 
EVB C12  C  Y N 113 
EVB C13  C  Y N 114 
EVB C14  C  N N 115 
EVB C15  C  N N 116 
EVB C17  C  Y N 117 
EVB C18  C  Y N 118 
EVB C19  C  Y N 119 
EVB C20  C  Y N 120 
EVB C21  C  Y N 121 
EVB C22  C  Y N 122 
EVB C23  C  Y N 123 
EVB C1   C  Y N 124 
EVB C2   C  Y N 125 
EVB C3   C  Y N 126 
EVB C4   C  Y N 127 
EVB C5   C  Y N 128 
EVB C6   C  Y N 129 
EVB C7   C  N N 130 
EVB C8   C  Y N 131 
EVB C9   C  Y N 132 
EVB C10  C  Y N 133 
EVB C16  C  Y N 134 
EVB C24  C  Y N 135 
EVB C25  C  Y N 136 
EVB C26  C  Y N 137 
EVB C27  C  Y N 138 
EVB C28  C  N N 139 
EVB C29  C  N N 140 
EVB C30  C  Y N 141 
EVB C31  C  Y N 142 
EVB C32  C  Y N 143 
EVB C33  C  Y N 144 
EVB C34  C  Y N 145 
EVB C35  C  Y N 146 
EVB C36  C  Y N 147 
EVB C37  C  Y N 148 
EVB C38  C  Y N 149 
EVB C39  C  Y N 150 
EVB C40  C  Y N 151 
EVB C41  C  Y N 152 
EVB C42  C  N N 153 
EVB C43  C  N N 154 
EVB C44  C  Y N 155 
EVB C45  C  Y N 156 
EVB C46  C  Y N 157 
EVB C47  C  Y N 158 
EVB C48  C  Y N 159 
EVB C49  C  Y N 160 
EVB C50  C  Y N 161 
EVB C51  C  Y N 162 
EVB C52  C  Y N 163 
EVB C53  C  Y N 164 
EVB C54  C  Y N 165 
EVB C55  C  Y N 166 
EVB O1   O  N N 167 
EVB O2   O  N N 168 
EVB O3   O  N N 169 
EVB O4   O  N N 170 
EVB O5   O  N N 171 
EVB O6   O  N N 172 
EVB O7   O  N N 173 
EVB O8   O  N N 174 
EVB S64  S  N N 175 
EVB S65  S  N N 176 
EVB S66  S  N N 177 
EVB S67  S  N N 178 
EVB S68  S  N N 179 
EVB S69  S  N N 180 
EVB S70  S  N N 181 
EVB S71  S  N N 182 
EVB C72  C  N N 183 
EVB O9   O  N N 184 
EVB O10  O  N N 185 
EVB O11  O  N N 186 
EVB O12  O  N N 187 
EVB O13  O  N N 188 
EVB O14  O  N N 189 
EVB O15  O  N N 190 
EVB O16  O  N N 191 
EVB O17  O  N N 192 
EVB O18  O  N N 193 
EVB O19  O  N N 194 
EVB O20  O  N N 195 
EVB O21  O  N N 196 
EVB O22  O  N N 197 
EVB O23  O  N N 198 
EVB O24  O  N N 199 
EVB O25  O  N N 200 
EVB O26  O  N N 201 
EVB O27  O  N N 202 
EVB O28  O  N N 203 
EVB O29  O  N N 204 
EVB O30  O  N N 205 
EVB O31  O  N N 206 
EVB O32  O  N N 207 
EVB H1   H  N N 208 
EVB H2   H  N N 209 
EVB H3   H  N N 210 
EVB H4   H  N N 211 
EVB H5   H  N N 212 
EVB H6   H  N N 213 
EVB H7   H  N N 214 
EVB H8   H  N N 215 
EVB H9   H  N N 216 
EVB H10  H  N N 217 
EVB H11  H  N N 218 
EVB H12  H  N N 219 
EVB H13  H  N N 220 
EVB H14  H  N N 221 
EVB H15  H  N N 222 
EVB H16  H  N N 223 
EVB H17  H  N N 224 
EVB H18  H  N N 225 
EVB H19  H  N N 226 
EVB H20  H  N N 227 
EVB H21  H  N N 228 
EVB H22  H  N N 229 
EVB H23  H  N N 230 
EVB H24  H  N N 231 
EVB H25  H  N N 232 
EVB H26  H  N N 233 
EVB H27  H  N N 234 
EVB H28  H  N N 235 
EVB H29  H  N N 236 
EVB H30  H  N N 237 
EVB H31  H  N N 238 
EVB H32  H  N N 239 
EVB H33  H  N N 240 
EVB H34  H  N N 241 
EVB H35  H  N N 242 
EVB H36  H  N N 243 
EVB H37  H  N N 244 
EVB H38  H  N N 245 
EVB H39  H  N N 246 
EVB H40  H  N N 247 
EVB H41  H  N N 248 
EVB H42  H  N N 249 
EVB H43  H  N N 250 
EVB H44  H  N N 251 
EVB H45  H  N N 252 
EVB H46  H  N N 253 
EVB H47  H  N N 254 
EVB H48  H  N N 255 
GLN N    N  N N 256 
GLN CA   C  N S 257 
GLN C    C  N N 258 
GLN O    O  N N 259 
GLN CB   C  N N 260 
GLN CG   C  N N 261 
GLN CD   C  N N 262 
GLN OE1  O  N N 263 
GLN NE2  N  N N 264 
GLN OXT  O  N N 265 
GLN H    H  N N 266 
GLN H2   H  N N 267 
GLN HA   H  N N 268 
GLN HB2  H  N N 269 
GLN HB3  H  N N 270 
GLN HG2  H  N N 271 
GLN HG3  H  N N 272 
GLN HE21 H  N N 273 
GLN HE22 H  N N 274 
GLN HXT  H  N N 275 
GLU N    N  N N 276 
GLU CA   C  N S 277 
GLU C    C  N N 278 
GLU O    O  N N 279 
GLU CB   C  N N 280 
GLU CG   C  N N 281 
GLU CD   C  N N 282 
GLU OE1  O  N N 283 
GLU OE2  O  N N 284 
GLU OXT  O  N N 285 
GLU H    H  N N 286 
GLU H2   H  N N 287 
GLU HA   H  N N 288 
GLU HB2  H  N N 289 
GLU HB3  H  N N 290 
GLU HG2  H  N N 291 
GLU HG3  H  N N 292 
GLU HE2  H  N N 293 
GLU HXT  H  N N 294 
GLY N    N  N N 295 
GLY CA   C  N N 296 
GLY C    C  N N 297 
GLY O    O  N N 298 
GLY OXT  O  N N 299 
GLY H    H  N N 300 
GLY H2   H  N N 301 
GLY HA2  H  N N 302 
GLY HA3  H  N N 303 
GLY HXT  H  N N 304 
HIS N    N  N N 305 
HIS CA   C  N S 306 
HIS C    C  N N 307 
HIS O    O  N N 308 
HIS CB   C  N N 309 
HIS CG   C  Y N 310 
HIS ND1  N  Y N 311 
HIS CD2  C  Y N 312 
HIS CE1  C  Y N 313 
HIS NE2  N  Y N 314 
HIS OXT  O  N N 315 
HIS H    H  N N 316 
HIS H2   H  N N 317 
HIS HA   H  N N 318 
HIS HB2  H  N N 319 
HIS HB3  H  N N 320 
HIS HD1  H  N N 321 
HIS HD2  H  N N 322 
HIS HE1  H  N N 323 
HIS HE2  H  N N 324 
HIS HXT  H  N N 325 
HOH O    O  N N 326 
HOH H1   H  N N 327 
HOH H2   H  N N 328 
ILE N    N  N N 329 
ILE CA   C  N S 330 
ILE C    C  N N 331 
ILE O    O  N N 332 
ILE CB   C  N S 333 
ILE CG1  C  N N 334 
ILE CG2  C  N N 335 
ILE CD1  C  N N 336 
ILE OXT  O  N N 337 
ILE H    H  N N 338 
ILE H2   H  N N 339 
ILE HA   H  N N 340 
ILE HB   H  N N 341 
ILE HG12 H  N N 342 
ILE HG13 H  N N 343 
ILE HG21 H  N N 344 
ILE HG22 H  N N 345 
ILE HG23 H  N N 346 
ILE HD11 H  N N 347 
ILE HD12 H  N N 348 
ILE HD13 H  N N 349 
ILE HXT  H  N N 350 
LEU N    N  N N 351 
LEU CA   C  N S 352 
LEU C    C  N N 353 
LEU O    O  N N 354 
LEU CB   C  N N 355 
LEU CG   C  N N 356 
LEU CD1  C  N N 357 
LEU CD2  C  N N 358 
LEU OXT  O  N N 359 
LEU H    H  N N 360 
LEU H2   H  N N 361 
LEU HA   H  N N 362 
LEU HB2  H  N N 363 
LEU HB3  H  N N 364 
LEU HG   H  N N 365 
LEU HD11 H  N N 366 
LEU HD12 H  N N 367 
LEU HD13 H  N N 368 
LEU HD21 H  N N 369 
LEU HD22 H  N N 370 
LEU HD23 H  N N 371 
LEU HXT  H  N N 372 
LYS N    N  N N 373 
LYS CA   C  N S 374 
LYS C    C  N N 375 
LYS O    O  N N 376 
LYS CB   C  N N 377 
LYS CG   C  N N 378 
LYS CD   C  N N 379 
LYS CE   C  N N 380 
LYS NZ   N  N N 381 
LYS OXT  O  N N 382 
LYS H    H  N N 383 
LYS H2   H  N N 384 
LYS HA   H  N N 385 
LYS HB2  H  N N 386 
LYS HB3  H  N N 387 
LYS HG2  H  N N 388 
LYS HG3  H  N N 389 
LYS HD2  H  N N 390 
LYS HD3  H  N N 391 
LYS HE2  H  N N 392 
LYS HE3  H  N N 393 
LYS HZ1  H  N N 394 
LYS HZ2  H  N N 395 
LYS HZ3  H  N N 396 
LYS HXT  H  N N 397 
NA  NA   NA N N 398 
PHE N    N  N N 399 
PHE CA   C  N S 400 
PHE C    C  N N 401 
PHE O    O  N N 402 
PHE CB   C  N N 403 
PHE CG   C  Y N 404 
PHE CD1  C  Y N 405 
PHE CD2  C  Y N 406 
PHE CE1  C  Y N 407 
PHE CE2  C  Y N 408 
PHE CZ   C  Y N 409 
PHE OXT  O  N N 410 
PHE H    H  N N 411 
PHE H2   H  N N 412 
PHE HA   H  N N 413 
PHE HB2  H  N N 414 
PHE HB3  H  N N 415 
PHE HD1  H  N N 416 
PHE HD2  H  N N 417 
PHE HE1  H  N N 418 
PHE HE2  H  N N 419 
PHE HZ   H  N N 420 
PHE HXT  H  N N 421 
PRO N    N  N N 422 
PRO CA   C  N S 423 
PRO C    C  N N 424 
PRO O    O  N N 425 
PRO CB   C  N N 426 
PRO CG   C  N N 427 
PRO CD   C  N N 428 
PRO OXT  O  N N 429 
PRO H    H  N N 430 
PRO HA   H  N N 431 
PRO HB2  H  N N 432 
PRO HB3  H  N N 433 
PRO HG2  H  N N 434 
PRO HG3  H  N N 435 
PRO HD2  H  N N 436 
PRO HD3  H  N N 437 
PRO HXT  H  N N 438 
SER N    N  N N 439 
SER CA   C  N S 440 
SER C    C  N N 441 
SER O    O  N N 442 
SER CB   C  N N 443 
SER OG   O  N N 444 
SER OXT  O  N N 445 
SER H    H  N N 446 
SER H2   H  N N 447 
SER HA   H  N N 448 
SER HB2  H  N N 449 
SER HB3  H  N N 450 
SER HG   H  N N 451 
SER HXT  H  N N 452 
SO4 S    S  N N 453 
SO4 O1   O  N N 454 
SO4 O2   O  N N 455 
SO4 O3   O  N N 456 
SO4 O4   O  N N 457 
THR N    N  N N 458 
THR CA   C  N S 459 
THR C    C  N N 460 
THR O    O  N N 461 
THR CB   C  N R 462 
THR OG1  O  N N 463 
THR CG2  C  N N 464 
THR OXT  O  N N 465 
THR H    H  N N 466 
THR H2   H  N N 467 
THR HA   H  N N 468 
THR HB   H  N N 469 
THR HG1  H  N N 470 
THR HG21 H  N N 471 
THR HG22 H  N N 472 
THR HG23 H  N N 473 
THR HXT  H  N N 474 
TRP N    N  N N 475 
TRP CA   C  N S 476 
TRP C    C  N N 477 
TRP O    O  N N 478 
TRP CB   C  N N 479 
TRP CG   C  Y N 480 
TRP CD1  C  Y N 481 
TRP CD2  C  Y N 482 
TRP NE1  N  Y N 483 
TRP CE2  C  Y N 484 
TRP CE3  C  Y N 485 
TRP CZ2  C  Y N 486 
TRP CZ3  C  Y N 487 
TRP CH2  C  Y N 488 
TRP OXT  O  N N 489 
TRP H    H  N N 490 
TRP H2   H  N N 491 
TRP HA   H  N N 492 
TRP HB2  H  N N 493 
TRP HB3  H  N N 494 
TRP HD1  H  N N 495 
TRP HE1  H  N N 496 
TRP HE3  H  N N 497 
TRP HZ2  H  N N 498 
TRP HZ3  H  N N 499 
TRP HH2  H  N N 500 
TRP HXT  H  N N 501 
TYR N    N  N N 502 
TYR CA   C  N S 503 
TYR C    C  N N 504 
TYR O    O  N N 505 
TYR CB   C  N N 506 
TYR CG   C  Y N 507 
TYR CD1  C  Y N 508 
TYR CD2  C  Y N 509 
TYR CE1  C  Y N 510 
TYR CE2  C  Y N 511 
TYR CZ   C  Y N 512 
TYR OH   O  N N 513 
TYR OXT  O  N N 514 
TYR H    H  N N 515 
TYR H2   H  N N 516 
TYR HA   H  N N 517 
TYR HB2  H  N N 518 
TYR HB3  H  N N 519 
TYR HD1  H  N N 520 
TYR HD2  H  N N 521 
TYR HE1  H  N N 522 
TYR HE2  H  N N 523 
TYR HH   H  N N 524 
TYR HXT  H  N N 525 
VAL N    N  N N 526 
VAL CA   C  N S 527 
VAL C    C  N N 528 
VAL O    O  N N 529 
VAL CB   C  N N 530 
VAL CG1  C  N N 531 
VAL CG2  C  N N 532 
VAL OXT  O  N N 533 
VAL H    H  N N 534 
VAL H2   H  N N 535 
VAL HA   H  N N 536 
VAL HB   H  N N 537 
VAL HG11 H  N N 538 
VAL HG12 H  N N 539 
VAL HG13 H  N N 540 
VAL HG21 H  N N 541 
VAL HG22 H  N N 542 
VAL HG23 H  N N 543 
VAL HXT  H  N N 544 
# 
loop_
_chem_comp_bond.comp_id 
_chem_comp_bond.atom_id_1 
_chem_comp_bond.atom_id_2 
_chem_comp_bond.value_order 
_chem_comp_bond.pdbx_aromatic_flag 
_chem_comp_bond.pdbx_stereo_config 
_chem_comp_bond.pdbx_ordinal 
ALA N   CA   sing N N 1   
ALA N   H    sing N N 2   
ALA N   H2   sing N N 3   
ALA CA  C    sing N N 4   
ALA CA  CB   sing N N 5   
ALA CA  HA   sing N N 6   
ALA C   O    doub N N 7   
ALA C   OXT  sing N N 8   
ALA CB  HB1  sing N N 9   
ALA CB  HB2  sing N N 10  
ALA CB  HB3  sing N N 11  
ALA OXT HXT  sing N N 12  
ARG N   CA   sing N N 13  
ARG N   H    sing N N 14  
ARG N   H2   sing N N 15  
ARG CA  C    sing N N 16  
ARG CA  CB   sing N N 17  
ARG CA  HA   sing N N 18  
ARG C   O    doub N N 19  
ARG C   OXT  sing N N 20  
ARG CB  CG   sing N N 21  
ARG CB  HB2  sing N N 22  
ARG CB  HB3  sing N N 23  
ARG CG  CD   sing N N 24  
ARG CG  HG2  sing N N 25  
ARG CG  HG3  sing N N 26  
ARG CD  NE   sing N N 27  
ARG CD  HD2  sing N N 28  
ARG CD  HD3  sing N N 29  
ARG NE  CZ   sing N N 30  
ARG NE  HE   sing N N 31  
ARG CZ  NH1  sing N N 32  
ARG CZ  NH2  doub N N 33  
ARG NH1 HH11 sing N N 34  
ARG NH1 HH12 sing N N 35  
ARG NH2 HH21 sing N N 36  
ARG NH2 HH22 sing N N 37  
ARG OXT HXT  sing N N 38  
ASN N   CA   sing N N 39  
ASN N   H    sing N N 40  
ASN N   H2   sing N N 41  
ASN CA  C    sing N N 42  
ASN CA  CB   sing N N 43  
ASN CA  HA   sing N N 44  
ASN C   O    doub N N 45  
ASN C   OXT  sing N N 46  
ASN CB  CG   sing N N 47  
ASN CB  HB2  sing N N 48  
ASN CB  HB3  sing N N 49  
ASN CG  OD1  doub N N 50  
ASN CG  ND2  sing N N 51  
ASN ND2 HD21 sing N N 52  
ASN ND2 HD22 sing N N 53  
ASN OXT HXT  sing N N 54  
ASP N   CA   sing N N 55  
ASP N   H    sing N N 56  
ASP N   H2   sing N N 57  
ASP CA  C    sing N N 58  
ASP CA  CB   sing N N 59  
ASP CA  HA   sing N N 60  
ASP C   O    doub N N 61  
ASP C   OXT  sing N N 62  
ASP CB  CG   sing N N 63  
ASP CB  HB2  sing N N 64  
ASP CB  HB3  sing N N 65  
ASP CG  OD1  doub N N 66  
ASP CG  OD2  sing N N 67  
ASP OD2 HD2  sing N N 68  
ASP OXT HXT  sing N N 69  
BDF C1  C2   sing N N 70  
BDF C1  O1   sing N N 71  
BDF C1  H11  sing N N 72  
BDF C1  H12  sing N N 73  
BDF C2  C3   sing N N 74  
BDF C2  O2   sing N N 75  
BDF C2  O6   sing N N 76  
BDF C3  C4   sing N N 77  
BDF C3  O3   sing N N 78  
BDF C3  H3   sing N N 79  
BDF C4  C5   sing N N 80  
BDF C4  O4   sing N N 81  
BDF C4  H4   sing N N 82  
BDF C5  C6   sing N N 83  
BDF C5  O5   sing N N 84  
BDF C5  H5   sing N N 85  
BDF C6  O6   sing N N 86  
BDF C6  H61  sing N N 87  
BDF C6  H62  sing N N 88  
BDF O1  HO1  sing N N 89  
BDF O2  HO2  sing N N 90  
BDF O3  HO3  sing N N 91  
BDF O4  HO4  sing N N 92  
BDF O5  HO5  sing N N 93  
CYS N   CA   sing N N 94  
CYS N   H    sing N N 95  
CYS N   H2   sing N N 96  
CYS CA  C    sing N N 97  
CYS CA  CB   sing N N 98  
CYS CA  HA   sing N N 99  
CYS C   O    doub N N 100 
CYS C   OXT  sing N N 101 
CYS CB  SG   sing N N 102 
CYS CB  HB2  sing N N 103 
CYS CB  HB3  sing N N 104 
CYS SG  HG   sing N N 105 
CYS OXT HXT  sing N N 106 
EVB O11 S64  doub N N 107 
EVB O9  S64  doub N N 108 
EVB S64 O10  sing N N 109 
EVB S64 C48  sing N N 110 
EVB O12 S65  doub N N 111 
EVB O13 S65  doub N N 112 
EVB C49 C48  doub Y N 113 
EVB C49 C44  sing Y N 114 
EVB C48 C47  sing Y N 115 
EVB C42 C44  sing N N 116 
EVB C42 C32  sing N N 117 
EVB S65 C34  sing N N 118 
EVB S65 O14  sing N N 119 
EVB C33 C34  doub Y N 120 
EVB C33 C32  sing Y N 121 
EVB C44 C45  doub Y N 122 
EVB C34 C35  sing Y N 123 
EVB C32 C31  doub Y N 124 
EVB O15 S66  doub N N 125 
EVB C47 C46  doub Y N 126 
EVB O17 S66  doub N N 127 
EVB C45 C46  sing Y N 128 
EVB C45 O1   sing N N 129 
EVB C35 C30  doub Y N 130 
EVB C31 O2   sing N N 131 
EVB C31 C30  sing Y N 132 
EVB S66 C26  sing N N 133 
EVB S66 O16  sing N N 134 
EVB C46 C72  sing N N 135 
EVB O32 S71  doub N N 136 
EVB C27 C26  doub Y N 137 
EVB C27 C22  sing Y N 138 
EVB C14 C22  sing N N 139 
EVB C14 C12  sing N N 140 
EVB C26 C25  sing Y N 141 
EVB C22 C23  doub Y N 142 
EVB C30 C28  sing N N 143 
EVB O30 S71  doub N N 144 
EVB C25 C24  doub Y N 145 
EVB C23 C24  sing Y N 146 
EVB C23 O3   sing N N 147 
EVB C24 C28  sing N N 148 
EVB S71 C52  sing N N 149 
EVB S71 O31  sing N N 150 
EVB C53 C52  doub Y N 151 
EVB C53 C54  sing Y N 152 
EVB C12 C11  doub Y N 153 
EVB C12 C13  sing Y N 154 
EVB C52 C51  sing Y N 155 
EVB C72 C54  sing N N 156 
EVB O19 S67  doub N N 157 
EVB C54 C55  doub Y N 158 
EVB C11 C10  sing Y N 159 
EVB C51 C50  doub Y N 160 
EVB C55 C50  sing Y N 161 
EVB C55 O8   sing N N 162 
EVB C50 C43  sing N N 163 
EVB O4  C13  sing N N 164 
EVB O23 S68  doub N N 165 
EVB C43 C40  sing N N 166 
EVB C13 C8   doub Y N 167 
EVB C15 C4   sing N N 168 
EVB C15 C16  sing N N 169 
EVB C10 S67  sing N N 170 
EVB C10 C9   doub Y N 171 
EVB S67 O18  doub N N 172 
EVB S67 O20  sing N N 173 
EVB C4  C5   doub Y N 174 
EVB C4  C3   sing Y N 175 
EVB C5  C6   sing Y N 176 
EVB O5  C3   sing N N 177 
EVB O7  C41  sing N N 178 
EVB C3  C2   doub Y N 179 
EVB C8  C9   sing Y N 180 
EVB C8  C7   sing N N 181 
EVB C16 C17  doub Y N 182 
EVB C16 C21  sing Y N 183 
EVB C6  S68  sing N N 184 
EVB C6  C1   doub Y N 185 
EVB S68 O22  doub N N 186 
EVB S68 O21  sing N N 187 
EVB O6  C21  sing N N 188 
EVB C40 C41  doub Y N 189 
EVB C40 C39  sing Y N 190 
EVB C2  C1   sing Y N 191 
EVB C2  C7   sing N N 192 
EVB C17 C18  sing Y N 193 
EVB C21 C20  doub Y N 194 
EVB C41 C36  sing Y N 195 
EVB O26 S69  doub N N 196 
EVB C39 C38  doub Y N 197 
EVB C18 S69  sing N N 198 
EVB C18 C19  doub Y N 199 
EVB C20 C19  sing Y N 200 
EVB C20 C29  sing N N 201 
EVB S69 O24  doub N N 202 
EVB S69 O25  sing N N 203 
EVB C36 C29  sing N N 204 
EVB C36 C37  doub Y N 205 
EVB C38 C37  sing Y N 206 
EVB C38 S70  sing N N 207 
EVB O29 S70  doub N N 208 
EVB S70 O27  doub N N 209 
EVB S70 O28  sing N N 210 
EVB C11 H1   sing N N 211 
EVB C14 H2   sing N N 212 
EVB C14 H3   sing N N 213 
EVB C15 H4   sing N N 214 
EVB C15 H5   sing N N 215 
EVB C17 H6   sing N N 216 
EVB C19 H7   sing N N 217 
EVB C1  H8   sing N N 218 
EVB C5  H9   sing N N 219 
EVB C7  H10  sing N N 220 
EVB C7  H11  sing N N 221 
EVB C9  H12  sing N N 222 
EVB C25 H13  sing N N 223 
EVB C27 H14  sing N N 224 
EVB C28 H15  sing N N 225 
EVB C28 H16  sing N N 226 
EVB C29 H17  sing N N 227 
EVB C29 H18  sing N N 228 
EVB C33 H19  sing N N 229 
EVB C35 H20  sing N N 230 
EVB C37 H21  sing N N 231 
EVB C39 H22  sing N N 232 
EVB C42 H23  sing N N 233 
EVB C42 H24  sing N N 234 
EVB C43 H25  sing N N 235 
EVB C43 H26  sing N N 236 
EVB C47 H27  sing N N 237 
EVB C49 H28  sing N N 238 
EVB C51 H29  sing N N 239 
EVB C53 H30  sing N N 240 
EVB O1  H31  sing N N 241 
EVB O2  H32  sing N N 242 
EVB O3  H33  sing N N 243 
EVB O4  H34  sing N N 244 
EVB O5  H35  sing N N 245 
EVB O6  H36  sing N N 246 
EVB O7  H37  sing N N 247 
EVB O8  H38  sing N N 248 
EVB C72 H39  sing N N 249 
EVB C72 H40  sing N N 250 
EVB O14 H41  sing N N 251 
EVB O16 H42  sing N N 252 
EVB O20 H43  sing N N 253 
EVB O21 H44  sing N N 254 
EVB O10 H45  sing N N 255 
EVB O31 H46  sing N N 256 
EVB O28 H47  sing N N 257 
EVB O25 H48  sing N N 258 
GLN N   CA   sing N N 259 
GLN N   H    sing N N 260 
GLN N   H2   sing N N 261 
GLN CA  C    sing N N 262 
GLN CA  CB   sing N N 263 
GLN CA  HA   sing N N 264 
GLN C   O    doub N N 265 
GLN C   OXT  sing N N 266 
GLN CB  CG   sing N N 267 
GLN CB  HB2  sing N N 268 
GLN CB  HB3  sing N N 269 
GLN CG  CD   sing N N 270 
GLN CG  HG2  sing N N 271 
GLN CG  HG3  sing N N 272 
GLN CD  OE1  doub N N 273 
GLN CD  NE2  sing N N 274 
GLN NE2 HE21 sing N N 275 
GLN NE2 HE22 sing N N 276 
GLN OXT HXT  sing N N 277 
GLU N   CA   sing N N 278 
GLU N   H    sing N N 279 
GLU N   H2   sing N N 280 
GLU CA  C    sing N N 281 
GLU CA  CB   sing N N 282 
GLU CA  HA   sing N N 283 
GLU C   O    doub N N 284 
GLU C   OXT  sing N N 285 
GLU CB  CG   sing N N 286 
GLU CB  HB2  sing N N 287 
GLU CB  HB3  sing N N 288 
GLU CG  CD   sing N N 289 
GLU CG  HG2  sing N N 290 
GLU CG  HG3  sing N N 291 
GLU CD  OE1  doub N N 292 
GLU CD  OE2  sing N N 293 
GLU OE2 HE2  sing N N 294 
GLU OXT HXT  sing N N 295 
GLY N   CA   sing N N 296 
GLY N   H    sing N N 297 
GLY N   H2   sing N N 298 
GLY CA  C    sing N N 299 
GLY CA  HA2  sing N N 300 
GLY CA  HA3  sing N N 301 
GLY C   O    doub N N 302 
GLY C   OXT  sing N N 303 
GLY OXT HXT  sing N N 304 
HIS N   CA   sing N N 305 
HIS N   H    sing N N 306 
HIS N   H2   sing N N 307 
HIS CA  C    sing N N 308 
HIS CA  CB   sing N N 309 
HIS CA  HA   sing N N 310 
HIS C   O    doub N N 311 
HIS C   OXT  sing N N 312 
HIS CB  CG   sing N N 313 
HIS CB  HB2  sing N N 314 
HIS CB  HB3  sing N N 315 
HIS CG  ND1  sing Y N 316 
HIS CG  CD2  doub Y N 317 
HIS ND1 CE1  doub Y N 318 
HIS ND1 HD1  sing N N 319 
HIS CD2 NE2  sing Y N 320 
HIS CD2 HD2  sing N N 321 
HIS CE1 NE2  sing Y N 322 
HIS CE1 HE1  sing N N 323 
HIS NE2 HE2  sing N N 324 
HIS OXT HXT  sing N N 325 
HOH O   H1   sing N N 326 
HOH O   H2   sing N N 327 
ILE N   CA   sing N N 328 
ILE N   H    sing N N 329 
ILE N   H2   sing N N 330 
ILE CA  C    sing N N 331 
ILE CA  CB   sing N N 332 
ILE CA  HA   sing N N 333 
ILE C   O    doub N N 334 
ILE C   OXT  sing N N 335 
ILE CB  CG1  sing N N 336 
ILE CB  CG2  sing N N 337 
ILE CB  HB   sing N N 338 
ILE CG1 CD1  sing N N 339 
ILE CG1 HG12 sing N N 340 
ILE CG1 HG13 sing N N 341 
ILE CG2 HG21 sing N N 342 
ILE CG2 HG22 sing N N 343 
ILE CG2 HG23 sing N N 344 
ILE CD1 HD11 sing N N 345 
ILE CD1 HD12 sing N N 346 
ILE CD1 HD13 sing N N 347 
ILE OXT HXT  sing N N 348 
LEU N   CA   sing N N 349 
LEU N   H    sing N N 350 
LEU N   H2   sing N N 351 
LEU CA  C    sing N N 352 
LEU CA  CB   sing N N 353 
LEU CA  HA   sing N N 354 
LEU C   O    doub N N 355 
LEU C   OXT  sing N N 356 
LEU CB  CG   sing N N 357 
LEU CB  HB2  sing N N 358 
LEU CB  HB3  sing N N 359 
LEU CG  CD1  sing N N 360 
LEU CG  CD2  sing N N 361 
LEU CG  HG   sing N N 362 
LEU CD1 HD11 sing N N 363 
LEU CD1 HD12 sing N N 364 
LEU CD1 HD13 sing N N 365 
LEU CD2 HD21 sing N N 366 
LEU CD2 HD22 sing N N 367 
LEU CD2 HD23 sing N N 368 
LEU OXT HXT  sing N N 369 
LYS N   CA   sing N N 370 
LYS N   H    sing N N 371 
LYS N   H2   sing N N 372 
LYS CA  C    sing N N 373 
LYS CA  CB   sing N N 374 
LYS CA  HA   sing N N 375 
LYS C   O    doub N N 376 
LYS C   OXT  sing N N 377 
LYS CB  CG   sing N N 378 
LYS CB  HB2  sing N N 379 
LYS CB  HB3  sing N N 380 
LYS CG  CD   sing N N 381 
LYS CG  HG2  sing N N 382 
LYS CG  HG3  sing N N 383 
LYS CD  CE   sing N N 384 
LYS CD  HD2  sing N N 385 
LYS CD  HD3  sing N N 386 
LYS CE  NZ   sing N N 387 
LYS CE  HE2  sing N N 388 
LYS CE  HE3  sing N N 389 
LYS NZ  HZ1  sing N N 390 
LYS NZ  HZ2  sing N N 391 
LYS NZ  HZ3  sing N N 392 
LYS OXT HXT  sing N N 393 
PHE N   CA   sing N N 394 
PHE N   H    sing N N 395 
PHE N   H2   sing N N 396 
PHE CA  C    sing N N 397 
PHE CA  CB   sing N N 398 
PHE CA  HA   sing N N 399 
PHE C   O    doub N N 400 
PHE C   OXT  sing N N 401 
PHE CB  CG   sing N N 402 
PHE CB  HB2  sing N N 403 
PHE CB  HB3  sing N N 404 
PHE CG  CD1  doub Y N 405 
PHE CG  CD2  sing Y N 406 
PHE CD1 CE1  sing Y N 407 
PHE CD1 HD1  sing N N 408 
PHE CD2 CE2  doub Y N 409 
PHE CD2 HD2  sing N N 410 
PHE CE1 CZ   doub Y N 411 
PHE CE1 HE1  sing N N 412 
PHE CE2 CZ   sing Y N 413 
PHE CE2 HE2  sing N N 414 
PHE CZ  HZ   sing N N 415 
PHE OXT HXT  sing N N 416 
PRO N   CA   sing N N 417 
PRO N   CD   sing N N 418 
PRO N   H    sing N N 419 
PRO CA  C    sing N N 420 
PRO CA  CB   sing N N 421 
PRO CA  HA   sing N N 422 
PRO C   O    doub N N 423 
PRO C   OXT  sing N N 424 
PRO CB  CG   sing N N 425 
PRO CB  HB2  sing N N 426 
PRO CB  HB3  sing N N 427 
PRO CG  CD   sing N N 428 
PRO CG  HG2  sing N N 429 
PRO CG  HG3  sing N N 430 
PRO CD  HD2  sing N N 431 
PRO CD  HD3  sing N N 432 
PRO OXT HXT  sing N N 433 
SER N   CA   sing N N 434 
SER N   H    sing N N 435 
SER N   H2   sing N N 436 
SER CA  C    sing N N 437 
SER CA  CB   sing N N 438 
SER CA  HA   sing N N 439 
SER C   O    doub N N 440 
SER C   OXT  sing N N 441 
SER CB  OG   sing N N 442 
SER CB  HB2  sing N N 443 
SER CB  HB3  sing N N 444 
SER OG  HG   sing N N 445 
SER OXT HXT  sing N N 446 
SO4 S   O1   doub N N 447 
SO4 S   O2   doub N N 448 
SO4 S   O3   sing N N 449 
SO4 S   O4   sing N N 450 
THR N   CA   sing N N 451 
THR N   H    sing N N 452 
THR N   H2   sing N N 453 
THR CA  C    sing N N 454 
THR CA  CB   sing N N 455 
THR CA  HA   sing N N 456 
THR C   O    doub N N 457 
THR C   OXT  sing N N 458 
THR CB  OG1  sing N N 459 
THR CB  CG2  sing N N 460 
THR CB  HB   sing N N 461 
THR OG1 HG1  sing N N 462 
THR CG2 HG21 sing N N 463 
THR CG2 HG22 sing N N 464 
THR CG2 HG23 sing N N 465 
THR OXT HXT  sing N N 466 
TRP N   CA   sing N N 467 
TRP N   H    sing N N 468 
TRP N   H2   sing N N 469 
TRP CA  C    sing N N 470 
TRP CA  CB   sing N N 471 
TRP CA  HA   sing N N 472 
TRP C   O    doub N N 473 
TRP C   OXT  sing N N 474 
TRP CB  CG   sing N N 475 
TRP CB  HB2  sing N N 476 
TRP CB  HB3  sing N N 477 
TRP CG  CD1  doub Y N 478 
TRP CG  CD2  sing Y N 479 
TRP CD1 NE1  sing Y N 480 
TRP CD1 HD1  sing N N 481 
TRP CD2 CE2  doub Y N 482 
TRP CD2 CE3  sing Y N 483 
TRP NE1 CE2  sing Y N 484 
TRP NE1 HE1  sing N N 485 
TRP CE2 CZ2  sing Y N 486 
TRP CE3 CZ3  doub Y N 487 
TRP CE3 HE3  sing N N 488 
TRP CZ2 CH2  doub Y N 489 
TRP CZ2 HZ2  sing N N 490 
TRP CZ3 CH2  sing Y N 491 
TRP CZ3 HZ3  sing N N 492 
TRP CH2 HH2  sing N N 493 
TRP OXT HXT  sing N N 494 
TYR N   CA   sing N N 495 
TYR N   H    sing N N 496 
TYR N   H2   sing N N 497 
TYR CA  C    sing N N 498 
TYR CA  CB   sing N N 499 
TYR CA  HA   sing N N 500 
TYR C   O    doub N N 501 
TYR C   OXT  sing N N 502 
TYR CB  CG   sing N N 503 
TYR CB  HB2  sing N N 504 
TYR CB  HB3  sing N N 505 
TYR CG  CD1  doub Y N 506 
TYR CG  CD2  sing Y N 507 
TYR CD1 CE1  sing Y N 508 
TYR CD1 HD1  sing N N 509 
TYR CD2 CE2  doub Y N 510 
TYR CD2 HD2  sing N N 511 
TYR CE1 CZ   doub Y N 512 
TYR CE1 HE1  sing N N 513 
TYR CE2 CZ   sing Y N 514 
TYR CE2 HE2  sing N N 515 
TYR CZ  OH   sing N N 516 
TYR OH  HH   sing N N 517 
TYR OXT HXT  sing N N 518 
VAL N   CA   sing N N 519 
VAL N   H    sing N N 520 
VAL N   H2   sing N N 521 
VAL CA  C    sing N N 522 
VAL CA  CB   sing N N 523 
VAL CA  HA   sing N N 524 
VAL C   O    doub N N 525 
VAL C   OXT  sing N N 526 
VAL CB  CG1  sing N N 527 
VAL CB  CG2  sing N N 528 
VAL CB  HB   sing N N 529 
VAL CG1 HG11 sing N N 530 
VAL CG1 HG12 sing N N 531 
VAL CG1 HG13 sing N N 532 
VAL CG2 HG21 sing N N 533 
VAL CG2 HG22 sing N N 534 
VAL CG2 HG23 sing N N 535 
VAL OXT HXT  sing N N 536 
# 
_pdbx_audit_support.funding_organization   'Science Foundation Ireland' 
_pdbx_audit_support.country                Ireland 
_pdbx_audit_support.grant_number           13/CDA/2168 
_pdbx_audit_support.ordinal                1 
# 
_pdbx_entity_instance_feature.ordinal        1 
_pdbx_entity_instance_feature.comp_id        EVB 
_pdbx_entity_instance_feature.asym_id        ? 
_pdbx_entity_instance_feature.seq_num        ? 
_pdbx_entity_instance_feature.auth_comp_id   EVB 
_pdbx_entity_instance_feature.auth_asym_id   ? 
_pdbx_entity_instance_feature.auth_seq_num   ? 
_pdbx_entity_instance_feature.feature_type   'SUBJECT OF INVESTIGATION' 
_pdbx_entity_instance_feature.details        ? 
# 
_pdbx_initial_refinement_model.id               1 
_pdbx_initial_refinement_model.entity_id_list   ? 
_pdbx_initial_refinement_model.type             'experimental model' 
_pdbx_initial_refinement_model.source_name      PDB 
_pdbx_initial_refinement_model.accession_code   2BT9 
_pdbx_initial_refinement_model.details          ? 
# 
_atom_sites.entry_id                    6Z5X 
_atom_sites.Cartn_transf_matrix[1][1]   ? 
_atom_sites.Cartn_transf_matrix[1][2]   ? 
_atom_sites.Cartn_transf_matrix[1][3]   ? 
_atom_sites.Cartn_transf_matrix[2][1]   ? 
_atom_sites.Cartn_transf_matrix[2][2]   ? 
_atom_sites.Cartn_transf_matrix[2][3]   ? 
_atom_sites.Cartn_transf_matrix[3][1]   ? 
_atom_sites.Cartn_transf_matrix[3][2]   ? 
_atom_sites.Cartn_transf_matrix[3][3]   ? 
_atom_sites.Cartn_transf_vector[1]      ? 
_atom_sites.Cartn_transf_vector[2]      ? 
_atom_sites.Cartn_transf_vector[3]      ? 
_atom_sites.fract_transf_matrix[1][1]   0.00954373 
_atom_sites.fract_transf_matrix[1][2]   0.01232787 
_atom_sites.fract_transf_matrix[1][3]   -0.00080262 
_atom_sites.fract_transf_matrix[2][1]   0.00230592 
_atom_sites.fract_transf_matrix[2][2]   -0.00078121 
_atom_sites.fract_transf_matrix[2][3]   0.01541998 
_atom_sites.fract_transf_matrix[3][1]   0.01213686 
_atom_sites.fract_transf_matrix[3][2]   -0.00954551 
_atom_sites.fract_transf_matrix[3][3]   -0.00229855 
_atom_sites.fract_transf_vector[1]      0.082434 
_atom_sites.fract_transf_vector[2]      -0.133351 
_atom_sites.fract_transf_vector[3]      0.071041 
_atom_sites.solution_primary            ? 
_atom_sites.solution_secondary          ? 
_atom_sites.solution_hydrogens          ? 
_atom_sites.special_details             ? 
# 
loop_
_atom_type.symbol 
C  
N  
NA 
O  
S  
# 
loop_
_atom_site.group_PDB 
_atom_site.id 
_atom_site.type_symbol 
_atom_site.label_atom_id 
_atom_site.label_alt_id 
_atom_site.label_comp_id 
_atom_site.label_asym_id 
_atom_site.label_entity_id 
_atom_site.label_seq_id 
_atom_site.pdbx_PDB_ins_code 
_atom_site.Cartn_x 
_atom_site.Cartn_y 
_atom_site.Cartn_z 
_atom_site.occupancy 
_atom_site.B_iso_or_equiv 
_atom_site.pdbx_formal_charge 
_atom_site.auth_seq_id 
_atom_site.auth_comp_id 
_atom_site.auth_asym_id 
_atom_site.auth_atom_id 
_atom_site.pdbx_PDB_model_num 
ATOM   1   N  N   . SER A 1 2  ? 11.561  -6.100  14.414  1.00 42.76 ? 2   SER A N   1 
ATOM   2   C  CA  . SER A 1 2  ? 11.353  -6.950  13.248  1.00 37.87 ? 2   SER A CA  1 
ATOM   3   C  C   . SER A 1 2  ? 10.816  -6.127  12.086  1.00 25.94 ? 2   SER A C   1 
ATOM   4   O  O   . SER A 1 2  ? 10.608  -4.918  12.212  1.00 24.75 ? 2   SER A O   1 
ATOM   5   C  CB  . SER A 1 2  ? 10.359  -8.068  13.573  1.00 33.82 ? 2   SER A CB  1 
ATOM   6   O  OG  . SER A 1 2  ? 9.036   -7.563  13.680  1.00 30.16 ? 2   SER A OG  1 
ATOM   7   N  N   . VAL A 1 3  ? 10.599  -6.782  10.943  1.00 23.97 ? 3   VAL A N   1 
ATOM   8   C  CA  . VAL A 1 3  ? 9.873   -6.114  9.875   1.00 18.16 ? 3   VAL A CA  1 
ATOM   9   C  C   . VAL A 1 3  ? 8.453   -5.821  10.342  1.00 14.51 ? 3   VAL A C   1 
ATOM   10  O  O   . VAL A 1 3  ? 7.912   -6.470  11.243  1.00 17.82 ? 3   VAL A O   1 
ATOM   11  C  CB  . VAL A 1 3  ? 9.887   -6.920  8.565   1.00 18.25 ? 3   VAL A CB  1 
ATOM   12  C  CG1 . VAL A 1 3  ? 11.321  -7.208  8.139   1.00 21.02 ? 3   VAL A CG1 1 
ATOM   13  C  CG2 . VAL A 1 3  ? 9.082   -8.202  8.714   1.00 18.35 ? 3   VAL A CG2 1 
ATOM   14  N  N   . GLN A 1 4  ? 7.852   -4.812  9.731   1.00 12.50 ? 4   GLN A N   1 
ATOM   15  C  CA  . GLN A 1 4  ? 6.535   -4.346  10.128  1.00 11.89 ? 4   GLN A CA  1 
ATOM   16  C  C   . GLN A 1 4  ? 5.635   -4.358  8.903   1.00 10.66 ? 4   GLN A C   1 
ATOM   17  O  O   . GLN A 1 4  ? 6.048   -3.936  7.821   1.00 12.23 ? 4   GLN A O   1 
ATOM   18  C  CB  . GLN A 1 4  ? 6.657   -2.936  10.726  1.00 15.21 ? 4   GLN A CB  1 
ATOM   19  C  CG  . GLN A 1 4  ? 5.362   -2.326  11.205  1.00 17.56 ? 4   GLN A CG  1 
ATOM   20  C  CD  . GLN A 1 4  ? 4.737   -1.461  10.138  1.00 15.44 ? 4   GLN A CD  1 
ATOM   21  O  OE1 . GLN A 1 4  ? 5.433   -0.743  9.423   1.00 15.64 ? 4   GLN A OE1 1 
ATOM   22  N  NE2 . GLN A 1 4  ? 3.421   -1.550  9.995   1.00 17.18 ? 4   GLN A NE2 1 
ATOM   23  N  N   . THR A 1 5  ? 4.405   -4.853  9.059   1.00 9.91  ? 5   THR A N   1 
ATOM   24  C  CA  . THR A 1 5  ? 3.515   -4.997  7.918   1.00 9.25  ? 5   THR A CA  1 
ATOM   25  C  C   . THR A 1 5  ? 2.197   -4.264  8.118   1.00 8.72  ? 5   THR A C   1 
ATOM   26  O  O   . THR A 1 5  ? 1.812   -3.907  9.233   1.00 9.95  ? 5   THR A O   1 
ATOM   27  C  CB  . THR A 1 5  ? 3.208   -6.467  7.587   1.00 9.29  ? 5   THR A CB  1 
ATOM   28  O  OG1 . THR A 1 5  ? 2.422   -7.051  8.634   1.00 10.46 ? 5   THR A OG1 1 
ATOM   29  C  CG2 . THR A 1 5  ? 4.492   -7.268  7.396   1.00 10.80 ? 5   THR A CG2 1 
ATOM   30  N  N   . ALA A 1 6  ? 1.512   -4.076  6.997   1.00 8.68  ? 6   ALA A N   1 
ATOM   31  C  CA  . ALA A 1 6  ? 0.163   -3.537  6.946   1.00 7.90  ? 6   ALA A CA  1 
ATOM   32  C  C   . ALA A 1 6  ? -0.556  -4.247  5.809   1.00 7.72  ? 6   ALA A C   1 
ATOM   33  O  O   . ALA A 1 6  ? 0.059   -4.590  4.797   1.00 9.93  ? 6   ALA A O   1 
ATOM   34  C  CB  . ALA A 1 6  ? 0.186   -2.024  6.695   1.00 10.04 ? 6   ALA A CB  1 
ATOM   35  N  N   . ALA A 1 7  ? -1.860  -4.474  5.972   1.00 7.39  ? 7   ALA A N   1 
ATOM   36  C  CA  . ALA A 1 7  ? -2.602  -5.273  5.009   1.00 7.94  ? 7   ALA A CA  1 
ATOM   37  C  C   . ALA A 1 7  ? -3.960  -4.658  4.732   1.00 6.61  ? 7   ALA A C   1 
ATOM   38  O  O   . ALA A 1 7  ? -4.572  -4.055  5.611   1.00 7.66  ? 7   ALA A O   1 
ATOM   39  C  CB  . ALA A 1 7  ? -2.796  -6.707  5.508   1.00 10.12 ? 7   ALA A CB  1 
ATOM   40  N  N   . THR A 1 8  ? -4.444  -4.857  3.509   1.00 7.59  ? 8   THR A N   1 
ATOM   41  C  CA  . THR A 1 8  ? -5.784  -4.440  3.120   1.00 7.35  ? 8   THR A CA  1 
ATOM   42  C  C   . THR A 1 8  ? -6.309  -5.445  2.105   1.00 6.47  ? 8   THR A C   1 
ATOM   43  O  O   . THR A 1 8  ? -5.536  -6.209  1.523   1.00 8.06  ? 8   THR A O   1 
ATOM   44  C  CB  . THR A 1 8  ? -5.783  -3.002  2.572   1.00 7.81  ? 8   THR A CB  1 
ATOM   45  O  OG1 . THR A 1 8  ? -7.130  -2.524  2.453   1.00 9.05  ? 8   THR A OG1 1 
ATOM   46  C  CG2 . THR A 1 8  ? -5.106  -2.915  1.218   1.00 8.96  ? 8   THR A CG2 1 
ATOM   47  N  N   . SER A 1 9  ? -7.629  -5.465  1.907   1.00 7.22  ? 9   SER A N   1 
ATOM   48  C  CA  . SER A 1 9  ? -8.231  -6.418  0.979   1.00 7.15  ? 9   SER A CA  1 
ATOM   49  C  C   . SER A 1 9  ? -9.529  -5.846  0.433   1.00 7.61  ? 9   SER A C   1 
ATOM   50  O  O   . SER A 1 9  ? -10.148 -4.983  1.058   1.00 7.95  ? 9   SER A O   1 
ATOM   51  C  CB  . SER A 1 9  ? -8.477  -7.772  1.663   1.00 8.17  ? 9   SER A CB  1 
ATOM   52  O  OG  . SER A 1 9  ? -9.332  -7.642  2.785   1.00 8.36  ? 9   SER A OG  1 
ATOM   53  N  N   . TRP A 1 10 ? -9.957  -6.355  -0.725  1.00 7.21  ? 10  TRP A N   1 
ATOM   54  C  CA  . TRP A 1 10 ? -11.192 -5.879  -1.335  1.00 8.42  ? 10  TRP A CA  1 
ATOM   55  C  C   . TRP A 1 10 ? -11.837 -6.955  -2.198  1.00 8.27  ? 10  TRP A C   1 
ATOM   56  O  O   . TRP A 1 10 ? -11.165 -7.832  -2.741  1.00 8.51  ? 10  TRP A O   1 
ATOM   57  C  CB  . TRP A 1 10 ? -10.991 -4.597  -2.150  1.00 9.40  ? 10  TRP A CB  1 
ATOM   58  C  CG  . TRP A 1 10 ? -10.032 -4.679  -3.295  1.00 8.49  ? 10  TRP A CG  1 
ATOM   59  C  CD1 . TRP A 1 10 ? -10.318 -5.022  -4.591  1.00 9.11  ? 10  TRP A CD1 1 
ATOM   60  C  CD2 . TRP A 1 10 ? -8.641  -4.345  -3.269  1.00 8.51  ? 10  TRP A CD2 1 
ATOM   61  N  NE1 . TRP A 1 10 ? -9.185  -4.936  -5.359  1.00 8.56  ? 10  TRP A NE1 1 
ATOM   62  C  CE2 . TRP A 1 10 ? -8.144  -4.517  -4.574  1.00 7.94  ? 10  TRP A CE2 1 
ATOM   63  C  CE3 . TRP A 1 10 ? -7.763  -3.928  -2.265  1.00 8.21  ? 10  TRP A CE3 1 
ATOM   64  C  CZ2 . TRP A 1 10 ? -6.813  -4.297  -4.901  1.00 8.67  ? 10  TRP A CZ2 1 
ATOM   65  C  CZ3 . TRP A 1 10 ? -6.439  -3.691  -2.599  1.00 8.88  ? 10  TRP A CZ3 1 
ATOM   66  C  CH2 . TRP A 1 10 ? -5.979  -3.877  -3.904  1.00 8.93  ? 10  TRP A CH2 1 
ATOM   67  N  N   . GLY A 1 11 ? -13.154 -6.846  -2.350  1.00 9.10  ? 11  GLY A N   1 
ATOM   68  C  CA  . GLY A 1 11 ? -13.918 -7.779  -3.155  1.00 9.89  ? 11  GLY A CA  1 
ATOM   69  C  C   . GLY A 1 11 ? -14.066 -9.125  -2.470  1.00 9.09  ? 11  GLY A C   1 
ATOM   70  O  O   . GLY A 1 11 ? -13.803 -9.295  -1.283  1.00 10.66 ? 11  GLY A O   1 
ATOM   71  N  N   . THR A 1 12 ? -14.514 -10.105 -3.259  1.00 10.32 ? 12  THR A N   1 
ATOM   72  C  CA  . THR A 1 12 ? -14.810 -11.429 -2.729  1.00 10.98 ? 12  THR A CA  1 
ATOM   73  C  C   . THR A 1 12 ? -13.796 -12.484 -3.128  1.00 11.16 ? 12  THR A C   1 
ATOM   74  O  O   . THR A 1 12 ? -13.871 -13.610 -2.626  1.00 11.84 ? 12  THR A O   1 
ATOM   75  C  CB  . THR A 1 12 ? -16.210 -11.906 -3.154  1.00 12.99 ? 12  THR A CB  1 
ATOM   76  O  OG1 . THR A 1 12 ? -16.234 -12.121 -4.573  1.00 14.00 ? 12  THR A OG1 1 
ATOM   77  C  CG2 . THR A 1 12 ? -17.259 -10.881 -2.765  1.00 14.75 ? 12  THR A CG2 1 
ATOM   78  N  N   . VAL A 1 13 ? -12.859 -12.165 -4.008  1.00 10.52 ? 13  VAL A N   1 
ATOM   79  C  CA  . VAL A 1 13 ? -11.843 -13.142 -4.371  1.00 9.77  ? 13  VAL A CA  1 
ATOM   80  C  C   . VAL A 1 13 ? -11.017 -13.610 -3.153  1.00 9.89  ? 13  VAL A C   1 
ATOM   81  O  O   . VAL A 1 13 ? -10.889 -14.811 -2.919  1.00 10.18 ? 13  VAL A O   1 
ATOM   82  C  CB  . VAL A 1 13 ? -10.991 -12.668 -5.563  1.00 10.07 ? 13  VAL A CB  1 
ATOM   83  C  CG1 . VAL A 1 13 ? -9.894  -13.674 -5.865  1.00 11.01 ? 13  VAL A CG1 1 
ATOM   84  C  CG2 . VAL A 1 13 ? -11.871 -12.461 -6.773  1.00 10.76 ? 13  VAL A CG2 1 
ATOM   85  N  N   . PRO A 1 14 ? -10.451 -12.678 -2.368  1.00 8.59  ? 14  PRO A N   1 
ATOM   86  C  CA  . PRO A 1 14 ? -10.360 -11.233 -2.547  1.00 7.99  ? 14  PRO A CA  1 
ATOM   87  C  C   . PRO A 1 14 ? -9.052  -10.887 -3.231  1.00 7.63  ? 14  PRO A C   1 
ATOM   88  O  O   . PRO A 1 14 ? -8.219  -11.756 -3.494  1.00 8.57  ? 14  PRO A O   1 
ATOM   89  C  CB  . PRO A 1 14 ? -10.308 -10.745 -1.109  1.00 8.95  ? 14  PRO A CB  1 
ATOM   90  C  CG  . PRO A 1 14 ? -9.432  -11.758 -0.464  1.00 9.44  ? 14  PRO A CG  1 
ATOM   91  C  CD  . PRO A 1 14 ? -9.803  -13.088 -1.109  1.00 9.91  ? 14  PRO A CD  1 
ATOM   92  N  N   . SER A 1 15 ? -8.871  -9.600  -3.500  1.00 7.76  ? 15  SER A N   1 
ATOM   93  C  CA  . SER A 1 15 ? -7.537  -9.056  -3.689  1.00 7.51  ? 15  SER A CA  1 
ATOM   94  C  C   . SER A 1 15 ? -7.003  -8.650  -2.324  1.00 7.03  ? 15  SER A C   1 
ATOM   95  O  O   . SER A 1 15 ? -7.740  -8.092  -1.506  1.00 8.12  ? 15  SER A O   1 
ATOM   96  C  CB  . SER A 1 15 ? -7.563  -7.842  -4.619  1.00 8.98  ? 15  SER A CB  1 
ATOM   97  O  OG  . SER A 1 15 ? -7.711  -8.228  -5.978  1.00 10.05 ? 15  SER A OG  1 
ATOM   98  N  N   . ILE A 1 16 ? -5.738  -8.967  -2.072  1.00 7.32  ? 16  ILE A N   1 
ATOM   99  C  CA  . ILE A 1 16 ? -5.054  -8.617  -0.836  1.00 7.30  ? 16  ILE A CA  1 
ATOM   100 C  C   . ILE A 1 16 ? -3.783  -7.878  -1.211  1.00 7.28  ? 16  ILE A C   1 
ATOM   101 O  O   . ILE A 1 16 ? -3.110  -8.248  -2.182  1.00 7.70  ? 16  ILE A O   1 
ATOM   102 C  CB  . ILE A 1 16 ? -4.685  -9.861  0.003   1.00 7.77  ? 16  ILE A CB  1 
ATOM   103 C  CG1 . ILE A 1 16 ? -5.874  -10.813 0.167   1.00 8.24  ? 16  ILE A CG1 1 
ATOM   104 C  CG2 . ILE A 1 16 ? -4.100  -9.451  1.357   1.00 8.28  ? 16  ILE A CG2 1 
ATOM   105 C  CD1 . ILE A 1 16 ? -5.500  -12.171 0.798   1.00 9.54  ? 16  ILE A CD1 1 
ATOM   106 N  N   . ARG A 1 17 ? -3.433  -6.857  -0.434  1.00 7.49  ? 17  ARG A N   1 
ATOM   107 C  CA  . ARG A 1 17 ? -2.132  -6.214  -0.549  1.00 7.55  ? 17  ARG A CA  1 
ATOM   108 C  C   . ARG A 1 17 ? -1.507  -6.181  0.833   1.00 7.36  ? 17  ARG A C   1 
ATOM   109 O  O   . ARG A 1 17 ? -2.150  -5.757  1.801   1.00 8.27  ? 17  ARG A O   1 
ATOM   110 C  CB  . ARG A 1 17 ? -2.260  -4.792  -1.083  1.00 8.34  ? 17  ARG A CB  1 
ATOM   111 C  CG  . ARG A 1 17 ? -2.849  -4.702  -2.482  1.00 8.68  ? 17  ARG A CG  1 
ATOM   112 C  CD  . ARG A 1 17 ? -1.935  -5.309  -3.528  1.00 8.84  ? 17  ARG A CD  1 
ATOM   113 N  NE  . ARG A 1 17 ? -2.468  -5.206  -4.886  1.00 9.09  ? 17  ARG A NE  1 
ATOM   114 C  CZ  . ARG A 1 17 ? -3.248  -6.120  -5.467  1.00 8.72  ? 17  ARG A CZ  1 
ATOM   115 N  NH1 . ARG A 1 17 ? -3.631  -7.213  -4.810  1.00 8.57  ? 17  ARG A NH1 1 
ATOM   116 N  NH2 . ARG A 1 17 ? -3.660  -5.942  -6.718  1.00 10.05 ? 17  ARG A NH2 1 
ATOM   117 N  N   . VAL A 1 18 ? -0.260  -6.638  0.920   1.00 7.53  ? 18  VAL A N   1 
ATOM   118 C  CA  . VAL A 1 18 ? 0.508   -6.635  2.157   1.00 8.03  ? 18  VAL A CA  1 
ATOM   119 C  C   . VAL A 1 18 ? 1.757   -5.797  1.922   1.00 7.68  ? 18  VAL A C   1 
ATOM   120 O  O   . VAL A 1 18 ? 2.556   -6.103  1.024   1.00 8.45  ? 18  VAL A O   1 
ATOM   121 C  CB  . VAL A 1 18 ? 0.889   -8.052  2.605   1.00 8.32  ? 18  VAL A CB  1 
ATOM   122 C  CG1 . VAL A 1 18 ? 1.648   -8.010  3.932   1.00 10.96 ? 18  VAL A CG1 1 
ATOM   123 C  CG2 . VAL A 1 18 ? -0.362  -8.912  2.733   1.00 9.12  ? 18  VAL A CG2 1 
ATOM   124 N  N   . TYR A 1 19 ? 1.933   -4.761  2.732   1.00 8.03  ? 19  TYR A N   1 
ATOM   125 C  CA  . TYR A 1 19 ? 3.087   -3.873  2.657   1.00 8.57  ? 19  TYR A CA  1 
ATOM   126 C  C   . TYR A 1 19 ? 4.022   -4.225  3.798   1.00 9.06  ? 19  TYR A C   1 
ATOM   127 O  O   . TYR A 1 19 ? 3.574   -4.416  4.928   1.00 10.16 ? 19  TYR A O   1 
ATOM   128 C  CB  . TYR A 1 19 ? 2.639   -2.406  2.745   1.00 9.80  ? 19  TYR A CB  1 
ATOM   129 C  CG  . TYR A 1 19 ? 1.683   -2.108  1.626   1.00 8.89  ? 19  TYR A CG  1 
ATOM   130 C  CD1 . TYR A 1 19 ? 2.135   -1.655  0.400   1.00 9.40  ? 19  TYR A CD1 1 
ATOM   131 C  CD2 . TYR A 1 19 ? 0.325   -2.367  1.768   1.00 8.62  ? 19  TYR A CD2 1 
ATOM   132 C  CE1 . TYR A 1 19 ? 1.264   -1.449  -0.650  1.00 9.77  ? 19  TYR A CE1 1 
ATOM   133 C  CE2 . TYR A 1 19 ? -0.551  -2.172  0.733   1.00 8.52  ? 19  TYR A CE2 1 
ATOM   134 C  CZ  . TYR A 1 19 ? -0.084  -1.718  -0.475  1.00 8.77  ? 19  TYR A CZ  1 
ATOM   135 O  OH  . TYR A 1 19 ? -0.966  -1.553  -1.510  1.00 9.34  ? 19  TYR A OH  1 
ATOM   136 N  N   . THR A 1 20 ? 5.317   -4.327  3.500   1.00 9.35  ? 20  THR A N   1 
ATOM   137 C  CA  . THR A 1 20 ? 6.323   -4.651  4.506   1.00 10.02 ? 20  THR A CA  1 
ATOM   138 C  C   . THR A 1 20 ? 7.386   -3.564  4.538   1.00 10.01 ? 20  THR A C   1 
ATOM   139 O  O   . THR A 1 20 ? 8.041   -3.306  3.521   1.00 10.41 ? 20  THR A O   1 
ATOM   140 C  CB  . THR A 1 20 ? 6.979   -6.000  4.216   1.00 10.41 ? 20  THR A CB  1 
ATOM   141 O  OG1 . THR A 1 20 ? 5.974   -7.019  4.215   1.00 10.68 ? 20  THR A OG1 1 
ATOM   142 C  CG2 . THR A 1 20 ? 8.006   -6.336  5.292   1.00 12.67 ? 20  THR A CG2 1 
ATOM   143 N  N   . ALA A 1 21 ? 7.545   -2.932  5.700   1.00 9.93  ? 21  ALA A N   1 
ATOM   144 C  CA  . ALA A 1 21 ? 8.675   -2.053  5.968   1.00 11.10 ? 21  ALA A CA  1 
ATOM   145 C  C   . ALA A 1 21 ? 9.804   -2.910  6.521   1.00 12.65 ? 21  ALA A C   1 
ATOM   146 O  O   . ALA A 1 21 ? 9.650   -3.552  7.565   1.00 13.16 ? 21  ALA A O   1 
ATOM   147 C  CB  . ALA A 1 21 ? 8.287   -0.972  6.973   1.00 13.66 ? 21  ALA A CB  1 
ATOM   148 N  N   . ASN A 1 22 ? 10.927  -2.943  5.808   1.00 13.28 ? 22  ASN A N   1 
ATOM   149 C  CA  . ASN A 1 22 ? 12.047  -3.814  6.142   1.00 14.33 ? 22  ASN A CA  1 
ATOM   150 C  C   . ASN A 1 22 ? 13.310  -3.025  5.863   1.00 12.97 ? 22  ASN A C   1 
ATOM   151 O  O   . ASN A 1 22 ? 13.541  -2.624  4.722   1.00 14.63 ? 22  ASN A O   1 
ATOM   152 C  CB  . ASN A 1 22 ? 12.012  -5.074  5.270   1.00 19.36 ? 22  ASN A CB  1 
ATOM   153 C  CG  . ASN A 1 22 ? 13.245  -5.956  5.435   1.00 24.40 ? 22  ASN A CG  1 
ATOM   154 O  OD1 . ASN A 1 22 ? 14.054  -5.767  6.341   1.00 26.74 ? 22  ASN A OD1 1 
ATOM   155 N  ND2 . ASN A 1 22 ? 13.380  -6.938  4.552   1.00 33.79 ? 22  ASN A ND2 1 
ATOM   156 N  N   . ASN A 1 23 ? 14.108  -2.787  6.903   1.00 16.23 ? 23  ASN A N   1 
ATOM   157 C  CA  . ASN A 1 23 ? 15.396  -2.113  6.752   1.00 20.04 ? 23  ASN A CA  1 
ATOM   158 C  C   . ASN A 1 23 ? 15.266  -0.786  6.009   1.00 15.34 ? 23  ASN A C   1 
ATOM   159 O  O   . ASN A 1 23 ? 16.081  -0.448  5.151   1.00 15.62 ? 23  ASN A O   1 
ATOM   160 C  CB  . ASN A 1 23 ? 16.422  -3.029  6.092   1.00 21.20 ? 23  ASN A CB  1 
ATOM   161 C  CG  . ASN A 1 23 ? 16.961  -4.071  7.047   1.00 28.30 ? 23  ASN A CG  1 
ATOM   162 O  OD1 . ASN A 1 23 ? 18.074  -3.948  7.554   1.00 34.06 ? 23  ASN A OD1 1 
ATOM   163 N  ND2 . ASN A 1 23 ? 16.165  -5.102  7.309   1.00 38.26 ? 23  ASN A ND2 1 
ATOM   164 N  N   . GLY A 1 24 ? 14.220  -0.032  6.334   1.00 16.69 ? 24  GLY A N   1 
ATOM   165 C  CA  . GLY A 1 24 ? 14.039  1.290   5.777   1.00 15.82 ? 24  GLY A CA  1 
ATOM   166 C  C   . GLY A 1 24 ? 13.385  1.344   4.414   1.00 14.53 ? 24  GLY A C   1 
ATOM   167 O  O   . GLY A 1 24 ? 13.286  2.433   3.838   1.00 15.64 ? 24  GLY A O   1 
ATOM   168 N  N   . LYS A 1 25 ? 12.929  0.214   3.881   1.00 13.12 ? 25  LYS A N   1 
ATOM   169 C  CA  . LYS A 1 25 ? 12.298  0.159   2.572   1.00 13.79 ? 25  LYS A CA  1 
ATOM   170 C  C   . LYS A 1 25 ? 10.952  -0.536  2.701   1.00 11.67 ? 25  LYS A C   1 
ATOM   171 O  O   . LYS A 1 25 ? 10.834  -1.539  3.411   1.00 13.52 ? 25  LYS A O   1 
ATOM   172 C  CB  . LYS A 1 25 ? 13.163  -0.643  1.594   1.00 15.69 ? 25  LYS A CB  1 
ATOM   173 C  CG  . LYS A 1 25 ? 14.484  0.022   1.263   1.00 20.13 ? 25  LYS A CG  1 
ATOM   174 C  CD  . LYS A 1 25 ? 14.239  1.352   0.579   1.00 25.65 ? 25  LYS A CD  1 
ATOM   175 C  CE  . LYS A 1 25 ? 15.503  1.902   -0.052  1.00 42.17 ? 25  LYS A CE  1 
ATOM   176 N  NZ  . LYS A 1 25 ? 15.240  3.183   -0.769  1.00 31.02 ? 25  LYS A NZ  1 
ATOM   177 N  N   . ILE A 1 26 ? 9.943   -0.018  2.001   1.00 11.55 ? 26  ILE A N   1 
ATOM   178 C  CA  . ILE A 1 26 ? 8.621   -0.637  1.963   1.00 9.89  ? 26  ILE A CA  1 
ATOM   179 C  C   . ILE A 1 26 ? 8.411   -1.259  0.594   1.00 11.11 ? 26  ILE A C   1 
ATOM   180 O  O   . ILE A 1 26 ? 8.590   -0.590  -0.431  1.00 12.32 ? 26  ILE A O   1 
ATOM   181 C  CB  . ILE A 1 26 ? 7.501   0.367   2.270   1.00 11.84 ? 26  ILE A CB  1 
ATOM   182 C  CG1 . ILE A 1 26 ? 7.717   0.983   3.644   1.00 13.10 ? 26  ILE A CG1 1 
ATOM   183 C  CG2 . ILE A 1 26 ? 6.145   -0.333  2.204   1.00 11.27 ? 26  ILE A CG2 1 
ATOM   184 C  CD1 . ILE A 1 26 ? 6.920   2.230   3.869   1.00 14.12 ? 26  ILE A CD1 1 
ATOM   185 N  N   . THR A 1 27 ? 8.025   -2.532  0.582   1.00 10.66 ? 27  THR A N   1 
ATOM   186 C  CA  . THR A 1 27 ? 7.656   -3.238  -0.632  1.00 10.65 ? 27  THR A CA  1 
ATOM   187 C  C   . THR A 1 27 ? 6.260   -3.824  -0.456  1.00 8.71  ? 27  THR A C   1 
ATOM   188 O  O   . THR A 1 27 ? 5.674   -3.783  0.633   1.00 10.75 ? 27  THR A O   1 
ATOM   189 C  CB  . THR A 1 27 ? 8.666   -4.339  -0.984  1.00 12.31 ? 27  THR A CB  1 
ATOM   190 O  OG1 . THR A 1 27 ? 8.764   -5.260  0.105   1.00 14.58 ? 27  THR A OG1 1 
ATOM   191 C  CG2 . THR A 1 27 ? 10.046  -3.740  -1.273  1.00 14.89 ? 27  THR A CG2 1 
ATOM   192 N  N   . GLU A 1 28 ? 5.721   -4.362  -1.544  1.00 9.60  ? 28  GLU A N   1 
ATOM   193 C  CA  . GLU A 1 28 ? 4.315   -4.732  -1.619  1.00 8.64  ? 28  GLU A CA  1 
ATOM   194 C  C   . GLU A 1 28 ? 4.190   -6.120  -2.215  1.00 9.51  ? 28  GLU A C   1 
ATOM   195 O  O   . GLU A 1 28 ? 4.801   -6.416  -3.247  1.00 10.22 ? 28  GLU A O   1 
ATOM   196 C  CB  . GLU A 1 28 ? 3.575   -3.730  -2.506  1.00 9.59  ? 28  GLU A CB  1 
ATOM   197 C  CG  . GLU A 1 28 ? 2.111   -4.029  -2.750  1.00 9.29  ? 28  GLU A CG  1 
ATOM   198 C  CD  . GLU A 1 28 ? 1.524   -3.146  -3.832  1.00 9.58  ? 28  GLU A CD  1 
ATOM   199 O  OE1 . GLU A 1 28 ? 2.185   -2.981  -4.881  1.00 10.58 ? 28  GLU A OE1 1 
ATOM   200 O  OE2 . GLU A 1 28 ? 0.396   -2.625  -3.655  1.00 9.79  ? 28  GLU A OE2 1 
ATOM   201 N  N   . ARG A 1 29 ? 3.384   -6.961  -1.577  1.00 8.39  ? 29  ARG A N   1 
ATOM   202 C  CA  . ARG A 1 29 ? 3.033   -8.267  -2.108  1.00 9.00  ? 29  ARG A CA  1 
ATOM   203 C  C   . ARG A 1 29 ? 1.535   -8.289  -2.368  1.00 8.23  ? 29  ARG A C   1 
ATOM   204 O  O   . ARG A 1 29 ? 0.754   -7.724  -1.591  1.00 8.97  ? 29  ARG A O   1 
ATOM   205 C  CB  . ARG A 1 29 ? 3.423   -9.365  -1.125  1.00 11.33 ? 29  ARG A CB  1 
ATOM   206 C  CG  . ARG A 1 29 ? 4.926   -9.507  -0.947  1.00 12.52 ? 29  ARG A CG  1 
ATOM   207 C  CD  . ARG A 1 29 ? 5.559   -10.158 -2.155  1.00 18.20 ? 29  ARG A CD  1 
ATOM   208 N  NE  . ARG A 1 29 ? 5.466   -11.609 -2.049  1.00 17.12 ? 29  ARG A NE  1 
ATOM   209 C  CZ  . ARG A 1 29 ? 5.734   -12.446 -3.043  1.00 20.20 ? 29  ARG A CZ  1 
ATOM   210 N  NH1 . ARG A 1 29 ? 6.123   -11.975 -4.219  1.00 17.20 ? 29  ARG A NH1 1 
ATOM   211 N  NH2 . ARG A 1 29 ? 5.619   -13.754 -2.855  1.00 19.07 ? 29  ARG A NH2 1 
ATOM   212 N  N   . CYS A 1 30 ? 1.141   -8.938  -3.459  1.00 8.50  ? 30  CYS A N   1 
ATOM   213 C  CA  . CYS A 1 30 ? -0.205  -8.869  -3.996  1.00 8.92  ? 30  CYS A CA  1 
ATOM   214 C  C   . CYS A 1 30 ? -0.754  -10.267 -4.209  1.00 8.18  ? 30  CYS A C   1 
ATOM   215 O  O   . CYS A 1 30 ? -0.049  -11.162 -4.685  1.00 9.32  ? 30  CYS A O   1 
ATOM   216 C  CB  . CYS A 1 30 ? -0.194  -8.188  -5.361  1.00 9.77  ? 30  CYS A CB  1 
ATOM   217 S  SG  . CYS A 1 30 ? 0.642   -6.600  -5.430  0.92 10.14 ? 30  CYS A SG  1 
ATOM   218 N  N   . TRP A 1 31 ? -2.034  -10.426 -3.897  1.00 8.83  ? 31  TRP A N   1 
ATOM   219 C  CA  . TRP A 1 31 ? -2.800  -11.628 -4.181  1.00 9.09  ? 31  TRP A CA  1 
ATOM   220 C  C   . TRP A 1 31 ? -4.080  -11.170 -4.858  1.00 8.42  ? 31  TRP A C   1 
ATOM   221 O  O   . TRP A 1 31 ? -4.790  -10.317 -4.318  1.00 10.10 ? 31  TRP A O   1 
ATOM   222 C  CB  . TRP A 1 31 ? -3.150  -12.335 -2.866  1.00 9.59  ? 31  TRP A CB  1 
ATOM   223 C  CG  . TRP A 1 31 ? -4.100  -13.488 -3.016  1.00 10.22 ? 31  TRP A CG  1 
ATOM   224 C  CD1 . TRP A 1 31 ? -5.469  -13.455 -2.960  1.00 10.82 ? 31  TRP A CD1 1 
ATOM   225 C  CD2 . TRP A 1 31 ? -3.741  -14.848 -3.229  1.00 10.48 ? 31  TRP A CD2 1 
ATOM   226 N  NE1 . TRP A 1 31 ? -5.978  -14.720 -3.127  1.00 10.57 ? 31  TRP A NE1 1 
ATOM   227 C  CE2 . TRP A 1 31 ? -4.936  -15.593 -3.309  1.00 9.98  ? 31  TRP A CE2 1 
ATOM   228 C  CE3 . TRP A 1 31 ? -2.519  -15.513 -3.363  1.00 10.77 ? 31  TRP A CE3 1 
ATOM   229 C  CZ2 . TRP A 1 31 ? -4.942  -16.971 -3.499  1.00 10.69 ? 31  TRP A CZ2 1 
ATOM   230 C  CZ3 . TRP A 1 31 ? -2.528  -16.879 -3.558  1.00 11.85 ? 31  TRP A CZ3 1 
ATOM   231 C  CH2 . TRP A 1 31 ? -3.729  -17.593 -3.627  1.00 12.23 ? 31  TRP A CH2 1 
ATOM   232 N  N   . ASP A 1 32 ? -4.380  -11.722 -6.037  1.00 9.48  ? 32  ASP A N   1 
ATOM   233 C  CA  . ASP A 1 32 ? -5.650  -11.475 -6.717  1.00 9.60  ? 32  ASP A CA  1 
ATOM   234 C  C   . ASP A 1 32 ? -6.342  -12.791 -7.034  1.00 9.26  ? 32  ASP A C   1 
ATOM   235 O  O   . ASP A 1 32 ? -7.105  -12.885 -8.001  1.00 11.41 ? 32  ASP A O   1 
ATOM   236 C  CB  . ASP A 1 32 ? -5.483  -10.649 -7.991  1.00 10.95 ? 32  ASP A CB  1 
ATOM   237 C  CG  . ASP A 1 32 ? -4.767  -9.337  -7.752  1.00 10.90 ? 32  ASP A CG  1 
ATOM   238 O  OD1 . ASP A 1 32 ? -5.182  -8.543  -6.880  1.00 11.02 ? 32  ASP A OD1 1 
ATOM   239 O  OD2 . ASP A 1 32 ? -3.756  -9.107  -8.450  1.00 14.69 ? 32  ASP A OD2 1 
ATOM   240 N  N   . GLY A 1 33 ? -6.057  -13.823 -6.243  1.00 10.46 ? 33  GLY A N   1 
ATOM   241 C  CA  . GLY A 1 33 ? -6.686  -15.114 -6.408  1.00 12.27 ? 33  GLY A CA  1 
ATOM   242 C  C   . GLY A 1 33 ? -5.886  -16.138 -7.180  1.00 11.89 ? 33  GLY A C   1 
ATOM   243 O  O   . GLY A 1 33 ? -6.368  -17.269 -7.341  1.00 17.17 ? 33  GLY A O   1 
ATOM   244 N  N   . LYS A 1 34 ? -4.685  -15.799 -7.650  1.00 12.83 ? 34  LYS A N   1 
ATOM   245 C  CA  A LYS A 1 34 ? -3.922  -16.742 -8.471  0.51 15.93 ? 34  LYS A CA  1 
ATOM   246 C  CA  B LYS A 1 34 ? -3.907  -16.658 -8.531  0.49 16.11 ? 34  LYS A CA  1 
ATOM   247 C  C   . LYS A 1 34 ? -2.433  -16.668 -8.156  1.00 15.03 ? 34  LYS A C   1 
ATOM   248 O  O   . LYS A 1 34 ? -1.577  -16.735 -9.048  1.00 19.09 ? 34  LYS A O   1 
ATOM   249 C  CB  A LYS A 1 34 ? -4.215  -16.572 -9.963  0.51 23.02 ? 34  LYS A CB  1 
ATOM   250 C  CB  B LYS A 1 34 ? -3.990  -16.183 -9.984  0.49 21.45 ? 34  LYS A CB  1 
ATOM   251 C  CG  A LYS A 1 34 ? -4.092  -15.151 -10.470 0.51 22.16 ? 34  LYS A CG  1 
ATOM   252 C  CG  B LYS A 1 34 ? -5.382  -16.023 -10.541 0.49 20.65 ? 34  LYS A CG  1 
ATOM   253 C  CD  A LYS A 1 34 ? -4.869  -14.952 -11.765 0.51 29.15 ? 34  LYS A CD  1 
ATOM   254 C  CD  B LYS A 1 34 ? -5.363  -15.180 -11.810 0.49 27.51 ? 34  LYS A CD  1 
ATOM   255 C  CE  A LYS A 1 34 ? -4.354  -15.852 -12.880 0.51 34.70 ? 34  LYS A CE  1 
ATOM   256 C  CE  B LYS A 1 34 ? -4.452  -15.780 -12.870 0.49 34.63 ? 34  LYS A CE  1 
ATOM   257 N  NZ  A LYS A 1 34 ? -2.973  -15.490 -13.306 0.51 34.75 ? 34  LYS A NZ  1 
ATOM   258 N  NZ  B LYS A 1 34 ? -4.873  -17.154 -13.265 0.49 33.18 ? 34  LYS A NZ  1 
ATOM   259 N  N   . GLY A 1 35 ? -2.107  -16.573 -6.878  1.00 11.86 ? 35  GLY A N   1 
ATOM   260 C  CA  . GLY A 1 35 ? -0.730  -16.598 -6.438  1.00 13.77 ? 35  GLY A CA  1 
ATOM   261 C  C   . GLY A 1 35 ? -0.253  -15.227 -5.982  1.00 10.82 ? 35  GLY A C   1 
ATOM   262 O  O   . GLY A 1 35 ? -0.763  -14.182 -6.396  1.00 12.57 ? 35  GLY A O   1 
ATOM   263 N  N   . TRP A 1 36 ? 0.747   -15.243 -5.113  1.00 10.14 ? 36  TRP A N   1 
ATOM   264 C  CA  . TRP A 1 36 ? 1.340   -14.020 -4.597  1.00 10.84 ? 36  TRP A CA  1 
ATOM   265 C  C   . TRP A 1 36 ? 2.401   -13.515 -5.561  1.00 10.33 ? 36  TRP A C   1 
ATOM   266 O  O   . TRP A 1 36 ? 3.127   -14.305 -6.174  1.00 13.42 ? 36  TRP A O   1 
ATOM   267 C  CB  . TRP A 1 36 ? 1.974   -14.269 -3.228  1.00 11.90 ? 36  TRP A CB  1 
ATOM   268 C  CG  . TRP A 1 36 ? 0.964   -14.429 -2.150  1.00 9.63  ? 36  TRP A CG  1 
ATOM   269 C  CD1 . TRP A 1 36 ? 0.454   -15.600 -1.670  1.00 9.99  ? 36  TRP A CD1 1 
ATOM   270 C  CD2 . TRP A 1 36 ? 0.308   -13.378 -1.434  1.00 8.93  ? 36  TRP A CD2 1 
ATOM   271 N  NE1 . TRP A 1 36 ? -0.475  -15.341 -0.690  1.00 9.36  ? 36  TRP A NE1 1 
ATOM   272 C  CE2 . TRP A 1 36 ? -0.579  -13.984 -0.529  1.00 8.66  ? 36  TRP A CE2 1 
ATOM   273 C  CE3 . TRP A 1 36 ? 0.395   -11.982 -1.462  1.00 8.74  ? 36  TRP A CE3 1 
ATOM   274 C  CZ2 . TRP A 1 36 ? -1.367  -13.248 0.343   1.00 9.13  ? 36  TRP A CZ2 1 
ATOM   275 C  CZ3 . TRP A 1 36 ? -0.397  -11.251 -0.604  1.00 8.80  ? 36  TRP A CZ3 1 
ATOM   276 C  CH2 . TRP A 1 36 ? -1.267  -11.881 0.288   1.00 8.53  ? 36  TRP A CH2 1 
ATOM   277 N  N   . TYR A 1 37 ? 2.490   -12.198 -5.701  1.00 9.73  ? 37  TYR A N   1 
ATOM   278 C  CA  . TYR A 1 37 ? 3.499   -11.602 -6.561  1.00 10.87 ? 37  TYR A CA  1 
ATOM   279 C  C   . TYR A 1 37 ? 3.897   -10.252 -5.989  1.00 10.92 ? 37  TYR A C   1 
ATOM   280 O  O   . TYR A 1 37 ? 3.227   -9.700  -5.109  1.00 11.81 ? 37  TYR A O   1 
ATOM   281 C  CB  . TYR A 1 37 ? 3.029   -11.502 -8.016  1.00 12.77 ? 37  TYR A CB  1 
ATOM   282 C  CG  . TYR A 1 37 ? 1.819   -10.633 -8.231  1.00 11.35 ? 37  TYR A CG  1 
ATOM   283 C  CD1 . TYR A 1 37 ? 0.537   -11.138 -8.071  1.00 13.18 ? 37  TYR A CD1 1 
ATOM   284 C  CD2 . TYR A 1 37 ? 1.958   -9.307  -8.611  1.00 13.00 ? 37  TYR A CD2 1 
ATOM   285 C  CE1 . TYR A 1 37 ? -0.568  -10.346 -8.275  1.00 11.85 ? 37  TYR A CE1 1 
ATOM   286 C  CE2 . TYR A 1 37 ? 0.857   -8.508  -8.829  1.00 13.08 ? 37  TYR A CE2 1 
ATOM   287 C  CZ  . TYR A 1 37 ? -0.405  -9.033  -8.661  1.00 12.95 ? 37  TYR A CZ  1 
ATOM   288 O  OH  . TYR A 1 37 ? -1.501  -8.228  -8.869  1.00 15.85 ? 37  TYR A OH  1 
ATOM   289 N  N   . THR A 1 38 ? 5.011   -9.729  -6.479  1.00 11.05 ? 38  THR A N   1 
ATOM   290 C  CA  . THR A 1 38 ? 5.522   -8.459  -5.995  1.00 11.04 ? 38  THR A CA  1 
ATOM   291 C  C   . THR A 1 38 ? 4.869   -7.329  -6.774  1.00 10.89 ? 38  THR A C   1 
ATOM   292 O  O   . THR A 1 38 ? 4.859   -7.337  -8.009  1.00 12.58 ? 38  THR A O   1 
ATOM   293 C  CB  . THR A 1 38 ? 7.040   -8.423  -6.144  1.00 15.81 ? 38  THR A CB  1 
ATOM   294 O  OG1 . THR A 1 38 ? 7.604   -9.463  -5.333  1.00 17.50 ? 38  THR A OG1 1 
ATOM   295 C  CG2 . THR A 1 38 ? 7.583   -7.082  -5.675  1.00 15.87 ? 38  THR A CG2 1 
ATOM   296 N  N   . GLY A 1 39 ? 4.301   -6.365  -6.047  1.00 10.66 ? 39  GLY A N   1 
ATOM   297 C  CA  . GLY A 1 39 ? 3.631   -5.242  -6.662  1.00 11.42 ? 39  GLY A CA  1 
ATOM   298 C  C   . GLY A 1 39 ? 4.578   -4.099  -6.991  1.00 11.05 ? 39  GLY A C   1 
ATOM   299 O  O   . GLY A 1 39 ? 5.767   -4.111  -6.672  1.00 11.97 ? 39  GLY A O   1 
ATOM   300 N  N   . ALA A 1 40 ? 4.011   -3.082  -7.637  1.00 10.79 ? 40  ALA A N   1 
ATOM   301 C  CA  . ALA A 1 40 ? 4.791   -1.941  -8.101  1.00 11.95 ? 40  ALA A CA  1 
ATOM   302 C  C   . ALA A 1 40 ? 5.269   -1.038  -6.968  1.00 11.73 ? 40  ALA A C   1 
ATOM   303 O  O   . ALA A 1 40 ? 6.216   -0.268  -7.174  1.00 13.36 ? 40  ALA A O   1 
ATOM   304 C  CB  . ALA A 1 40 ? 3.971   -1.119  -9.096  1.00 12.05 ? 40  ALA A CB  1 
ATOM   305 N  N   . PHE A 1 41 ? 4.641   -1.083  -5.792  1.00 11.51 ? 41  PHE A N   1 
ATOM   306 C  CA  . PHE A 1 41 ? 4.973   -0.117  -4.752  1.00 10.20 ? 41  PHE A CA  1 
ATOM   307 C  C   . PHE A 1 41 ? 6.339   -0.412  -4.148  1.00 10.97 ? 41  PHE A C   1 
ATOM   308 O  O   . PHE A 1 41 ? 6.573   -1.502  -3.615  1.00 12.60 ? 41  PHE A O   1 
ATOM   309 C  CB  . PHE A 1 41 ? 3.919   -0.107  -3.654  1.00 10.67 ? 41  PHE A CB  1 
ATOM   310 C  CG  . PHE A 1 41 ? 4.176   0.945   -2.616  1.00 11.16 ? 41  PHE A CG  1 
ATOM   311 C  CD1 . PHE A 1 41 ? 3.740   2.239   -2.818  1.00 14.79 ? 41  PHE A CD1 1 
ATOM   312 C  CD2 . PHE A 1 41 ? 4.902   0.660   -1.473  1.00 12.03 ? 41  PHE A CD2 1 
ATOM   313 C  CE1 . PHE A 1 41 ? 4.002   3.226   -1.887  1.00 14.00 ? 41  PHE A CE1 1 
ATOM   314 C  CE2 . PHE A 1 41 ? 5.159   1.650   -0.537  1.00 13.68 ? 41  PHE A CE2 1 
ATOM   315 C  CZ  . PHE A 1 41 ? 4.707   2.927   -0.747  1.00 12.62 ? 41  PHE A CZ  1 
ATOM   316 N  N   . ASN A 1 42 ? 7.228   0.578   -4.187  1.00 11.36 ? 42  ASN A N   1 
ATOM   317 C  CA  . ASN A 1 42 ? 8.548   0.440   -3.579  1.00 12.72 ? 42  ASN A CA  1 
ATOM   318 C  C   . ASN A 1 42 ? 9.004   1.838   -3.194  1.00 11.74 ? 42  ASN A C   1 
ATOM   319 O  O   . ASN A 1 42 ? 9.371   2.626   -4.070  1.00 14.49 ? 42  ASN A O   1 
ATOM   320 C  CB  . ASN A 1 42 ? 9.519   -0.206  -4.563  1.00 17.21 ? 42  ASN A CB  1 
ATOM   321 C  CG  . ASN A 1 42 ? 10.848  -0.576  -3.923  1.00 31.32 ? 42  ASN A CG  1 
ATOM   322 O  OD1 . ASN A 1 42 ? 11.426  0.198   -3.161  1.00 33.90 ? 42  ASN A OD1 1 
ATOM   323 N  ND2 . ASN A 1 42 ? 11.339  -1.770  -4.234  1.00 36.39 ? 42  ASN A ND2 1 
ATOM   324 N  N   . GLU A 1 43 ? 8.973   2.151   -1.904  1.00 12.24 ? 43  GLU A N   1 
ATOM   325 C  CA  . GLU A 1 43 ? 9.279   3.496   -1.435  1.00 12.23 ? 43  GLU A CA  1 
ATOM   326 C  C   . GLU A 1 43 ? 9.958   3.401   -0.081  1.00 12.89 ? 43  GLU A C   1 
ATOM   327 O  O   . GLU A 1 43 ? 9.796   2.405   0.634   1.00 13.37 ? 43  GLU A O   1 
ATOM   328 C  CB  . GLU A 1 43 ? 8.015   4.362   -1.321  1.00 14.09 ? 43  GLU A CB  1 
ATOM   329 C  CG  . GLU A 1 43 ? 7.264   4.592   -2.628  1.00 16.83 ? 43  GLU A CG  1 
ATOM   330 C  CD  . GLU A 1 43 ? 8.084   5.325   -3.681  1.00 19.25 ? 43  GLU A CD  1 
ATOM   331 O  OE1 . GLU A 1 43 ? 9.110   5.945   -3.332  1.00 16.92 ? 43  GLU A OE1 1 
ATOM   332 O  OE2 . GLU A 1 43 ? 7.701   5.280   -4.869  1.00 19.25 ? 43  GLU A OE2 1 
ATOM   333 N  N   . PRO A 1 44 ? 10.727  4.420   0.305   1.00 12.86 ? 44  PRO A N   1 
ATOM   334 C  CA  . PRO A 1 44 ? 11.397  4.377   1.608   1.00 14.60 ? 44  PRO A CA  1 
ATOM   335 C  C   . PRO A 1 44 ? 10.407  4.463   2.760   1.00 13.30 ? 44  PRO A C   1 
ATOM   336 O  O   . PRO A 1 44 ? 9.354   5.102   2.670   1.00 14.74 ? 44  PRO A O   1 
ATOM   337 C  CB  . PRO A 1 44 ? 12.309  5.612   1.588   1.00 16.59 ? 44  PRO A CB  1 
ATOM   338 C  CG  . PRO A 1 44 ? 12.360  6.058   0.175   1.00 19.38 ? 44  PRO A CG  1 
ATOM   339 C  CD  . PRO A 1 44 ? 11.109  5.601   -0.489  1.00 14.29 ? 44  PRO A CD  1 
ATOM   340 N  N   . GLY A 1 45 ? 10.771  3.823   3.865   1.00 14.18 ? 45  GLY A N   1 
ATOM   341 C  CA  . GLY A 1 45 ? 10.011  3.958   5.087   1.00 15.68 ? 45  GLY A CA  1 
ATOM   342 C  C   . GLY A 1 45 ? 10.354  2.920   6.129   1.00 12.75 ? 45  GLY A C   1 
ATOM   343 O  O   . GLY A 1 45 ? 10.698  1.780   5.803   1.00 14.69 ? 45  GLY A O   1 
ATOM   344 N  N   . ASP A 1 46 ? 10.261  3.320   7.395   1.00 13.42 ? 46  ASP A N   1 
ATOM   345 C  CA  . ASP A 1 46 ? 10.457  2.416   8.517   1.00 12.69 ? 46  ASP A CA  1 
ATOM   346 C  C   . ASP A 1 46 ? 9.146   1.895   9.078   1.00 13.09 ? 46  ASP A C   1 
ATOM   347 O  O   . ASP A 1 46 ? 9.149   0.904   9.816   1.00 15.35 ? 46  ASP A O   1 
ATOM   348 C  CB  . ASP A 1 46 ? 11.222  3.126   9.641   1.00 16.15 ? 46  ASP A CB  1 
ATOM   349 C  CG  . ASP A 1 46 ? 12.629  3.501   9.238   1.00 26.07 ? 46  ASP A CG  1 
ATOM   350 O  OD1 . ASP A 1 46 ? 13.317  2.652   8.634   1.00 26.56 ? 46  ASP A OD1 1 
ATOM   351 O  OD2 . ASP A 1 46 ? 13.046  4.643   9.527   1.00 35.15 ? 46  ASP A OD2 1 
ATOM   352 N  N   . ASN A 1 47 ? 8.036   2.543   8.743   1.00 12.38 ? 47  ASN A N   1 
ATOM   353 C  CA  . ASN A 1 47 ? 6.726   2.159   9.227   1.00 10.81 ? 47  ASN A CA  1 
ATOM   354 C  C   . ASN A 1 47 ? 5.723   2.384   8.109   1.00 9.63  ? 47  ASN A C   1 
ATOM   355 O  O   . ASN A 1 47 ? 5.861   3.316   7.319   1.00 10.46 ? 47  ASN A O   1 
ATOM   356 C  CB  . ASN A 1 47 ? 6.328   3.020   10.423  1.00 12.78 ? 47  ASN A CB  1 
ATOM   357 C  CG  . ASN A 1 47 ? 4.924   2.736   10.893  1.00 12.62 ? 47  ASN A CG  1 
ATOM   358 O  OD1 . ASN A 1 47 ? 3.976   3.455   10.554  1.00 14.09 ? 47  ASN A OD1 1 
ATOM   359 N  ND2 . ASN A 1 47 ? 4.775   1.678   11.677  1.00 16.03 ? 47  ASN A ND2 1 
ATOM   360 N  N   . VAL A 1 48 ? 4.708   1.526   8.053   1.00 9.84  ? 48  VAL A N   1 
ATOM   361 C  CA  . VAL A 1 48 ? 3.691   1.611   7.007   1.00 9.86  ? 48  VAL A CA  1 
ATOM   362 C  C   . VAL A 1 48 ? 2.307   1.328   7.590   1.00 8.93  ? 48  VAL A C   1 
ATOM   363 O  O   . VAL A 1 48 ? 2.148   0.448   8.441   1.00 10.06 ? 48  VAL A O   1 
ATOM   364 C  CB  . VAL A 1 48 ? 4.027   0.672   5.821   1.00 9.91  ? 48  VAL A CB  1 
ATOM   365 C  CG1 . VAL A 1 48 ? 4.064   -0.803  6.251   1.00 11.60 ? 48  VAL A CG1 1 
ATOM   366 C  CG2 . VAL A 1 48 ? 3.060   0.880   4.665   1.00 11.32 ? 48  VAL A CG2 1 
ATOM   367 N  N   . SER A 1 49 ? 1.307   2.079   7.137   1.00 8.49  ? 49  SER A N   1 
ATOM   368 C  CA  . SER A 1 49 ? -0.092  1.708   7.307   1.00 8.38  ? 49  SER A CA  1 
ATOM   369 C  C   . SER A 1 49 ? -0.790  1.868   5.965   1.00 7.85  ? 49  SER A C   1 
ATOM   370 O  O   . SER A 1 49 ? -0.269  2.505   5.046   1.00 8.37  ? 49  SER A O   1 
ATOM   371 C  CB  . SER A 1 49 ? -0.796  2.546   8.383   1.00 9.75  ? 49  SER A CB  1 
ATOM   372 O  OG  . SER A 1 49 ? -0.902  3.903   8.005   1.00 9.50  ? 49  SER A OG  1 
ATOM   373 N  N   . VAL A 1 50 ? -1.994  1.302   5.854   1.00 7.54  ? 50  VAL A N   1 
ATOM   374 C  CA  . VAL A 1 50 ? -2.723  1.330   4.591   1.00 7.58  ? 50  VAL A CA  1 
ATOM   375 C  C   . VAL A 1 50 ? -4.219  1.343   4.856   1.00 7.96  ? 50  VAL A C   1 
ATOM   376 O  O   . VAL A 1 50 ? -4.702  0.752   5.822   1.00 8.72  ? 50  VAL A O   1 
ATOM   377 C  CB  . VAL A 1 50 ? -2.336  0.126   3.697   1.00 7.64  ? 50  VAL A CB  1 
ATOM   378 C  CG1 . VAL A 1 50 ? -2.734  -1.200  4.338   1.00 9.54  ? 50  VAL A CG1 1 
ATOM   379 C  CG2 . VAL A 1 50 ? -2.957  0.259   2.305   1.00 9.32  ? 50  VAL A CG2 1 
ATOM   380 N  N   . THR A 1 51 ? -4.954  2.006   3.973   1.00 7.59  ? 51  THR A N   1 
ATOM   381 C  CA  . THR A 1 51 ? -6.398  1.848   3.890   1.00 7.50  ? 51  THR A CA  1 
ATOM   382 C  C   . THR A 1 51 ? -6.771  1.854   2.416   1.00 7.41  ? 51  THR A C   1 
ATOM   383 O  O   . THR A 1 51 ? -6.028  2.369   1.578   1.00 8.67  ? 51  THR A O   1 
ATOM   384 C  CB  . THR A 1 51 ? -7.140  2.929   4.698   1.00 7.83  ? 51  THR A CB  1 
ATOM   385 O  OG1 . THR A 1 51 ? -8.539  2.631   4.731   1.00 8.31  ? 51  THR A OG1 1 
ATOM   386 C  CG2 . THR A 1 51 ? -6.955  4.312   4.104   1.00 10.11 ? 51  THR A CG2 1 
ATOM   387 N  N   . SER A 1 52 ? -7.907  1.243   2.085   1.00 6.96  ? 52  SER A N   1 
ATOM   388 C  CA  . SER A 1 52 ? -8.352  1.225   0.699   1.00 7.09  ? 52  SER A CA  1 
ATOM   389 C  C   . SER A 1 52 ? -9.870  1.280   0.666   1.00 7.91  ? 52  SER A C   1 
ATOM   390 O  O   . SER A 1 52 ? -10.543 0.894   1.627   1.00 7.87  ? 52  SER A O   1 
ATOM   391 C  CB  . SER A 1 52 ? -7.845  -0.018  -0.036  1.00 8.04  ? 52  SER A CB  1 
ATOM   392 O  OG  . SER A 1 52 ? -8.398  -1.213  0.493   1.00 8.69  ? 52  SER A OG  1 
ATOM   393 N  N   . TRP A 1 53 ? -10.404 1.746   -0.459  1.00 8.26  ? 53  TRP A N   1 
ATOM   394 C  CA  . TRP A 1 53 ? -11.843 1.730   -0.670  1.00 9.18  ? 53  TRP A CA  1 
ATOM   395 C  C   . TRP A 1 53 ? -12.117 1.416   -2.133  1.00 8.59  ? 53  TRP A C   1 
ATOM   396 O  O   . TRP A 1 53 ? -11.449 1.941   -3.030  1.00 8.95  ? 53  TRP A O   1 
ATOM   397 C  CB  . TRP A 1 53 ? -12.510 3.043   -0.209  1.00 9.94  ? 53  TRP A CB  1 
ATOM   398 C  CG  . TRP A 1 53 ? -12.040 4.288   -0.902  1.00 9.70  ? 53  TRP A CG  1 
ATOM   399 C  CD1 . TRP A 1 53 ? -12.678 4.944   -1.914  1.00 11.04 ? 53  TRP A CD1 1 
ATOM   400 C  CD2 . TRP A 1 53 ? -10.860 5.048   -0.615  1.00 8.95  ? 53  TRP A CD2 1 
ATOM   401 N  NE1 . TRP A 1 53 ? -11.959 6.039   -2.297  1.00 10.63 ? 53  TRP A NE1 1 
ATOM   402 C  CE2 . TRP A 1 53 ? -10.837 6.131   -1.517  1.00 9.50  ? 53  TRP A CE2 1 
ATOM   403 C  CE3 . TRP A 1 53 ? -9.811  4.910   0.298   1.00 8.72  ? 53  TRP A CE3 1 
ATOM   404 C  CZ2 . TRP A 1 53 ? -9.800  7.063   -1.539  1.00 9.54  ? 53  TRP A CZ2 1 
ATOM   405 C  CZ3 . TRP A 1 53 ? -8.787  5.849   0.285   1.00 10.62 ? 53  TRP A CZ3 1 
ATOM   406 C  CH2 . TRP A 1 53 ? -8.793  6.916   -0.622  1.00 9.64  ? 53  TRP A CH2 1 
ATOM   407 N  N   . LEU A 1 54 ? -13.070 0.512   -2.358  1.00 10.45 ? 54  LEU A N   1 
ATOM   408 C  CA  . LEU A 1 54 ? -13.445 0.038   -3.684  1.00 11.94 ? 54  LEU A CA  1 
ATOM   409 C  C   . LEU A 1 54 ? -14.749 0.721   -4.077  1.00 12.69 ? 54  LEU A C   1 
ATOM   410 O  O   . LEU A 1 54 ? -15.749 0.610   -3.360  1.00 13.41 ? 54  LEU A O   1 
ATOM   411 C  CB  . LEU A 1 54 ? -13.641 -1.479  -3.653  1.00 12.17 ? 54  LEU A CB  1 
ATOM   412 C  CG  . LEU A 1 54 ? -14.070 -2.167  -4.949  1.00 13.85 ? 54  LEU A CG  1 
ATOM   413 C  CD1 . LEU A 1 54 ? -12.973 -2.067  -5.991  1.00 15.68 ? 54  LEU A CD1 1 
ATOM   414 C  CD2 . LEU A 1 54 ? -14.416 -3.621  -4.674  1.00 15.25 ? 54  LEU A CD2 1 
ATOM   415 N  N   . VAL A 1 55 ? -14.737 1.441   -5.199  1.00 12.36 ? 55  VAL A N   1 
ATOM   416 C  CA  . VAL A 1 55 ? -15.921 2.136   -5.699  1.00 13.45 ? 55  VAL A CA  1 
ATOM   417 C  C   . VAL A 1 55 ? -16.095 1.747   -7.158  1.00 12.22 ? 55  VAL A C   1 
ATOM   418 O  O   . VAL A 1 55 ? -15.212 2.008   -7.978  1.00 13.24 ? 55  VAL A O   1 
ATOM   419 C  CB  . VAL A 1 55 ? -15.801 3.664   -5.571  1.00 14.35 ? 55  VAL A CB  1 
ATOM   420 C  CG1 . VAL A 1 55 ? -17.060 4.350   -6.116  1.00 16.76 ? 55  VAL A CG1 1 
ATOM   421 C  CG2 . VAL A 1 55 ? -15.550 4.068   -4.130  1.00 16.88 ? 55  VAL A CG2 1 
ATOM   422 N  N   . GLY A 1 56 ? -17.224 1.120   -7.477  1.00 17.46 ? 56  GLY A N   1 
ATOM   423 C  CA  . GLY A 1 56 ? -17.437 0.664   -8.841  1.00 18.57 ? 56  GLY A CA  1 
ATOM   424 C  C   . GLY A 1 56 ? -16.323 -0.273  -9.263  1.00 14.96 ? 56  GLY A C   1 
ATOM   425 O  O   . GLY A 1 56 ? -16.044 -1.279  -8.600  1.00 21.79 ? 56  GLY A O   1 
ATOM   426 N  N   . SER A 1 57 ? -15.652 0.060   -10.361 1.00 15.66 ? 57  SER A N   1 
ATOM   427 C  CA  A SER A 1 57 ? -14.569 -0.749  -10.899 0.67 16.50 ? 57  SER A CA  1 
ATOM   428 C  CA  B SER A 1 57 ? -14.568 -0.752  -10.896 0.33 16.55 ? 57  SER A CA  1 
ATOM   429 C  C   . SER A 1 57 ? -13.193 -0.267  -10.457 1.00 13.04 ? 57  SER A C   1 
ATOM   430 O  O   . SER A 1 57 ? -12.182 -0.715  -11.012 1.00 15.07 ? 57  SER A O   1 
ATOM   431 C  CB  A SER A 1 57 ? -14.640 -0.770  -12.426 0.67 20.32 ? 57  SER A CB  1 
ATOM   432 C  CB  B SER A 1 57 ? -14.641 -0.791  -12.424 0.33 20.32 ? 57  SER A CB  1 
ATOM   433 O  OG  A SER A 1 57 ? -14.411 0.521   -12.960 0.67 26.55 ? 57  SER A OG  1 
ATOM   434 O  OG  B SER A 1 57 ? -15.898 -1.270  -12.867 0.33 15.86 ? 57  SER A OG  1 
ATOM   435 N  N   . ALA A 1 58 ? -13.127 0.634   -9.475  1.00 13.57 ? 58  ALA A N   1 
ATOM   436 C  CA  . ALA A 1 58 ? -11.882 1.293   -9.106  1.00 11.66 ? 58  ALA A CA  1 
ATOM   437 C  C   . ALA A 1 58 ? -11.504 1.004   -7.659  1.00 10.59 ? 58  ALA A C   1 
ATOM   438 O  O   . ALA A 1 58 ? -12.310 1.217   -6.748  1.00 12.16 ? 58  ALA A O   1 
ATOM   439 C  CB  . ALA A 1 58 ? -12.031 2.803   -9.290  1.00 12.97 ? 58  ALA A CB  1 
ATOM   440 N  N   . ILE A 1 59 ? -10.269 0.552   -7.447  1.00 9.76  ? 59  ILE A N   1 
ATOM   441 C  CA  . ILE A 1 59 ? -9.702  0.476   -6.104  1.00 9.10  ? 59  ILE A CA  1 
ATOM   442 C  C   . ILE A 1 59 ? -8.879  1.731   -5.865  1.00 9.83  ? 59  ILE A C   1 
ATOM   443 O  O   . ILE A 1 59 ? -8.144  2.193   -6.745  1.00 10.93 ? 59  ILE A O   1 
ATOM   444 C  CB  . ILE A 1 59 ? -8.880  -0.811  -5.864  1.00 9.51  ? 59  ILE A CB  1 
ATOM   445 C  CG1 . ILE A 1 59 ? -8.562  -0.972  -4.369  1.00 9.53  ? 59  ILE A CG1 1 
ATOM   446 C  CG2 . ILE A 1 59 ? -7.591  -0.807  -6.667  1.00 11.40 ? 59  ILE A CG2 1 
ATOM   447 C  CD1 . ILE A 1 59 ? -9.784  -1.173  -3.485  1.00 10.53 ? 59  ILE A CD1 1 
ATOM   448 N  N   . HIS A 1 60 ? -9.041  2.317   -4.688  1.00 8.25  ? 60  HIS A N   1 
ATOM   449 C  CA  . HIS A 1 60 ? -8.235  3.446   -4.249  1.00 7.67  ? 60  HIS A CA  1 
ATOM   450 C  C   . HIS A 1 60 ? -7.479  2.996   -3.012  1.00 8.08  ? 60  HIS A C   1 
ATOM   451 O  O   . HIS A 1 60 ? -8.088  2.483   -2.067  1.00 8.81  ? 60  HIS A O   1 
ATOM   452 C  CB  . HIS A 1 60 ? -9.140  4.624   -3.911  1.00 8.73  ? 60  HIS A CB  1 
ATOM   453 C  CG  . HIS A 1 60 ? -9.981  5.074   -5.063  1.00 9.53  ? 60  HIS A CG  1 
ATOM   454 N  ND1 . HIS A 1 60 ? -9.527  5.970   -6.007  1.00 10.82 ? 60  HIS A ND1 1 
ATOM   455 C  CD2 . HIS A 1 60 ? -11.231 4.725   -5.445  1.00 11.18 ? 60  HIS A CD2 1 
ATOM   456 C  CE1 . HIS A 1 60 ? -10.474 6.174   -6.908  1.00 11.02 ? 60  HIS A CE1 1 
ATOM   457 N  NE2 . HIS A 1 60 ? -11.517 5.428   -6.592  1.00 11.61 ? 60  HIS A NE2 1 
ATOM   458 N  N   . ILE A 1 61 ? -6.162  3.163   -3.022  1.00 7.30  ? 61  ILE A N   1 
ATOM   459 C  CA  . ILE A 1 61 ? -5.315  2.714   -1.928  1.00 7.51  ? 61  ILE A CA  1 
ATOM   460 C  C   . ILE A 1 61 ? -4.523  3.913   -1.442  1.00 7.65  ? 61  ILE A C   1 
ATOM   461 O  O   . ILE A 1 61 ? -4.015  4.699   -2.254  1.00 7.64  ? 61  ILE A O   1 
ATOM   462 C  CB  . ILE A 1 61 ? -4.342  1.586   -2.345  1.00 8.06  ? 61  ILE A CB  1 
ATOM   463 C  CG1 . ILE A 1 61 ? -5.043  0.509   -3.183  1.00 8.46  ? 61  ILE A CG1 1 
ATOM   464 C  CG2 . ILE A 1 61 ? -3.692  0.983   -1.106  1.00 8.38  ? 61  ILE A CG2 1 
ATOM   465 C  CD1 . ILE A 1 61 ? -4.074  -0.473  -3.847  1.00 9.64  ? 61  ILE A CD1 1 
ATOM   466 N  N   . ARG A 1 62 ? -4.414  4.056   -0.124  1.00 7.50  ? 62  ARG A N   1 
ATOM   467 C  CA  . ARG A 1 62 ? -3.548  5.055   0.490   1.00 7.74  ? 62  ARG A CA  1 
ATOM   468 C  C   . ARG A 1 62 ? -2.587  4.344   1.428   1.00 7.20  ? 62  ARG A C   1 
ATOM   469 O  O   . ARG A 1 62 ? -3.018  3.653   2.361   1.00 8.04  ? 62  ARG A O   1 
ATOM   470 C  CB  . ARG A 1 62 ? -4.368  6.101   1.245   1.00 8.42  ? 62  ARG A CB  1 
ATOM   471 C  CG  . ARG A 1 62 ? -5.315  6.899   0.358   1.00 9.12  ? 62  ARG A CG  1 
ATOM   472 C  CD  . ARG A 1 62 ? -4.564  7.763   -0.650  1.00 8.98  ? 62  ARG A CD  1 
ATOM   473 N  NE  . ARG A 1 62 ? -5.482  8.544   -1.485  1.00 8.41  ? 62  ARG A NE  1 
ATOM   474 C  CZ  . ARG A 1 62 ? -6.022  8.115   -2.622  1.00 8.09  ? 62  ARG A CZ  1 
ATOM   475 N  NH1 . ARG A 1 62 ? -5.745  6.906   -3.086  1.00 8.69  ? 62  ARG A NH1 1 
ATOM   476 N  NH2 . ARG A 1 62 ? -6.856  8.892   -3.298  1.00 9.23  ? 62  ARG A NH2 1 
ATOM   477 N  N   . VAL A 1 63 ? -1.295  4.530   1.185   1.00 7.39  ? 63  VAL A N   1 
ATOM   478 C  CA  . VAL A 1 63 ? -0.230  3.949   1.987   1.00 8.21  ? 63  VAL A CA  1 
ATOM   479 C  C   . VAL A 1 63 ? 0.497   5.092   2.675   1.00 8.86  ? 63  VAL A C   1 
ATOM   480 O  O   . VAL A 1 63 ? 0.927   6.046   2.015   1.00 9.88  ? 63  VAL A O   1 
ATOM   481 C  CB  . VAL A 1 63 ? 0.731   3.141   1.099   1.00 8.32  ? 63  VAL A CB  1 
ATOM   482 C  CG1 . VAL A 1 63 ? 1.952   2.694   1.883   1.00 10.80 ? 63  VAL A CG1 1 
ATOM   483 C  CG2 . VAL A 1 63 ? 0.025   1.932   0.482   1.00 9.18  ? 63  VAL A CG2 1 
ATOM   484 N  N   . TYR A 1 64 ? 0.606   5.018   4.001   1.00 8.41  ? 64  TYR A N   1 
ATOM   485 C  CA  . TYR A 1 64 ? 1.259   6.049   4.808   1.00 8.86  ? 64  TYR A CA  1 
ATOM   486 C  C   . TYR A 1 64 ? 2.620   5.512   5.237   1.00 8.84  ? 64  TYR A C   1 
ATOM   487 O  O   . TYR A 1 64 ? 2.702   4.569   6.028   1.00 9.20  ? 64  TYR A O   1 
ATOM   488 C  CB  . TYR A 1 64 ? 0.360   6.488   5.975   1.00 8.83  ? 64  TYR A CB  1 
ATOM   489 C  CG  . TYR A 1 64 ? -0.926  7.059   5.429   1.00 8.67  ? 64  TYR A CG  1 
ATOM   490 C  CD1 . TYR A 1 64 ? -1.006  8.391   5.052   1.00 8.64  ? 64  TYR A CD1 1 
ATOM   491 C  CD2 . TYR A 1 64 ? -2.033  6.244   5.200   1.00 8.59  ? 64  TYR A CD2 1 
ATOM   492 C  CE1 . TYR A 1 64 ? -2.149  8.902   4.487   1.00 8.54  ? 64  TYR A CE1 1 
ATOM   493 C  CE2 . TYR A 1 64 ? -3.180  6.745   4.620   1.00 8.36  ? 64  TYR A CE2 1 
ATOM   494 C  CZ  . TYR A 1 64 ? -3.230  8.071   4.265   1.00 8.02  ? 64  TYR A CZ  1 
ATOM   495 O  OH  . TYR A 1 64 ? -4.361  8.563   3.672   1.00 8.77  ? 64  TYR A OH  1 
ATOM   496 N  N   . ALA A 1 65 ? 3.682   6.092   4.681   1.00 9.51  ? 65  ALA A N   1 
ATOM   497 C  CA  . ALA A 1 65 ? 5.048   5.617   4.871   1.00 10.18 ? 65  ALA A CA  1 
ATOM   498 C  C   . ALA A 1 65 ? 5.785   6.620   5.747   1.00 10.51 ? 65  ALA A C   1 
ATOM   499 O  O   . ALA A 1 65 ? 5.836   7.809   5.419   1.00 12.10 ? 65  ALA A O   1 
ATOM   500 C  CB  . ALA A 1 65 ? 5.746   5.505   3.519   1.00 12.39 ? 65  ALA A CB  1 
ATOM   501 N  N   . SER A 1 66 ? 6.357   6.152   6.855   1.00 10.68 ? 66  SER A N   1 
ATOM   502 C  CA  . SER A 1 66 ? 6.995   7.048   7.809   1.00 12.40 ? 66  SER A CA  1 
ATOM   503 C  C   . SER A 1 66 ? 8.469   6.720   7.980   1.00 13.11 ? 66  SER A C   1 
ATOM   504 O  O   . SER A 1 66 ? 8.851   5.552   8.097   1.00 13.44 ? 66  SER A O   1 
ATOM   505 C  CB  . SER A 1 66 ? 6.300   7.009   9.165   1.00 12.36 ? 66  SER A CB  1 
ATOM   506 O  OG  . SER A 1 66 ? 4.963   7.464   9.046   1.00 13.72 ? 66  SER A OG  1 
ATOM   507 N  N   . THR A 1 67 ? 9.282   7.781   8.002   1.00 15.41 ? 67  THR A N   1 
ATOM   508 C  CA  . THR A 1 67 ? 10.702  7.729   8.338   1.00 19.55 ? 67  THR A CA  1 
ATOM   509 C  C   . THR A 1 67 ? 10.954  8.856   9.328   1.00 18.82 ? 67  THR A C   1 
ATOM   510 O  O   . THR A 1 67 ? 10.677  10.018  9.023   1.00 18.64 ? 67  THR A O   1 
ATOM   511 C  CB  . THR A 1 67 ? 11.565  7.951   7.092   1.00 22.09 ? 67  THR A CB  1 
ATOM   512 O  OG1 . THR A 1 67 ? 11.297  6.934   6.119   1.00 21.59 ? 67  THR A OG1 1 
ATOM   513 C  CG2 . THR A 1 67 ? 13.046  7.916   7.454   1.00 34.57 ? 67  THR A CG2 1 
ATOM   514 N  N   . GLY A 1 68 ? 11.478  8.519   10.500  1.00 21.84 ? 68  GLY A N   1 
ATOM   515 C  CA  . GLY A 1 68 ? 11.623  9.533   11.532  1.00 25.09 ? 68  GLY A CA  1 
ATOM   516 C  C   . GLY A 1 68 ? 10.261  10.105  11.881  1.00 29.24 ? 68  GLY A C   1 
ATOM   517 O  O   . GLY A 1 68 ? 9.326   9.370   12.223  1.00 28.03 ? 68  GLY A O   1 
ATOM   518 N  N   . THR A 1 69 ? 10.120  11.426  11.774  1.00 24.38 ? 69  THR A N   1 
ATOM   519 C  CA  . THR A 1 69 ? 8.848   12.095  12.022  1.00 25.31 ? 69  THR A CA  1 
ATOM   520 C  C   . THR A 1 69 ? 8.169   12.564  10.743  1.00 20.47 ? 69  THR A C   1 
ATOM   521 O  O   . THR A 1 69 ? 7.211   13.343  10.813  1.00 26.62 ? 69  THR A O   1 
ATOM   522 C  CB  . THR A 1 69 ? 9.029   13.270  12.984  1.00 32.73 ? 69  THR A CB  1 
ATOM   523 O  OG1 . THR A 1 69 ? 9.943   14.217  12.417  1.00 32.71 ? 69  THR A OG1 1 
ATOM   524 C  CG2 . THR A 1 69 ? 9.556   12.787  14.328  1.00 31.62 ? 69  THR A CG2 1 
ATOM   525 N  N   . THR A 1 70 ? 8.635   12.120  9.579   1.00 18.97 ? 70  THR A N   1 
ATOM   526 C  CA  . THR A 1 70 ? 8.048   12.505  8.303   1.00 18.27 ? 70  THR A CA  1 
ATOM   527 C  C   . THR A 1 70 ? 7.204   11.355  7.773   1.00 15.59 ? 70  THR A C   1 
ATOM   528 O  O   . THR A 1 70 ? 7.706   10.239  7.611   1.00 16.48 ? 70  THR A O   1 
ATOM   529 C  CB  . THR A 1 70 ? 9.134   12.852  7.287   1.00 21.45 ? 70  THR A CB  1 
ATOM   530 O  OG1 . THR A 1 70 ? 9.968   13.891  7.816   1.00 27.69 ? 70  THR A OG1 1 
ATOM   531 C  CG2 . THR A 1 70 ? 8.510   13.321  5.983   1.00 24.13 ? 70  THR A CG2 1 
ATOM   532 N  N   . THR A 1 71 ? 5.937   11.633  7.492   1.00 14.01 ? 71  THR A N   1 
ATOM   533 C  CA  . THR A 1 71 ? 5.032   10.658  6.899   1.00 11.88 ? 71  THR A CA  1 
ATOM   534 C  C   . THR A 1 71 ? 4.656   11.126  5.502   1.00 11.77 ? 71  THR A C   1 
ATOM   535 O  O   . THR A 1 71 ? 4.210   12.266  5.324   1.00 14.82 ? 71  THR A O   1 
ATOM   536 C  CB  . THR A 1 71 ? 3.764   10.503  7.742   1.00 12.02 ? 71  THR A CB  1 
ATOM   537 O  OG1 . THR A 1 71 ? 4.116   10.084  9.064   1.00 14.27 ? 71  THR A OG1 1 
ATOM   538 C  CG2 . THR A 1 71 ? 2.821   9.465   7.121   1.00 12.09 ? 71  THR A CG2 1 
ATOM   539 N  N   . THR A 1 72 ? 4.836   10.251  4.520   1.00 10.44 ? 72  THR A N   1 
ATOM   540 C  CA  . THR A 1 72 ? 4.435   10.509  3.145   1.00 10.31 ? 72  THR A CA  1 
ATOM   541 C  C   . THR A 1 72 ? 3.249   9.622   2.799   1.00 8.63  ? 72  THR A C   1 
ATOM   542 O  O   . THR A 1 72 ? 3.287   8.409   3.033   1.00 10.17 ? 72  THR A O   1 
ATOM   543 C  CB  . THR A 1 72 ? 5.590   10.181  2.198   1.00 10.94 ? 72  THR A CB  1 
ATOM   544 O  OG1 . THR A 1 72 ? 6.737   10.970  2.536   1.00 12.91 ? 72  THR A OG1 1 
ATOM   545 C  CG2 . THR A 1 72 ? 5.215   10.450  0.761   1.00 13.00 ? 72  THR A CG2 1 
ATOM   546 N  N   . GLU A 1 73 ? 2.208   10.218  2.238   1.00 9.10  ? 73  GLU A N   1 
ATOM   547 C  CA  . GLU A 1 73 ? 1.071   9.469   1.722   1.00 9.19  ? 73  GLU A CA  1 
ATOM   548 C  C   . GLU A 1 73 ? 1.322   9.132   0.260   1.00 8.36  ? 73  GLU A C   1 
ATOM   549 O  O   . GLU A 1 73 ? 1.662   10.016  -0.539  1.00 9.17  ? 73  GLU A O   1 
ATOM   550 C  CB  . GLU A 1 73 ? -0.200  10.307  1.836   1.00 9.49  ? 73  GLU A CB  1 
ATOM   551 C  CG  . GLU A 1 73 ? -1.447  9.689   1.224   1.00 8.62  ? 73  GLU A CG  1 
ATOM   552 C  CD  . GLU A 1 73 ? -2.601  10.672  1.183   1.00 8.95  ? 73  GLU A CD  1 
ATOM   553 O  OE1 . GLU A 1 73 ? -2.410  11.779  0.634   1.00 9.34  ? 73  GLU A OE1 1 
ATOM   554 O  OE2 . GLU A 1 73 ? -3.697  10.350  1.698   1.00 8.98  ? 73  GLU A OE2 1 
ATOM   555 N  N   . TRP A 1 74 ? 1.145   7.864   -0.086  1.00 9.20  ? 74  TRP A N   1 
ATOM   556 C  CA  . TRP A 1 74 ? 1.242   7.384   -1.452  1.00 8.50  ? 74  TRP A CA  1 
ATOM   557 C  C   . TRP A 1 74 ? -0.134  6.927   -1.904  1.00 8.04  ? 74  TRP A C   1 
ATOM   558 O  O   . TRP A 1 74 ? -0.844  6.235   -1.163  1.00 8.59  ? 74  TRP A O   1 
ATOM   559 C  CB  . TRP A 1 74 ? 2.232   6.224   -1.518  1.00 10.03 ? 74  TRP A CB  1 
ATOM   560 C  CG  . TRP A 1 74 ? 3.636   6.679   -1.260  1.00 9.38  ? 74  TRP A CG  1 
ATOM   561 C  CD1 . TRP A 1 74 ? 4.317   6.636   -0.075  1.00 10.53 ? 74  TRP A CD1 1 
ATOM   562 C  CD2 . TRP A 1 74 ? 4.524   7.270   -2.216  1.00 10.43 ? 74  TRP A CD2 1 
ATOM   563 N  NE1 . TRP A 1 74 ? 5.585   7.159   -0.244  1.00 11.16 ? 74  TRP A NE1 1 
ATOM   564 C  CE2 . TRP A 1 74 ? 5.733   7.554   -1.548  1.00 11.92 ? 74  TRP A CE2 1 
ATOM   565 C  CE3 . TRP A 1 74 ? 4.412   7.581   -3.574  1.00 10.74 ? 74  TRP A CE3 1 
ATOM   566 C  CZ2 . TRP A 1 74 ? 6.826   8.130   -2.197  1.00 14.81 ? 74  TRP A CZ2 1 
ATOM   567 C  CZ3 . TRP A 1 74 ? 5.498   8.146   -4.215  1.00 13.77 ? 74  TRP A CZ3 1 
ATOM   568 C  CH2 . TRP A 1 74 ? 6.686   8.419   -3.525  1.00 14.61 ? 74  TRP A CH2 1 
ATOM   569 N  N   . CYS A 1 75 ? -0.510  7.313   -3.119  1.00 8.11  ? 75  CYS A N   1 
ATOM   570 C  CA  . CYS A 1 75 ? -1.867  7.124   -3.612  1.00 8.55  ? 75  CYS A CA  1 
ATOM   571 C  C   . CYS A 1 75 ? -1.857  6.245   -4.847  1.00 8.21  ? 75  CYS A C   1 
ATOM   572 O  O   . CYS A 1 75 ? -1.121  6.522   -5.801  1.00 9.03  ? 75  CYS A O   1 
ATOM   573 C  CB  . CYS A 1 75 ? -2.494  8.462   -4.002  1.00 8.96  ? 75  CYS A CB  1 
ATOM   574 S  SG  . CYS A 1 75 ? -2.452  9.702   -2.714  1.00 10.18 ? 75  CYS A SG  1 
ATOM   575 N  N   . TRP A 1 76 ? -2.699  5.214   -4.834  1.00 8.53  ? 76  TRP A N   1 
ATOM   576 C  CA  . TRP A 1 76 ? -3.045  4.442   -6.018  1.00 8.78  ? 76  TRP A CA  1 
ATOM   577 C  C   . TRP A 1 76 ? -4.494  4.750   -6.352  1.00 8.90  ? 76  TRP A C   1 
ATOM   578 O  O   . TRP A 1 76 ? -5.388  4.499   -5.534  1.00 9.59  ? 76  TRP A O   1 
ATOM   579 C  CB  . TRP A 1 76 ? -2.915  2.940   -5.775  1.00 9.51  ? 76  TRP A CB  1 
ATOM   580 C  CG  . TRP A 1 76 ? -3.375  2.163   -6.972  1.00 11.05 ? 76  TRP A CG  1 
ATOM   581 C  CD1 . TRP A 1 76 ? -4.657  1.777   -7.290  1.00 11.30 ? 76  TRP A CD1 1 
ATOM   582 C  CD2 . TRP A 1 76 ? -2.550  1.708   -8.036  1.00 11.55 ? 76  TRP A CD2 1 
ATOM   583 N  NE1 . TRP A 1 76 ? -4.662  1.102   -8.487  1.00 11.79 ? 76  TRP A NE1 1 
ATOM   584 C  CE2 . TRP A 1 76 ? -3.382  1.052   -8.969  1.00 11.63 ? 76  TRP A CE2 1 
ATOM   585 C  CE3 . TRP A 1 76 ? -1.180  1.790   -8.292  1.00 11.56 ? 76  TRP A CE3 1 
ATOM   586 C  CZ2 . TRP A 1 76 ? -2.883  0.476   -10.135 1.00 11.54 ? 76  TRP A CZ2 1 
ATOM   587 C  CZ3 . TRP A 1 76 ? -0.694  1.219   -9.438  1.00 13.97 ? 76  TRP A CZ3 1 
ATOM   588 C  CH2 . TRP A 1 76 ? -1.538  0.572   -10.352 1.00 13.93 ? 76  TRP A CH2 1 
ATOM   589 N  N   . ASP A 1 77 ? -4.721  5.264   -7.559  1.00 10.40 ? 77  ASP A N   1 
ATOM   590 C  CA  . ASP A 1 77 ? -6.056  5.538   -8.068  1.00 11.15 ? 77  ASP A CA  1 
ATOM   591 C  C   . ASP A 1 77 ? -6.169  5.065   -9.509  1.00 11.28 ? 77  ASP A C   1 
ATOM   592 O  O   . ASP A 1 77 ? -6.784  5.727   -10.349 1.00 13.12 ? 77  ASP A O   1 
ATOM   593 C  CB  . ASP A 1 77 ? -6.416  7.015   -7.925  1.00 11.94 ? 77  ASP A CB  1 
ATOM   594 C  CG  . ASP A 1 77 ? -6.315  7.495   -6.488  1.00 12.49 ? 77  ASP A CG  1 
ATOM   595 O  OD1 . ASP A 1 77 ? -7.208  7.168   -5.678  1.00 11.42 ? 77  ASP A OD1 1 
ATOM   596 O  OD2 . ASP A 1 77 ? -5.321  8.178   -6.155  1.00 14.78 ? 77  ASP A OD2 1 
ATOM   597 N  N   . GLY A 1 78 ? -5.556  3.922   -9.816  1.00 10.33 ? 78  GLY A N   1 
ATOM   598 C  CA  . GLY A 1 78 ? -5.707  3.280   -11.103 1.00 12.66 ? 78  GLY A CA  1 
ATOM   599 C  C   . GLY A 1 78 ? -4.580  3.520   -12.077 1.00 11.98 ? 78  GLY A C   1 
ATOM   600 O  O   . GLY A 1 78 ? -4.619  2.965   -13.182 1.00 13.89 ? 78  GLY A O   1 
ATOM   601 N  N   . ASN A 1 79 ? -3.560  4.297   -11.698 1.00 11.62 ? 79  ASN A N   1 
ATOM   602 C  CA  . ASN A 1 79 ? -2.574  4.766   -12.666 1.00 11.09 ? 79  ASN A CA  1 
ATOM   603 C  C   . ASN A 1 79 ? -1.214  4.970   -12.009 1.00 13.11 ? 79  ASN A C   1 
ATOM   604 O  O   . ASN A 1 79 ? -0.537  5.974   -12.260 1.00 14.38 ? 79  ASN A O   1 
ATOM   605 C  CB  . ASN A 1 79 ? -3.030  6.069   -13.333 1.00 13.08 ? 79  ASN A CB  1 
ATOM   606 C  CG  . ASN A 1 79 ? -2.122  6.492   -14.470 1.00 14.33 ? 79  ASN A CG  1 
ATOM   607 O  OD1 . ASN A 1 79 ? -1.680  5.659   -15.261 1.00 16.01 ? 79  ASN A OD1 1 
ATOM   608 N  ND2 . ASN A 1 79 ? -1.810  7.790   -14.539 1.00 14.50 ? 79  ASN A ND2 1 
ATOM   609 N  N   . GLY A 1 80 ? -0.786  4.032   -11.180 1.00 12.87 ? 80  GLY A N   1 
ATOM   610 C  CA  . GLY A 1 80 ? 0.512   4.141   -10.551 1.00 12.17 ? 80  GLY A CA  1 
ATOM   611 C  C   . GLY A 1 80 ? 0.470   4.921   -9.250  1.00 10.68 ? 80  GLY A C   1 
ATOM   612 O  O   . GLY A 1 80 ? -0.522  5.564   -8.892  1.00 12.20 ? 80  GLY A O   1 
ATOM   613 N  N   . TRP A 1 81 ? 1.589   4.867   -8.537  1.00 10.16 ? 81  TRP A N   1 
ATOM   614 C  CA  . TRP A 1 81 ? 1.705   5.446   -7.207  1.00 10.75 ? 81  TRP A CA  1 
ATOM   615 C  C   . TRP A 1 81 ? 2.319   6.837   -7.281  1.00 10.32 ? 81  TRP A C   1 
ATOM   616 O  O   . TRP A 1 81 ? 3.370   7.021   -7.906  1.00 12.38 ? 81  TRP A O   1 
ATOM   617 C  CB  . TRP A 1 81 ? 2.601   4.575   -6.341  1.00 10.62 ? 81  TRP A CB  1 
ATOM   618 C  CG  . TRP A 1 81 ? 2.013   3.251   -6.022  1.00 10.41 ? 81  TRP A CG  1 
ATOM   619 C  CD1 . TRP A 1 81 ? 2.247   2.070   -6.671  1.00 10.26 ? 81  TRP A CD1 1 
ATOM   620 C  CD2 . TRP A 1 81 ? 1.098   2.957   -4.962  1.00 9.20  ? 81  TRP A CD2 1 
ATOM   621 N  NE1 . TRP A 1 81 ? 1.526   1.057   -6.081  1.00 10.56 ? 81  TRP A NE1 1 
ATOM   622 C  CE2 . TRP A 1 81 ? 0.818   1.572   -5.024  1.00 9.80  ? 81  TRP A CE2 1 
ATOM   623 C  CE3 . TRP A 1 81 ? 0.493   3.729   -3.959  1.00 9.62  ? 81  TRP A CE3 1 
ATOM   624 C  CZ2 . TRP A 1 81 ? -0.037  0.945   -4.121  1.00 9.76  ? 81  TRP A CZ2 1 
ATOM   625 C  CZ3 . TRP A 1 81 ? -0.353  3.108   -3.068  1.00 8.90  ? 81  TRP A CZ3 1 
ATOM   626 C  CH2 . TRP A 1 81 ? -0.603  1.723   -3.148  1.00 8.65  ? 81  TRP A CH2 1 
ATOM   627 N  N   . THR A 1 82 ? 1.686   7.809   -6.626  1.00 9.19  ? 82  THR A N   1 
ATOM   628 C  CA  . THR A 1 82 ? 2.249   9.149   -6.501  1.00 10.80 ? 82  THR A CA  1 
ATOM   629 C  C   . THR A 1 82 ? 1.970   9.679   -5.101  1.00 9.61  ? 82  THR A C   1 
ATOM   630 O  O   . THR A 1 82 ? 1.086   9.188   -4.392  1.00 10.18 ? 82  THR A O   1 
ATOM   631 C  CB  . THR A 1 82 ? 1.677   10.142  -7.528  1.00 14.51 ? 82  THR A CB  1 
ATOM   632 O  OG1 . THR A 1 82 ? 0.280   10.323  -7.297  1.00 12.73 ? 82  THR A OG1 1 
ATOM   633 C  CG2 . THR A 1 82 ? 1.905   9.667   -8.962  1.00 14.14 ? 82  THR A CG2 1 
ATOM   634 N  N   . LYS A 1 83 ? 2.720   10.708  -4.713  1.00 9.79  ? 83  LYS A N   1 
ATOM   635 C  CA  . LYS A 1 83 ? 2.548   11.305  -3.396  1.00 9.76  ? 83  LYS A CA  1 
ATOM   636 C  C   . LYS A 1 83 ? 1.250   12.093  -3.331  1.00 9.40  ? 83  LYS A C   1 
ATOM   637 O  O   . LYS A 1 83 ? 0.899   12.827  -4.261  1.00 11.79 ? 83  LYS A O   1 
ATOM   638 C  CB  . LYS A 1 83 ? 3.718   12.235  -3.081  1.00 11.33 ? 83  LYS A CB  1 
ATOM   639 C  CG  . LYS A 1 83 ? 5.046   11.518  -2.917  1.00 13.22 ? 83  LYS A CG  1 
ATOM   640 C  CD  . LYS A 1 83 ? 6.149   12.505  -2.567  1.00 16.69 ? 83  LYS A CD  1 
ATOM   641 C  CE  . LYS A 1 83 ? 7.503   11.829  -2.552  1.00 17.69 ? 83  LYS A CE  1 
ATOM   642 N  NZ  . LYS A 1 83 ? 8.577   12.734  -2.053  1.00 21.16 ? 83  LYS A NZ  1 
ATOM   643 N  N   . GLY A 1 84 ? 0.542   11.944  -2.209  1.00 9.27  ? 84  GLY A N   1 
ATOM   644 C  CA  . GLY A 1 84 ? -0.683  12.667  -1.966  1.00 10.11 ? 84  GLY A CA  1 
ATOM   645 C  C   . GLY A 1 84 ? -0.471  13.869  -1.057  1.00 9.67  ? 84  GLY A C   1 
ATOM   646 O  O   . GLY A 1 84 ? 0.605   14.115  -0.519  1.00 9.83  ? 84  GLY A O   1 
ATOM   647 N  N   . ALA A 1 85 ? -1.561  14.610  -0.871  1.00 9.19  ? 85  ALA A N   1 
ATOM   648 C  CA  . ALA A 1 85 ? -1.510  15.901  -0.197  1.00 9.67  ? 85  ALA A CA  1 
ATOM   649 C  C   . ALA A 1 85 ? -1.369  15.795  1.315   1.00 10.14 ? 85  ALA A C   1 
ATOM   650 O  O   . ALA A 1 85 ? -1.135  16.821  1.964   1.00 12.26 ? 85  ALA A O   1 
ATOM   651 C  CB  . ALA A 1 85 ? -2.762  16.713  -0.525  1.00 11.05 ? 85  ALA A CB  1 
ATOM   652 N  N   . TYR A 1 86 ? -1.505  14.600  1.890   1.00 10.02 ? 86  TYR A N   1 
ATOM   653 C  CA  . TYR A 1 86 ? -1.402  14.436  3.335   1.00 9.01  ? 86  TYR A CA  1 
ATOM   654 C  C   . TYR A 1 86 ? -0.133  15.063  3.893   1.00 13.73 ? 86  TYR A C   1 
ATOM   655 O  O   . TYR A 1 86 ? 0.964   14.869  3.361   1.00 15.34 ? 86  TYR A O   1 
ATOM   656 C  CB  . TYR A 1 86 ? -1.425  12.949  3.687   1.00 9.63  ? 86  TYR A CB  1 
ATOM   657 C  CG  . TYR A 1 86 ? -1.195  12.662  5.152   1.00 8.98  ? 86  TYR A CG  1 
ATOM   658 C  CD1 . TYR A 1 86 ? -2.260  12.605  6.034   1.00 9.27  ? 86  TYR A CD1 1 
ATOM   659 C  CD2 . TYR A 1 86 ? 0.077   12.419  5.650   1.00 10.21 ? 86  TYR A CD2 1 
ATOM   660 C  CE1 . TYR A 1 86 ? -2.071  12.342  7.372   1.00 10.56 ? 86  TYR A CE1 1 
ATOM   661 C  CE2 . TYR A 1 86 ? 0.275   12.163  6.998   1.00 11.70 ? 86  TYR A CE2 1 
ATOM   662 C  CZ  . TYR A 1 86 ? -0.807  12.121  7.849   1.00 11.22 ? 86  TYR A CZ  1 
ATOM   663 O  OH  . TYR A 1 86 ? -0.628  11.873  9.195   1.00 13.29 ? 86  TYR A OH  1 
ATOM   664 N  N   . THR A 1 87 ? -0.314  15.815  4.981   1.00 16.45 ? 87  THR A N   1 
ATOM   665 C  CA  . THR A 1 87 ? 0.749   16.348  5.819   1.00 25.14 ? 87  THR A CA  1 
ATOM   666 C  C   . THR A 1 87 ? 0.408   16.040  7.272   1.00 19.66 ? 87  THR A C   1 
ATOM   667 O  O   . THR A 1 87 ? -0.755  15.809  7.624   1.00 16.57 ? 87  THR A O   1 
ATOM   668 C  CB  . THR A 1 87 ? 0.898   17.872  5.653   1.00 22.64 ? 87  THR A CB  1 
ATOM   669 O  OG1 . THR A 1 87 ? -0.317  18.517  6.050   1.00 23.46 ? 87  THR A OG1 1 
ATOM   670 C  CG2 . THR A 1 87 ? 1.217   18.240  4.208   1.00 22.35 ? 87  THR A CG2 1 
ATOM   671 N  N   . ALA A 1 88 ? 1.442   16.054  8.120   1.00 29.71 ? 88  ALA A N   1 
ATOM   672 C  CA  . ALA A 1 88 ? 1.264   15.675  9.519   1.00 36.61 ? 88  ALA A CA  1 
ATOM   673 C  C   . ALA A 1 88 ? 0.497   16.729  10.312  1.00 48.73 ? 88  ALA A C   1 
ATOM   674 O  O   . ALA A 1 88 ? -0.210  16.385  11.266  1.00 50.66 ? 88  ALA A O   1 
ATOM   675 C  CB  . ALA A 1 88 ? 2.617   15.390  10.170  1.00 41.65 ? 88  ALA A CB  1 
ATOM   676 N  N   . THR A 1 89 ? 0.651   18.006  9.969   1.00 43.38 ? 89  THR A N   1 
ATOM   677 C  CA  . THR A 1 89 ? -0.165  19.069  10.559  0.00 48.19 ? 89  THR A CA  1 
ATOM   678 C  C   . THR A 1 89 ? -0.601  20.059  9.487   0.00 62.33 ? 89  THR A C   1 
ATOM   679 O  O   . THR A 1 89 ? 0.164   20.942  9.096   0.00 51.93 ? 89  THR A O   1 
ATOM   680 C  CB  . THR A 1 89 ? 0.565   19.852  11.677  0.00 65.28 ? 89  THR A CB  1 
ATOM   681 O  OG1 . THR A 1 89 ? 1.443   20.823  11.092  0.00 71.08 ? 89  THR A OG1 1 
ATOM   682 C  CG2 . THR A 1 89 ? 1.357   18.927  12.592  0.00 66.16 ? 89  THR A CG2 1 
HETATM 683 C  C11 . EVB B 2 .  ? -11.049 -16.088 -8.726  1.00 10.74 ? 101 EVB A C11 1 
HETATM 684 C  C12 . EVB B 2 .  ? -10.415 -15.155 -9.542  1.00 10.58 ? 101 EVB A C12 1 
HETATM 685 C  C13 . EVB B 2 .  ? -11.187 -14.157 -10.126 1.00 10.86 ? 101 EVB A C13 1 
HETATM 686 C  C14 . EVB B 2 .  ? -8.928  -15.249 -9.809  1.00 12.20 ? 101 EVB A C14 1 
HETATM 687 C  C15 . EVB B 2 .  ? -11.314 -8.446  -10.956 1.00 10.97 ? 101 EVB A C15 1 
HETATM 688 C  C17 . EVB B 2 .  ? -12.313 -6.418  -12.064 1.00 13.46 ? 101 EVB A C17 1 
HETATM 689 C  C18 . EVB B 2 .  ? -12.577 -5.058  -12.104 1.00 13.34 ? 101 EVB A C18 1 
HETATM 690 C  C19 . EVB B 2 .  ? -12.200 -4.239  -11.051 1.00 12.04 ? 101 EVB A C19 1 
HETATM 691 C  C20 . EVB B 2 .  ? -11.555 -4.770  -9.937  1.00 11.22 ? 101 EVB A C20 1 
HETATM 692 C  C21 . EVB B 2 .  ? -11.312 -6.145  -9.904  1.00 9.90  ? 101 EVB A C21 1 
HETATM 693 C  C22 . EVB B 2 .  ? -8.686  -16.022 -11.084 1.00 13.67 ? 101 EVB A C22 1 
HETATM 694 C  C23 . EVB B 2 .  ? -8.688  -15.395 -12.339 1.00 14.43 ? 101 EVB A C23 1 
HETATM 695 C  C1  . EVB B 2 .  ? -14.068 -11.158 -9.053  1.00 11.03 ? 101 EVB A C1  1 
HETATM 696 C  C2  . EVB B 2 .  ? -13.263 -11.621 -10.089 1.00 10.37 ? 101 EVB A C2  1 
HETATM 697 C  C3  . EVB B 2 .  ? -12.368 -10.725 -10.683 1.00 10.51 ? 101 EVB A C3  1 
HETATM 698 C  C4  . EVB B 2 .  ? -12.290 -9.391  -10.290 1.00 11.08 ? 101 EVB A C4  1 
HETATM 699 C  C5  . EVB B 2 .  ? -13.118 -8.953  -9.265  1.00 10.93 ? 101 EVB A C5  1 
HETATM 700 C  C6  . EVB B 2 .  ? -13.993 -9.835  -8.641  1.00 11.54 ? 101 EVB A C6  1 
HETATM 701 C  C7  . EVB B 2 .  ? -13.420 -13.039 -10.612 1.00 10.94 ? 101 EVB A C7  1 
HETATM 702 C  C8  . EVB B 2 .  ? -12.570 -14.089 -9.929  1.00 10.55 ? 101 EVB A C8  1 
HETATM 703 C  C9  . EVB B 2 .  ? -13.168 -15.038 -9.118  1.00 10.51 ? 101 EVB A C9  1 
HETATM 704 C  C10 . EVB B 2 .  ? -12.416 -16.022 -8.519  1.00 9.89  ? 101 EVB A C10 1 
HETATM 705 C  C16 . EVB B 2 .  ? -11.673 -6.980  -10.963 1.00 10.89 ? 101 EVB A C16 1 
HETATM 706 C  C24 . EVB B 2 .  ? -8.503  -16.122 -13.521 1.00 18.01 ? 101 EVB A C24 1 
HETATM 707 C  C25 . EVB B 2 .  ? -8.299  -17.496 -13.424 1.00 17.66 ? 101 EVB A C25 1 
HETATM 708 C  C26 . EVB B 2 .  ? -8.310  -18.121 -12.192 1.00 14.70 ? 101 EVB A C26 1 
HETATM 709 C  C27 . EVB B 2 .  ? -8.491  -17.391 -11.032 1.00 15.55 ? 101 EVB A C27 1 
HETATM 710 C  C28 . EVB B 2 .  ? -8.619  -15.456 -14.887 1.00 24.58 ? 101 EVB A C28 1 
HETATM 711 C  C29 . EVB B 2 .  ? -11.068 -3.856  -8.830  1.00 10.90 ? 101 EVB A C29 1 
HETATM 712 C  C30 . EVB B 2 .  ? -7.377  -14.804 -15.484 1.00 31.07 ? 101 EVB A C30 1 
HETATM 713 C  C31 . EVB B 2 .  ? -7.120  -13.434 -15.323 1.00 30.84 ? 101 EVB A C31 1 
HETATM 714 C  C32 . EVB B 2 .  ? -6.013  -12.822 -15.927 1.00 31.02 ? 101 EVB A C32 1 
HETATM 715 C  C33 . EVB B 2 .  ? -5.169  -13.601 -16.708 1.00 40.40 ? 101 EVB A C33 1 
HETATM 716 C  C34 . EVB B 2 .  ? -5.413  -14.950 -16.876 1.00 42.07 ? 101 EVB A C34 1 
HETATM 717 C  C35 . EVB B 2 .  ? -6.501  -15.552 -16.265 1.00 35.74 ? 101 EVB A C35 1 
HETATM 718 C  C36 . EVB B 2 .  ? -9.646  -3.418  -9.112  1.00 10.02 ? 101 EVB A C36 1 
HETATM 719 C  C37 . EVB B 2 .  ? -9.394  -2.206  -9.750  1.00 10.70 ? 101 EVB A C37 1 
HETATM 720 C  C38 . EVB B 2 .  ? -8.091  -1.815  -10.023 1.00 9.92  ? 101 EVB A C38 1 
HETATM 721 C  C39 . EVB B 2 .  ? -7.035  -2.618  -9.678  1.00 12.82 ? 101 EVB A C39 1 
HETATM 722 C  C40 . EVB B 2 .  ? -7.248  -3.828  -9.039  1.00 11.42 ? 101 EVB A C40 1 
HETATM 723 C  C41 . EVB B 2 .  ? -8.561  -4.215  -8.764  1.00 9.85  ? 101 EVB A C41 1 
HETATM 724 C  C42 . EVB B 2 .  ? -5.727  -11.347 -15.742 1.00 21.34 ? 101 EVB A C42 1 
HETATM 725 C  C43 . EVB B 2 .  ? -6.079  -4.701  -8.659  1.00 12.88 ? 101 EVB A C43 1 
HETATM 726 C  C44 . EVB B 2 .  ? -5.301  -11.030 -14.325 1.00 26.45 ? 101 EVB A C44 1 
HETATM 727 C  C45 . EVB B 2 .  ? -6.036  -10.152 -13.529 1.00 17.65 ? 101 EVB A C45 1 
HETATM 728 C  C46 . EVB B 2 .  ? -5.655  -9.859  -12.220 1.00 22.28 ? 101 EVB A C46 1 
HETATM 729 C  C47 . EVB B 2 .  ? -4.510  -10.461 -11.709 1.00 20.48 ? 101 EVB A C47 1 
HETATM 730 C  C48 . EVB B 2 .  ? -3.772  -11.333 -12.484 1.00 31.24 ? 101 EVB A C48 1 
HETATM 731 C  C49 . EVB B 2 .  ? -4.160  -11.618 -13.783 1.00 28.39 ? 101 EVB A C49 1 
HETATM 732 C  C50 . EVB B 2 .  ? -5.649  -5.547  -9.826  1.00 12.22 ? 101 EVB A C50 1 
HETATM 733 C  C51 . EVB B 2 .  ? -4.661  -5.090  -10.694 1.00 14.55 ? 101 EVB A C51 1 
HETATM 734 C  C52 . EVB B 2 .  ? -4.265  -5.855  -11.770 1.00 15.07 ? 101 EVB A C52 1 
HETATM 735 C  C53 . EVB B 2 .  ? -4.830  -7.102  -11.986 1.00 14.38 ? 101 EVB A C53 1 
HETATM 736 C  C54 . EVB B 2 .  ? -5.828  -7.586  -11.129 1.00 13.43 ? 101 EVB A C54 1 
HETATM 737 C  C55 . EVB B 2 .  ? -6.226  -6.792  -10.068 1.00 11.39 ? 101 EVB A C55 1 
HETATM 738 O  O1  . EVB B 2 .  ? -7.156  -9.572  -14.031 1.00 26.37 ? 101 EVB A O1  1 
HETATM 739 O  O2  . EVB B 2 .  ? -7.964  -12.673 -14.581 1.00 25.56 ? 101 EVB A O2  1 
HETATM 740 O  O3  . EVB B 2 .  ? -8.872  -14.053 -12.436 1.00 17.37 ? 101 EVB A O3  1 
HETATM 741 O  O4  . EVB B 2 .  ? -10.562 -13.238 -10.900 1.00 12.55 ? 101 EVB A O4  1 
HETATM 742 O  O5  . EVB B 2 .  ? -11.530 -11.133 -11.661 1.00 11.81 ? 101 EVB A O5  1 
HETATM 743 O  O6  . EVB B 2 .  ? -10.703 -6.692  -8.820  1.00 10.13 ? 101 EVB A O6  1 
HETATM 744 O  O7  . EVB B 2 .  ? -8.779  -5.406  -8.151  1.00 9.96  ? 101 EVB A O7  1 
HETATM 745 O  O8  . EVB B 2 .  ? -7.231  -7.256  -9.282  1.00 12.04 ? 101 EVB A O8  1 
HETATM 746 S  S64 . EVB B 2 .  ? -2.316  -12.085 -11.816 1.00 35.28 ? 101 EVB A S64 1 
HETATM 747 S  S65 . EVB B 2 .  ? -4.340  -15.911 -17.899 1.00 60.48 ? 101 EVB A S65 1 
HETATM 748 S  S66 . EVB B 2 .  ? -8.168  -19.875 -12.102 1.00 21.46 ? 101 EVB A S66 1 
HETATM 749 S  S67 . EVB B 2 .  ? -13.197 -17.173 -7.445  1.00 11.38 ? 101 EVB A S67 1 
HETATM 750 S  S68 . EVB B 2 .  ? -15.019 -9.262  -7.313  1.00 12.35 ? 101 EVB A S68 1 
HETATM 751 S  S69 . EVB B 2 .  ? -13.444 -4.370  -13.484 1.00 19.71 ? 101 EVB A S69 1 
HETATM 752 S  S70 . EVB B 2 .  ? -7.783  -0.252  -10.765 1.00 12.75 ? 101 EVB A S70 1 
HETATM 753 S  S71 . EVB B 2 .  ? -3.073  -5.213  -12.913 1.00 18.20 ? 101 EVB A S71 1 
HETATM 754 C  C72 . EVB B 2 .  ? -6.470  -8.933  -11.361 1.00 14.88 ? 101 EVB A C72 1 
HETATM 755 O  O9  . EVB B 2 .  ? -1.252  -11.116 -11.962 1.00 42.19 ? 101 EVB A O9  1 
HETATM 756 O  O10 . EVB B 2 .  ? -2.603  -12.358 -10.390 1.00 25.06 ? 101 EVB A O10 1 
HETATM 757 O  O11 . EVB B 2 .  ? -2.106  -13.308 -12.560 1.00 41.66 ? 101 EVB A O11 1 
HETATM 758 O  O12 . EVB B 2 .  ? -3.658  -16.835 -17.024 1.00 41.76 ? 101 EVB A O12 1 
HETATM 759 O  O13 . EVB B 2 .  ? -3.464  -14.976 -18.567 1.00 44.95 ? 101 EVB A O13 1 
HETATM 760 O  O14 . EVB B 2 .  ? -5.209  -16.612 -18.864 1.00 53.30 ? 101 EVB A O14 1 
HETATM 761 O  O15 . EVB B 2 .  ? -7.932  -20.333 -13.446 1.00 25.62 ? 101 EVB A O15 1 
HETATM 762 O  O16 . EVB B 2 .  ? -7.007  -20.147 -11.232 1.00 25.29 ? 101 EVB A O16 1 
HETATM 763 O  O17 . EVB B 2 .  ? -9.399  -20.353 -11.517 1.00 21.91 ? 101 EVB A O17 1 
HETATM 764 O  O18 . EVB B 2 .  ? -12.288 -18.278 -7.272  1.00 14.51 ? 101 EVB A O18 1 
HETATM 765 O  O19 . EVB B 2 .  ? -13.493 -16.446 -6.225  1.00 13.67 ? 101 EVB A O19 1 
HETATM 766 O  O20 . EVB B 2 .  ? -14.436 -17.588 -8.118  1.00 11.85 ? 101 EVB A O20 1 
HETATM 767 O  O21 . EVB B 2 .  ? -16.352 -9.826  -7.540  1.00 17.92 ? 101 EVB A O21 1 
HETATM 768 O  O22 . EVB B 2 .  ? -15.038 -7.812  -7.421  1.00 16.56 ? 101 EVB A O22 1 
HETATM 769 O  O23 . EVB B 2 .  ? -14.423 -9.712  -6.092  1.00 16.18 ? 101 EVB A O23 1 
HETATM 770 O  O24 . EVB B 2 .  ? -13.463 -5.387  -14.514 1.00 25.61 ? 101 EVB A O24 1 
HETATM 771 O  O25 . EVB B 2 .  ? -12.692 -3.177  -13.905 1.00 21.46 ? 101 EVB A O25 1 
HETATM 772 O  O26 . EVB B 2 .  ? -14.749 -4.019  -12.990 1.00 22.07 ? 101 EVB A O26 1 
HETATM 773 O  O27 . EVB B 2 .  ? -8.085  -0.395  -12.172 1.00 15.21 ? 101 EVB A O27 1 
HETATM 774 O  O28 . EVB B 2 .  ? -6.353  0.036   -10.565 1.00 15.65 ? 101 EVB A O28 1 
HETATM 775 O  O29 . EVB B 2 .  ? -8.639  0.698   -10.089 1.00 15.62 ? 101 EVB A O29 1 
HETATM 776 O  O30 . EVB B 2 .  ? -3.809  -4.820  -14.092 1.00 21.48 ? 101 EVB A O30 1 
HETATM 777 O  O31 . EVB B 2 .  ? -2.462  -4.042  -12.261 1.00 22.46 ? 101 EVB A O31 1 
HETATM 778 O  O32 . EVB B 2 .  ? -2.117  -6.267  -13.143 1.00 25.72 ? 101 EVB A O32 1 
HETATM 779 S  S   . SO4 C 3 .  ? -14.511 6.992   -8.009  0.76 14.85 ? 102 SO4 A S   1 
HETATM 780 O  O1  . SO4 C 3 .  ? -14.813 7.057   -6.581  0.76 22.24 ? 102 SO4 A O1  1 
HETATM 781 O  O2  . SO4 C 3 .  ? -15.734 6.729   -8.765  0.76 14.50 ? 102 SO4 A O2  1 
HETATM 782 O  O3  . SO4 C 3 .  ? -13.560 5.908   -8.252  0.76 15.02 ? 102 SO4 A O3  1 
HETATM 783 O  O4  . SO4 C 3 .  ? -13.948 8.270   -8.438  0.76 19.86 ? 102 SO4 A O4  1 
HETATM 784 C  C1  . BDF D 4 .  ? -5.538  12.112  -4.252  1.00 12.88 ? 103 BDF A C1  1 
HETATM 785 C  C2  . BDF D 4 .  ? -6.047  12.658  -2.926  1.00 10.29 ? 103 BDF A C2  1 
HETATM 786 C  C3  . BDF D 4 .  ? -4.899  12.936  -1.945  1.00 9.76  ? 103 BDF A C3  1 
HETATM 787 C  C4  . BDF D 4 .  ? -5.448  13.266  -0.558  1.00 9.55  ? 103 BDF A C4  1 
HETATM 788 C  C5  . BDF D 4 .  ? -6.403  12.174  -0.096  1.00 9.46  ? 103 BDF A C5  1 
HETATM 789 C  C6  . BDF D 4 .  ? -7.487  11.994  -1.130  1.00 10.65 ? 103 BDF A C6  1 
HETATM 790 O  O1  . BDF D 4 .  ? -6.577  12.041  -5.220  1.00 17.75 ? 103 BDF A O1  1 
HETATM 791 O  O2  . BDF D 4 .  ? -6.766  13.845  -3.103  1.00 12.89 ? 103 BDF A O2  1 
HETATM 792 O  O3  . BDF D 4 .  ? -4.096  14.019  -2.413  1.00 10.51 ? 103 BDF A O3  1 
HETATM 793 O  O4  . BDF D 4 .  ? -4.385  13.458  0.372   1.00 9.44  ? 103 BDF A O4  1 
HETATM 794 O  O5  . BDF D 4 .  ? -5.733  10.912  0.052   1.00 9.31  ? 103 BDF A O5  1 
HETATM 795 O  O6  . BDF D 4 .  ? -6.902  11.649  -2.392  1.00 10.49 ? 103 BDF A O6  1 
HETATM 796 C  C1  . BDF E 4 .  ? -1.030  -5.260  -9.366  1.00 11.42 ? 104 BDF A C1  1 
HETATM 797 C  C2  . BDF E 4 .  ? -1.106  -3.800  -8.949  1.00 12.23 ? 104 BDF A C2  1 
HETATM 798 C  C3  . BDF E 4 .  ? 0.118   -3.400  -8.115  1.00 12.80 ? 104 BDF A C3  1 
HETATM 799 C  C4  . BDF E 4 .  ? -0.066  -1.989  -7.571  1.00 11.11 ? 104 BDF A C4  1 
HETATM 800 C  C5  . BDF E 4 .  ? -1.376  -1.875  -6.800  1.00 10.30 ? 104 BDF A C5  1 
HETATM 801 C  C6  . BDF E 4 .  ? -2.522  -2.335  -7.676  1.00 11.21 ? 104 BDF A C6  1 
HETATM 802 O  O1  . BDF E 4 .  ? 0.004   -5.483  -10.313 1.00 18.68 ? 104 BDF A O1  1 
HETATM 803 O  O2  . BDF E 4 .  ? -1.161  -2.952  -10.065 1.00 14.20 ? 104 BDF A O2  1 
HETATM 804 O  O3  . BDF E 4 .  ? 1.313   -3.473  -8.894  1.00 14.07 ? 104 BDF A O3  1 
HETATM 805 O  O4  . BDF E 4 .  ? 1.055   -1.607  -6.789  1.00 10.56 ? 104 BDF A O4  1 
HETATM 806 O  O5  . BDF E 4 .  ? -1.388  -2.666  -5.604  1.00 9.49  ? 104 BDF A O5  1 
HETATM 807 O  O6  . BDF E 4 .  ? -2.289  -3.674  -8.158  1.00 11.55 ? 104 BDF A O6  1 
HETATM 808 NA NA  . NA  F 5 .  ? 3.527   5.198   8.665   1.00 16.12 1 105 NA  A NA  1 
HETATM 809 O  O   . HOH G 6 .  ? 16.096  5.128   0.544   1.00 27.48 ? 201 HOH A O   1 
HETATM 810 O  O   . HOH G 6 .  ? -3.750  9.591   -7.551  1.00 20.63 ? 202 HOH A O   1 
HETATM 811 O  O   . HOH G 6 .  ? -18.140 -11.163 -6.309  1.00 15.72 ? 203 HOH A O   1 
HETATM 812 O  O   . HOH G 6 .  ? -0.556  -15.436 -14.189 1.00 41.36 ? 204 HOH A O   1 
HETATM 813 O  O   . HOH G 6 .  ? 7.107   -4.004  -4.153  1.00 11.46 ? 205 HOH A O   1 
HETATM 814 O  O   . HOH G 6 .  ? 1.728   11.189  10.219  1.00 16.51 ? 206 HOH A O   1 
HETATM 815 O  O   . HOH G 6 .  ? 7.337   -7.420  0.714   1.00 19.16 ? 207 HOH A O   1 
HETATM 816 O  O   . HOH G 6 .  ? -1.044  -8.459  -12.010 1.00 26.21 ? 208 HOH A O   1 
HETATM 817 O  O   . HOH G 6 .  ? -1.349  8.348   -8.048  1.00 12.41 ? 209 HOH A O   1 
HETATM 818 O  O   A HOH G 6 .  ? -8.041  -2.197  4.940   0.42 13.07 ? 210 HOH A O   1 
HETATM 819 O  O   B HOH G 6 .  ? -8.559  -0.943  4.293   0.58 21.08 ? 210 HOH A O   1 
HETATM 820 O  O   . HOH G 6 .  ? -2.969  -13.474 -7.734  1.00 11.01 ? 211 HOH A O   1 
HETATM 821 O  O   . HOH G 6 .  ? -3.039  6.104   -9.660  1.00 10.49 ? 212 HOH A O   1 
HETATM 822 O  O   . HOH G 6 .  ? 15.502  4.510   8.444   1.00 31.66 ? 213 HOH A O   1 
HETATM 823 O  O   . HOH G 6 .  ? -12.420 5.929   -10.689 1.00 23.30 ? 214 HOH A O   1 
HETATM 824 O  O   . HOH G 6 .  ? -16.179 1.826   -14.515 1.00 27.48 ? 215 HOH A O   1 
HETATM 825 O  O   . HOH G 6 .  ? 2.150   13.103  1.457   1.00 14.77 ? 216 HOH A O   1 
HETATM 826 O  O   . HOH G 6 .  ? 8.223   9.949   4.555   1.00 18.88 ? 217 HOH A O   1 
HETATM 827 O  O   . HOH G 6 .  ? -12.363 -16.984 -3.823  1.00 22.30 ? 218 HOH A O   1 
HETATM 828 O  O   . HOH G 6 .  ? -8.496  -16.078 -2.963  1.00 16.65 ? 219 HOH A O   1 
HETATM 829 O  O   . HOH G 6 .  ? 4.780   -7.530  1.837   1.00 11.66 ? 220 HOH A O   1 
HETATM 830 O  O   . HOH G 6 .  ? -0.699  8.227   -10.723 1.00 16.57 ? 221 HOH A O   1 
HETATM 831 O  O   . HOH G 6 .  ? 10.385  -4.495  2.180   1.00 20.40 ? 222 HOH A O   1 
HETATM 832 O  O   . HOH G 6 .  ? -16.765 8.508   -10.587 1.00 16.14 ? 223 HOH A O   1 
HETATM 833 O  O   . HOH G 6 .  ? 12.881  -0.332  8.715   1.00 25.69 ? 224 HOH A O   1 
HETATM 834 O  O   . HOH G 6 .  ? 0.648   13.386  -6.947  1.00 18.89 ? 225 HOH A O   1 
HETATM 835 O  O   . HOH G 6 .  ? 9.002   7.318   4.643   1.00 20.39 ? 226 HOH A O   1 
HETATM 836 O  O   . HOH G 6 .  ? -8.782  -18.589 -7.496  1.00 31.78 ? 227 HOH A O   1 
HETATM 837 O  O   . HOH G 6 .  ? -11.265 -20.113 -9.502  1.00 20.19 ? 228 HOH A O   1 
HETATM 838 O  O   . HOH G 6 .  ? -8.620  3.316   -9.219  1.00 13.27 ? 229 HOH A O   1 
HETATM 839 O  O   . HOH G 6 .  ? -9.899  -9.067  -7.446  1.00 11.69 ? 230 HOH A O   1 
HETATM 840 O  O   . HOH G 6 .  ? 1.994   -3.833  11.995  1.00 19.02 ? 231 HOH A O   1 
HETATM 841 O  O   . HOH G 6 .  ? -10.598 -1.428  -13.345 1.00 26.55 ? 232 HOH A O   1 
HETATM 842 O  O   . HOH G 6 .  ? 2.221   -17.561 -4.641  1.00 23.31 ? 233 HOH A O   1 
HETATM 843 O  O   . HOH G 6 .  ? -13.513 7.640   -4.180  1.00 19.70 ? 234 HOH A O   1 
HETATM 844 O  O   . HOH G 6 .  ? -1.859  11.418  -5.869  1.00 22.64 ? 235 HOH A O   1 
HETATM 845 O  O   . HOH G 6 .  ? -10.929 -2.274  1.039   1.00 15.68 ? 236 HOH A O   1 
HETATM 846 O  O   . HOH G 6 .  ? -8.847  0.296   6.245   1.00 23.44 ? 237 HOH A O   1 
HETATM 847 O  O   . HOH G 6 .  ? -11.770 -9.391  -5.250  1.00 10.53 ? 238 HOH A O   1 
HETATM 848 O  O   . HOH G 6 .  ? -17.579 -1.515  -3.378  1.00 37.82 ? 239 HOH A O   1 
HETATM 849 O  O   . HOH G 6 .  ? 5.126   14.145  8.453   1.00 28.90 ? 240 HOH A O   1 
HETATM 850 O  O   . HOH G 6 .  ? 6.553   2.897   -5.832  1.00 17.44 ? 241 HOH A O   1 
HETATM 851 O  O   . HOH G 6 .  ? -2.284  18.386  4.037   1.00 19.88 ? 242 HOH A O   1 
HETATM 852 O  O   . HOH G 6 .  ? -12.713 -20.745 -5.961  1.00 29.99 ? 243 HOH A O   1 
HETATM 853 O  O   . HOH G 6 .  ? -9.114  14.360  -4.598  1.00 28.86 ? 244 HOH A O   1 
HETATM 854 O  O   . HOH G 6 .  ? -9.133  -11.242 -9.106  1.00 12.42 ? 245 HOH A O   1 
HETATM 855 O  O   . HOH G 6 .  ? 8.013   7.213   1.324   1.00 13.87 ? 246 HOH A O   1 
HETATM 856 O  O   . HOH G 6 .  ? 8.777   11.566  0.532   1.00 24.33 ? 247 HOH A O   1 
HETATM 857 O  O   . HOH G 6 .  ? -16.146 -6.644  -9.771  1.00 29.94 ? 248 HOH A O   1 
HETATM 858 O  O   . HOH G 6 .  ? -12.562 1.572   3.532   1.00 18.53 ? 249 HOH A O   1 
HETATM 859 O  O   . HOH G 6 .  ? -3.253  -3.225  8.142   1.00 14.53 ? 250 HOH A O   1 
HETATM 860 O  O   . HOH G 6 .  ? -13.715 -7.408  0.880   1.00 21.29 ? 251 HOH A O   1 
HETATM 861 O  O   . HOH G 6 .  ? 12.645  2.666   -1.931  1.00 27.97 ? 252 HOH A O   1 
HETATM 862 O  O   . HOH G 6 .  ? 13.675  -3.816  9.581   1.00 34.65 ? 253 HOH A O   1 
HETATM 863 O  O   . HOH G 6 .  ? 1.477   -1.869  -11.307 1.00 17.87 ? 254 HOH A O   1 
HETATM 864 O  O   . HOH G 6 .  ? 3.566   16.166  3.401   1.00 35.85 ? 255 HOH A O   1 
HETATM 865 O  O   . HOH G 6 .  ? -14.434 -4.753  -0.787  1.00 19.41 ? 256 HOH A O   1 
HETATM 866 O  O   . HOH G 6 .  ? 7.434   0.586   12.195  1.00 21.17 ? 257 HOH A O   1 
HETATM 867 O  O   . HOH G 6 .  ? -13.245 -10.077 -13.787 1.00 32.69 ? 258 HOH A O   1 
HETATM 868 O  O   . HOH G 6 .  ? 9.153   3.195   -6.947  1.00 36.94 ? 259 HOH A O   1 
HETATM 869 O  O   . HOH G 6 .  ? -6.217  -1.657  6.596   1.00 36.12 ? 260 HOH A O   1 
HETATM 870 O  O   . HOH G 6 .  ? -12.521 -6.606  -6.455  1.00 16.84 ? 261 HOH A O   1 
HETATM 871 O  O   . HOH G 6 .  ? -9.718  5.374   -10.667 1.00 22.42 ? 262 HOH A O   1 
HETATM 872 O  O   . HOH G 6 .  ? 3.433   -5.960  -10.228 1.00 27.72 ? 263 HOH A O   1 
HETATM 873 O  O   . HOH G 6 .  ? 4.283   12.329  11.017  1.00 33.92 ? 264 HOH A O   1 
HETATM 874 O  O   . HOH G 6 .  ? 10.935  -1.482  9.923   1.00 34.94 ? 265 HOH A O   1 
HETATM 875 O  O   . HOH G 6 .  ? 3.613   3.041   -9.757  1.00 21.25 ? 266 HOH A O   1 
HETATM 876 O  O   . HOH G 6 .  ? -6.742  8.533   -11.377 1.00 30.32 ? 267 HOH A O   1 
HETATM 877 O  O   . HOH G 6 .  ? -6.355  0.778   -14.314 1.00 36.66 ? 268 HOH A O   1 
HETATM 878 O  O   . HOH G 6 .  ? 9.770   -4.240  -4.920  1.00 23.31 ? 269 HOH A O   1 
HETATM 879 O  O   . HOH G 6 .  ? -16.580 9.245   -5.504  1.00 27.60 ? 270 HOH A O   1 
HETATM 880 O  O   . HOH G 6 .  ? -17.973 -1.922  -6.371  1.00 36.10 ? 271 HOH A O   1 
HETATM 881 O  O   . HOH G 6 .  ? -9.464  -4.201  3.972   1.00 19.32 ? 272 HOH A O   1 
HETATM 882 O  O   . HOH G 6 .  ? 10.561  8.473   -2.452  1.00 34.80 ? 273 HOH A O   1 
HETATM 883 O  O   . HOH G 6 .  ? 8.533   -3.202  -7.602  1.00 37.91 ? 274 HOH A O   1 
HETATM 884 O  O   . HOH G 6 .  ? 4.170   -15.258 -8.912  1.00 36.79 ? 275 HOH A O   1 
HETATM 885 O  O   . HOH G 6 .  ? 13.470  4.759   5.865   1.00 29.52 ? 276 HOH A O   1 
HETATM 886 O  O   . HOH G 6 .  ? -2.489  -0.558  8.268   1.00 13.72 ? 277 HOH A O   1 
HETATM 887 O  O   . HOH G 6 .  ? -13.445 -1.607  -0.132  1.00 22.53 ? 278 HOH A O   1 
HETATM 888 O  O   . HOH G 6 .  ? 15.765  1.822   10.355  1.00 37.56 ? 279 HOH A O   1 
HETATM 889 O  O   . HOH G 6 .  ? -4.711  -1.084  -12.986 1.00 33.96 ? 280 HOH A O   1 
HETATM 890 O  O   . HOH G 6 .  ? -19.663 1.099   -5.455  1.00 38.42 ? 281 HOH A O   1 
HETATM 891 O  O   . HOH G 6 .  ? 1.731   17.732  0.962   1.00 33.60 ? 282 HOH A O   1 
HETATM 892 O  O   . HOH G 6 .  ? 4.271   16.329  6.705   1.00 42.16 ? 283 HOH A O   1 
HETATM 893 O  O   . HOH G 6 .  ? -9.415  10.606  -5.081  1.00 38.62 ? 284 HOH A O   1 
HETATM 894 O  O   . HOH G 6 .  ? -15.980 -4.420  -8.060  1.00 38.74 ? 285 HOH A O   1 
HETATM 895 O  O   . HOH G 6 .  ? -8.617  -18.109 -5.220  1.00 35.91 ? 286 HOH A O   1 
HETATM 896 O  O   . HOH G 6 .  ? -6.764  6.125   -13.551 1.00 36.11 ? 287 HOH A O   1 
HETATM 897 O  O   . HOH G 6 .  ? -14.893 -0.060  0.270   1.00 25.32 ? 288 HOH A O   1 
HETATM 898 O  O   . HOH G 6 .  ? 14.627  0.189   -3.868  1.00 49.62 ? 289 HOH A O   1 
HETATM 899 O  O   . HOH G 6 .  ? -9.861  2.376   -12.705 1.00 35.70 ? 290 HOH A O   1 
HETATM 900 O  O   . HOH G 6 .  ? -9.921  -8.153  -15.272 1.00 29.70 ? 291 HOH A O   1 
HETATM 901 O  O   A HOH G 6 .  ? -0.256  -1.364  9.918   0.57 22.42 ? 292 HOH A O   1 
HETATM 902 O  O   B HOH G 6 .  ? -0.503  -2.629  10.486  0.43 17.28 ? 292 HOH A O   1 
HETATM 903 O  O   . HOH G 6 .  ? -2.860  -8.328  -15.680 1.00 40.73 ? 293 HOH A O   1 
HETATM 904 O  O   . HOH G 6 .  ? -5.233  -20.179 -6.049  1.00 38.49 ? 294 HOH A O   1 
HETATM 905 O  O   . HOH G 6 .  ? 0.147   2.816   -14.861 1.00 36.61 ? 295 HOH A O   1 
HETATM 906 O  O   . HOH G 6 .  ? 1.986   -7.423  -12.304 1.00 44.76 ? 296 HOH A O   1 
HETATM 907 O  O   . HOH G 6 .  ? -7.007  -3.542  -13.583 1.00 36.42 ? 297 HOH A O   1 
HETATM 908 O  O   . HOH G 6 .  ? -16.925 -4.485  -10.294 1.00 41.16 ? 298 HOH A O   1 
HETATM 909 O  O   . HOH G 6 .  ? -11.797 -1.537  3.826   1.00 24.85 ? 299 HOH A O   1 
HETATM 910 O  O   . HOH G 6 .  ? 2.031   -1.186  13.249  0.33 20.86 ? 300 HOH A O   1 
HETATM 911 O  O   . HOH G 6 .  ? 12.694  3.950   -4.374  1.00 41.83 ? 301 HOH A O   1 
HETATM 912 O  O   . HOH G 6 .  ? 5.904   3.137   -8.430  1.00 35.43 ? 302 HOH A O   1 
HETATM 913 O  O   . HOH G 6 .  ? 10.324  -7.844  2.737   1.00 37.71 ? 303 HOH A O   1 
HETATM 914 O  O   . HOH G 6 .  ? 6.298   15.413  -0.666  1.00 42.04 ? 304 HOH A O   1 
HETATM 915 O  O   . HOH G 6 .  ? -20.882 2.197   -7.478  1.00 38.86 ? 305 HOH A O   1 
HETATM 916 O  O   . HOH G 6 .  ? 4.346   -0.993  14.438  0.33 24.03 ? 306 HOH A O   1 
HETATM 917 O  O   . HOH G 6 .  ? -11.755 -17.400 0.073   1.00 36.35 ? 307 HOH A O   1 
HETATM 918 O  O   . HOH G 6 .  ? 12.945  -4.482  1.139   1.00 46.04 ? 308 HOH A O   1 
HETATM 919 O  O   . HOH G 6 .  ? 4.621   14.276  1.304   1.00 23.98 ? 309 HOH A O   1 
HETATM 920 O  O   . HOH G 6 .  ? 9.829   9.056   0.355   1.00 23.68 ? 310 HOH A O   1 
HETATM 921 O  O   . HOH G 6 .  ? 11.735  9.304   2.519   1.00 35.16 ? 311 HOH A O   1 
HETATM 922 O  O   . HOH G 6 .  ? 10.809  11.071  4.176   1.00 34.32 ? 312 HOH A O   1 
HETATM 923 O  O   . HOH G 6 .  ? -8.600  -5.010  -12.806 1.00 34.97 ? 313 HOH A O   1 
HETATM 924 O  O   . HOH G 6 .  ? 2.218   0.829   -11.547 1.00 21.65 ? 314 HOH A O   1 
HETATM 925 O  O   . HOH G 6 .  ? 6.696   9.963   -7.679  1.00 26.59 ? 315 HOH A O   1 
HETATM 926 O  O   . HOH G 6 .  ? 3.801   -3.027  -12.570 1.00 33.24 ? 316 HOH A O   1 
HETATM 927 O  O   . HOH G 6 .  ? -8.254  -5.127  -14.988 1.00 38.32 ? 317 HOH A O   1 
# 
